data_2OIX
# 
_entry.id   2OIX 
# 
_audit_conform.dict_name       mmcif_pdbx.dic 
_audit_conform.dict_version    5.377 
_audit_conform.dict_location   http://mmcif.pdb.org/dictionaries/ascii/mmcif_pdbx.dic 
# 
loop_
_database_2.database_id 
_database_2.database_code 
_database_2.pdbx_database_accession 
_database_2.pdbx_DOI 
PDB   2OIX         pdb_00002oix 10.2210/pdb2oix/pdb 
RCSB  RCSB041192   ?            ?                   
WWPDB D_1000041192 ?            ?                   
# 
_pdbx_database_related.db_name        PDB 
_pdbx_database_related.db_id          2OIV 
_pdbx_database_related.details        'Wild type protein.' 
_pdbx_database_related.content_type   unspecified 
# 
_pdbx_database_status.status_code                     REL 
_pdbx_database_status.entry_id                        2OIX 
_pdbx_database_status.recvd_initial_deposition_date   2007-01-11 
_pdbx_database_status.deposit_site                    RCSB 
_pdbx_database_status.process_site                    RCSB 
_pdbx_database_status.status_code_sf                  REL 
_pdbx_database_status.status_code_mr                  ? 
_pdbx_database_status.SG_entry                        ? 
_pdbx_database_status.pdb_format_compatible           Y 
_pdbx_database_status.status_code_cs                  ? 
_pdbx_database_status.status_code_nmr_data            ? 
_pdbx_database_status.methods_development_category    ? 
# 
loop_
_audit_author.name 
_audit_author.pdbx_ordinal 
'Chosed, R.'      1 
'Tomchick, D.R.'  2 
'Brautigam, C.A.' 3 
'Machius, M.'     4 
'Orth, K.'        5 
# 
loop_
_citation.id 
_citation.title 
_citation.journal_abbrev 
_citation.journal_volume 
_citation.page_first 
_citation.page_last 
_citation.year 
_citation.journal_id_ASTM 
_citation.country 
_citation.journal_id_ISSN 
_citation.journal_id_CSD 
_citation.book_publisher 
_citation.pdbx_database_id_PubMed 
_citation.pdbx_database_id_DOI 
primary 
'Structural analysis of Xanthomonas XopD provides insights into substrate specificity of ubiquitin-like protein proteases.' 
J.Biol.Chem.   282 6773 6782 2007 JBCHA3 US 0021-9258 0071 ? 17204475 10.1074/jbc.M608730200 
1       'Evolution of a signalling system that incorporates both redundancy and diversity: Arabidopsis SUMOylation.' Biochem.J. 
398 521  529  2006 BIJOAK UK 0264-6021 0043 ? ?        ?                      
2       'Xanthomonas type III effector XopD targets SUMO-conjugated proteins in planta.' Mol.Microbiol. 50  377  389  2003 MOMIEE 
UK 0950-382X 2007 ? ?        ?                      
3       
;Ulp1-SUMO Crystal Structure and Genetic Analysis 
Reveal Conserved Interactions and a Regulatory 
Element Essential for Cell Growth in Yeast
;
Mol.Cell       5   865  876  2000 MOCEFL US 1097-2765 2168 ? ?        ?                      
# 
loop_
_citation_author.citation_id 
_citation_author.name 
_citation_author.ordinal 
_citation_author.identifier_ORCID 
primary 'Chosed, R.'      1  ? 
primary 'Tomchick, D.R.'  2  ? 
primary 'Brautigam, C.A.' 3  ? 
primary 'Mukherjee, S.'   4  ? 
primary 'Negi, V.S.'      5  ? 
primary 'Machius, M.'     6  ? 
primary 'Orth, K.'        7  ? 
1       'Chosed, R.'      8  ? 
1       'Mukherjee, S.'   9  ? 
1       'Lois, L.M.'      10 ? 
1       'Orth, K.'        11 ? 
2       'Hotson, A.'      12 ? 
2       'Chosed, R.'      13 ? 
2       'Shu, H.'         14 ? 
2       'Orth, K.'        15 ? 
2       'Mudgett, M.B.'   16 ? 
3       'Mossessova, E.'  17 ? 
3       'Lima, C.D.'      18 ? 
# 
_cell.entry_id           2OIX 
_cell.length_a           91.953 
_cell.length_b           91.953 
_cell.length_c           45.013 
_cell.angle_alpha        90.00 
_cell.angle_beta         90.00 
_cell.angle_gamma        90.00 
_cell.Z_PDB              8 
_cell.pdbx_unique_axis   ? 
_cell.length_a_esd       ? 
_cell.length_b_esd       ? 
_cell.length_c_esd       ? 
_cell.angle_alpha_esd    ? 
_cell.angle_beta_esd     ? 
_cell.angle_gamma_esd    ? 
# 
_symmetry.entry_id                         2OIX 
_symmetry.space_group_name_H-M             'P 41 21 2' 
_symmetry.pdbx_full_space_group_name_H-M   ? 
_symmetry.cell_setting                     ? 
_symmetry.Int_Tables_number                92 
_symmetry.space_group_name_Hall            ? 
# 
loop_
_entity.id 
_entity.type 
_entity.src_method 
_entity.pdbx_description 
_entity.formula_weight 
_entity.pdbx_number_of_molecules 
_entity.pdbx_ec 
_entity.pdbx_mutation 
_entity.pdbx_fragment 
_entity.details 
1 polymer man 'Xanthomonas outer protein D' 20731.051 1  ? C470A 'catalytic fragment, inactive mutant (Residues 335-520)' ? 
2 water   nat water                         18.015    91 ? ?     ?                                                        ? 
# 
_entity_poly.entity_id                      1 
_entity_poly.type                           'polypeptide(L)' 
_entity_poly.nstd_linkage                   no 
_entity_poly.nstd_monomer                   no 
_entity_poly.pdbx_seq_one_letter_code       
;ATSWLLDGHLRAYTDDLARRLRGEPNAHLLHFADSQVVTMLSSADPDQQARAQRLLAGDDIPPIVFLPINQPNAHWSLLV
VDRRNKDAVAAYHYDSMAQKDPQQRYLADMAAYHLGLDYQQTHEMPIAIQSDGYSAGDHVLTGIEVLAHRVLDGTFDYAG
GRDLTDIEPDRGLIRDRLAQAEQAPA
;
_entity_poly.pdbx_seq_one_letter_code_can   
;ATSWLLDGHLRAYTDDLARRLRGEPNAHLLHFADSQVVTMLSSADPDQQARAQRLLAGDDIPPIVFLPINQPNAHWSLLV
VDRRNKDAVAAYHYDSMAQKDPQQRYLADMAAYHLGLDYQQTHEMPIAIQSDGYSAGDHVLTGIEVLAHRVLDGTFDYAG
GRDLTDIEPDRGLIRDRLAQAEQAPA
;
_entity_poly.pdbx_strand_id                 A 
_entity_poly.pdbx_target_identifier         ? 
# 
loop_
_entity_poly_seq.entity_id 
_entity_poly_seq.num 
_entity_poly_seq.mon_id 
_entity_poly_seq.hetero 
1 1   ALA n 
1 2   THR n 
1 3   SER n 
1 4   TRP n 
1 5   LEU n 
1 6   LEU n 
1 7   ASP n 
1 8   GLY n 
1 9   HIS n 
1 10  LEU n 
1 11  ARG n 
1 12  ALA n 
1 13  TYR n 
1 14  THR n 
1 15  ASP n 
1 16  ASP n 
1 17  LEU n 
1 18  ALA n 
1 19  ARG n 
1 20  ARG n 
1 21  LEU n 
1 22  ARG n 
1 23  GLY n 
1 24  GLU n 
1 25  PRO n 
1 26  ASN n 
1 27  ALA n 
1 28  HIS n 
1 29  LEU n 
1 30  LEU n 
1 31  HIS n 
1 32  PHE n 
1 33  ALA n 
1 34  ASP n 
1 35  SER n 
1 36  GLN n 
1 37  VAL n 
1 38  VAL n 
1 39  THR n 
1 40  MET n 
1 41  LEU n 
1 42  SER n 
1 43  SER n 
1 44  ALA n 
1 45  ASP n 
1 46  PRO n 
1 47  ASP n 
1 48  GLN n 
1 49  GLN n 
1 50  ALA n 
1 51  ARG n 
1 52  ALA n 
1 53  GLN n 
1 54  ARG n 
1 55  LEU n 
1 56  LEU n 
1 57  ALA n 
1 58  GLY n 
1 59  ASP n 
1 60  ASP n 
1 61  ILE n 
1 62  PRO n 
1 63  PRO n 
1 64  ILE n 
1 65  VAL n 
1 66  PHE n 
1 67  LEU n 
1 68  PRO n 
1 69  ILE n 
1 70  ASN n 
1 71  GLN n 
1 72  PRO n 
1 73  ASN n 
1 74  ALA n 
1 75  HIS n 
1 76  TRP n 
1 77  SER n 
1 78  LEU n 
1 79  LEU n 
1 80  VAL n 
1 81  VAL n 
1 82  ASP n 
1 83  ARG n 
1 84  ARG n 
1 85  ASN n 
1 86  LYS n 
1 87  ASP n 
1 88  ALA n 
1 89  VAL n 
1 90  ALA n 
1 91  ALA n 
1 92  TYR n 
1 93  HIS n 
1 94  TYR n 
1 95  ASP n 
1 96  SER n 
1 97  MET n 
1 98  ALA n 
1 99  GLN n 
1 100 LYS n 
1 101 ASP n 
1 102 PRO n 
1 103 GLN n 
1 104 GLN n 
1 105 ARG n 
1 106 TYR n 
1 107 LEU n 
1 108 ALA n 
1 109 ASP n 
1 110 MET n 
1 111 ALA n 
1 112 ALA n 
1 113 TYR n 
1 114 HIS n 
1 115 LEU n 
1 116 GLY n 
1 117 LEU n 
1 118 ASP n 
1 119 TYR n 
1 120 GLN n 
1 121 GLN n 
1 122 THR n 
1 123 HIS n 
1 124 GLU n 
1 125 MET n 
1 126 PRO n 
1 127 ILE n 
1 128 ALA n 
1 129 ILE n 
1 130 GLN n 
1 131 SER n 
1 132 ASP n 
1 133 GLY n 
1 134 TYR n 
1 135 SER n 
1 136 ALA n 
1 137 GLY n 
1 138 ASP n 
1 139 HIS n 
1 140 VAL n 
1 141 LEU n 
1 142 THR n 
1 143 GLY n 
1 144 ILE n 
1 145 GLU n 
1 146 VAL n 
1 147 LEU n 
1 148 ALA n 
1 149 HIS n 
1 150 ARG n 
1 151 VAL n 
1 152 LEU n 
1 153 ASP n 
1 154 GLY n 
1 155 THR n 
1 156 PHE n 
1 157 ASP n 
1 158 TYR n 
1 159 ALA n 
1 160 GLY n 
1 161 GLY n 
1 162 ARG n 
1 163 ASP n 
1 164 LEU n 
1 165 THR n 
1 166 ASP n 
1 167 ILE n 
1 168 GLU n 
1 169 PRO n 
1 170 ASP n 
1 171 ARG n 
1 172 GLY n 
1 173 LEU n 
1 174 ILE n 
1 175 ARG n 
1 176 ASP n 
1 177 ARG n 
1 178 LEU n 
1 179 ALA n 
1 180 GLN n 
1 181 ALA n 
1 182 GLU n 
1 183 GLN n 
1 184 ALA n 
1 185 PRO n 
1 186 ALA n 
# 
_entity_src_gen.entity_id                          1 
_entity_src_gen.pdbx_src_id                        1 
_entity_src_gen.pdbx_alt_source_flag               sample 
_entity_src_gen.pdbx_seq_type                      ? 
_entity_src_gen.pdbx_beg_seq_num                   ? 
_entity_src_gen.pdbx_end_seq_num                   ? 
_entity_src_gen.gene_src_common_name               ? 
_entity_src_gen.gene_src_genus                     Xanthomonas 
_entity_src_gen.pdbx_gene_src_gene                 xopD 
_entity_src_gen.gene_src_species                   ? 
_entity_src_gen.gene_src_strain                    ? 
_entity_src_gen.gene_src_tissue                    ? 
_entity_src_gen.gene_src_tissue_fraction           ? 
_entity_src_gen.gene_src_details                   ? 
_entity_src_gen.pdbx_gene_src_fragment             ? 
_entity_src_gen.pdbx_gene_src_scientific_name      'Xanthomonas euvesicatoria' 
_entity_src_gen.pdbx_gene_src_ncbi_taxonomy_id     456327 
_entity_src_gen.pdbx_gene_src_variant              ? 
_entity_src_gen.pdbx_gene_src_cell_line            ? 
_entity_src_gen.pdbx_gene_src_atcc                 ? 
_entity_src_gen.pdbx_gene_src_organ                ? 
_entity_src_gen.pdbx_gene_src_organelle            ? 
_entity_src_gen.pdbx_gene_src_cell                 ? 
_entity_src_gen.pdbx_gene_src_cellular_location    ? 
_entity_src_gen.host_org_common_name               ? 
_entity_src_gen.pdbx_host_org_scientific_name      'Escherichia coli BL21(DE3)' 
_entity_src_gen.pdbx_host_org_ncbi_taxonomy_id     469008 
_entity_src_gen.host_org_genus                     Escherichia 
_entity_src_gen.pdbx_host_org_gene                 ? 
_entity_src_gen.pdbx_host_org_organ                ? 
_entity_src_gen.host_org_species                   'Escherichia coli' 
_entity_src_gen.pdbx_host_org_tissue               ? 
_entity_src_gen.pdbx_host_org_tissue_fraction      ? 
_entity_src_gen.pdbx_host_org_strain               BL21/DE3 
_entity_src_gen.pdbx_host_org_variant              ? 
_entity_src_gen.pdbx_host_org_cell_line            ? 
_entity_src_gen.pdbx_host_org_atcc                 ? 
_entity_src_gen.pdbx_host_org_culture_collection   ? 
_entity_src_gen.pdbx_host_org_cell                 ? 
_entity_src_gen.pdbx_host_org_organelle            ? 
_entity_src_gen.pdbx_host_org_cellular_location    ? 
_entity_src_gen.pdbx_host_org_vector_type          Plasmid 
_entity_src_gen.pdbx_host_org_vector               ? 
_entity_src_gen.host_org_details                   ? 
_entity_src_gen.expression_system_id               ? 
_entity_src_gen.plasmid_name                       pGEX-rTEV 
_entity_src_gen.plasmid_details                    ? 
_entity_src_gen.pdbx_description                   ? 
# 
_struct_ref.id                         1 
_struct_ref.db_name                    UNP 
_struct_ref.db_code                    Q3BYJ5_XANC5 
_struct_ref.pdbx_db_accession          Q3BYJ5 
_struct_ref.entity_id                  1 
_struct_ref.pdbx_seq_one_letter_code   
;ATSWLLDGHLRAYTDDLARRLRGEPNAHLLHFADSQVVTMLSSADPDQQARAQRLLAGDDIPPIVFLPINQPNAHWSLLV
VDRRNKDAVAAYHYDSMAQKDPQQRYLADMAAYHLGLDYQQTHEMPIAIQSDGYSCGDHVLTGIEVLAHRVLDGTFDYAG
GRDLTDIEPDRGLIRDRLAQAEQAPA
;
_struct_ref.pdbx_align_begin           335 
_struct_ref.pdbx_db_isoform            ? 
# 
_struct_ref_seq.align_id                      1 
_struct_ref_seq.ref_id                        1 
_struct_ref_seq.pdbx_PDB_id_code              2OIX 
_struct_ref_seq.pdbx_strand_id                A 
_struct_ref_seq.seq_align_beg                 1 
_struct_ref_seq.pdbx_seq_align_beg_ins_code   ? 
_struct_ref_seq.seq_align_end                 186 
_struct_ref_seq.pdbx_seq_align_end_ins_code   ? 
_struct_ref_seq.pdbx_db_accession             Q3BYJ5 
_struct_ref_seq.db_align_beg                  335 
_struct_ref_seq.pdbx_db_align_beg_ins_code    ? 
_struct_ref_seq.db_align_end                  520 
_struct_ref_seq.pdbx_db_align_end_ins_code    ? 
_struct_ref_seq.pdbx_auth_seq_align_beg       335 
_struct_ref_seq.pdbx_auth_seq_align_end       520 
# 
_struct_ref_seq_dif.align_id                     1 
_struct_ref_seq_dif.pdbx_pdb_id_code             2OIX 
_struct_ref_seq_dif.mon_id                       ALA 
_struct_ref_seq_dif.pdbx_pdb_strand_id           A 
_struct_ref_seq_dif.seq_num                      136 
_struct_ref_seq_dif.pdbx_pdb_ins_code            ? 
_struct_ref_seq_dif.pdbx_seq_db_name             UNP 
_struct_ref_seq_dif.pdbx_seq_db_accession_code   Q3BYJ5 
_struct_ref_seq_dif.db_mon_id                    CYS 
_struct_ref_seq_dif.pdbx_seq_db_seq_num          470 
_struct_ref_seq_dif.details                      'engineered mutation' 
_struct_ref_seq_dif.pdbx_auth_seq_num            470 
_struct_ref_seq_dif.pdbx_ordinal                 1 
# 
loop_
_chem_comp.id 
_chem_comp.type 
_chem_comp.mon_nstd_flag 
_chem_comp.name 
_chem_comp.pdbx_synonyms 
_chem_comp.formula 
_chem_comp.formula_weight 
ALA 'L-peptide linking' y ALANINE         ? 'C3 H7 N O2'     89.093  
ARG 'L-peptide linking' y ARGININE        ? 'C6 H15 N4 O2 1' 175.209 
ASN 'L-peptide linking' y ASPARAGINE      ? 'C4 H8 N2 O3'    132.118 
ASP 'L-peptide linking' y 'ASPARTIC ACID' ? 'C4 H7 N O4'     133.103 
CYS 'L-peptide linking' y CYSTEINE        ? 'C3 H7 N O2 S'   121.158 
GLN 'L-peptide linking' y GLUTAMINE       ? 'C5 H10 N2 O3'   146.144 
GLU 'L-peptide linking' y 'GLUTAMIC ACID' ? 'C5 H9 N O4'     147.129 
GLY 'peptide linking'   y GLYCINE         ? 'C2 H5 N O2'     75.067  
HIS 'L-peptide linking' y HISTIDINE       ? 'C6 H10 N3 O2 1' 156.162 
HOH non-polymer         . WATER           ? 'H2 O'           18.015  
ILE 'L-peptide linking' y ISOLEUCINE      ? 'C6 H13 N O2'    131.173 
LEU 'L-peptide linking' y LEUCINE         ? 'C6 H13 N O2'    131.173 
LYS 'L-peptide linking' y LYSINE          ? 'C6 H15 N2 O2 1' 147.195 
MET 'L-peptide linking' y METHIONINE      ? 'C5 H11 N O2 S'  149.211 
PHE 'L-peptide linking' y PHENYLALANINE   ? 'C9 H11 N O2'    165.189 
PRO 'L-peptide linking' y PROLINE         ? 'C5 H9 N O2'     115.130 
SER 'L-peptide linking' y SERINE          ? 'C3 H7 N O3'     105.093 
THR 'L-peptide linking' y THREONINE       ? 'C4 H9 N O3'     119.119 
TRP 'L-peptide linking' y TRYPTOPHAN      ? 'C11 H12 N2 O2'  204.225 
TYR 'L-peptide linking' y TYROSINE        ? 'C9 H11 N O3'    181.189 
VAL 'L-peptide linking' y VALINE          ? 'C5 H11 N O2'    117.146 
# 
_exptl.entry_id          2OIX 
_exptl.method            'X-RAY DIFFRACTION' 
_exptl.crystals_number   1 
# 
_exptl_crystal.id                    1 
_exptl_crystal.density_meas          ? 
_exptl_crystal.density_Matthews      2.29 
_exptl_crystal.density_percent_sol   46.38 
_exptl_crystal.description           ? 
_exptl_crystal.F_000                 ? 
_exptl_crystal.preparation           ? 
# 
_exptl_crystal_grow.crystal_id      1 
_exptl_crystal_grow.method          'VAPOR DIFFUSION, HANGING DROP' 
_exptl_crystal_grow.temp            298.0 
_exptl_crystal_grow.temp_details    ? 
_exptl_crystal_grow.pH              7.5 
_exptl_crystal_grow.pdbx_details    
;15 mg/mL protein in 20 mM Tris-HCl pH 7.5, 75 mM KCl, and 0.5 mM DTT and 1.4 - 1.6 M sodium potassium phosphate, pH 7.5, VAPOR DIFFUSION, HANGING DROP, temperature 298.0K
;
_exptl_crystal_grow.pdbx_pH_range   . 
# 
_diffrn.id                     1 
_diffrn.ambient_temp           100 
_diffrn.ambient_temp_details   ? 
_diffrn.crystal_id             1 
# 
_diffrn_detector.diffrn_id              1 
_diffrn_detector.detector               CCD 
_diffrn_detector.type                   SBC-3 
_diffrn_detector.pdbx_collection_date   2005-10-24 
_diffrn_detector.details                None 
# 
_diffrn_radiation.diffrn_id                        1 
_diffrn_radiation.wavelength_id                    1 
_diffrn_radiation.pdbx_monochromatic_or_laue_m_l   M 
_diffrn_radiation.monochromator                    'SAGITALLY FOCUSED Si(111)' 
_diffrn_radiation.pdbx_diffrn_protocol             'SINGLE WAVELENGTH' 
_diffrn_radiation.pdbx_scattering_type             x-ray 
# 
_diffrn_radiation_wavelength.id           1 
_diffrn_radiation_wavelength.wavelength   0.97905 
_diffrn_radiation_wavelength.wt           1.0 
# 
_diffrn_source.diffrn_id                   1 
_diffrn_source.source                      SYNCHROTRON 
_diffrn_source.type                        'APS BEAMLINE 19-BM' 
_diffrn_source.pdbx_synchrotron_site       APS 
_diffrn_source.pdbx_synchrotron_beamline   19-BM 
_diffrn_source.pdbx_wavelength             ? 
_diffrn_source.pdbx_wavelength_list        0.97905 
# 
_reflns.entry_id                     2OIX 
_reflns.observed_criterion_sigma_F   0 
_reflns.observed_criterion_sigma_I   0 
_reflns.d_resolution_high            1.80 
_reflns.d_resolution_low             25.33 
_reflns.number_all                   17346 
_reflns.number_obs                   17346 
_reflns.percent_possible_obs         94.2 
_reflns.pdbx_Rmerge_I_obs            0.075 
_reflns.pdbx_Rsym_value              ? 
_reflns.pdbx_netI_over_sigmaI        30.6 
_reflns.B_iso_Wilson_estimate        30.5 
_reflns.pdbx_redundancy              7.6 
_reflns.R_free_details               ? 
_reflns.limit_h_max                  ? 
_reflns.limit_h_min                  ? 
_reflns.limit_k_max                  ? 
_reflns.limit_k_min                  ? 
_reflns.limit_l_max                  ? 
_reflns.limit_l_min                  ? 
_reflns.observed_criterion_F_max     ? 
_reflns.observed_criterion_F_min     ? 
_reflns.pdbx_chi_squared             ? 
_reflns.pdbx_scaling_rejects         ? 
_reflns.pdbx_ordinal                 1 
_reflns.pdbx_diffrn_id               1 
# 
_reflns_shell.d_res_high             1.80 
_reflns_shell.d_res_low              1.84 
_reflns_shell.percent_possible_all   77.4 
_reflns_shell.Rmerge_I_obs           0.58 
_reflns_shell.pdbx_Rsym_value        ? 
_reflns_shell.meanI_over_sigI_obs    1.95 
_reflns_shell.pdbx_redundancy        3.1 
_reflns_shell.percent_possible_obs   ? 
_reflns_shell.number_unique_all      ? 
_reflns_shell.number_measured_all    ? 
_reflns_shell.number_measured_obs    ? 
_reflns_shell.number_unique_obs      ? 
_reflns_shell.pdbx_chi_squared       ? 
_reflns_shell.pdbx_ordinal           1 
_reflns_shell.pdbx_diffrn_id         1 
# 
_refine.entry_id                                 2OIX 
_refine.ls_number_reflns_obs                     16804 
_refine.ls_number_reflns_all                     17317 
_refine.pdbx_ls_sigma_I                          0 
_refine.pdbx_ls_sigma_F                          0 
_refine.pdbx_data_cutoff_high_absF               ? 
_refine.pdbx_data_cutoff_low_absF                ? 
_refine.pdbx_data_cutoff_high_rms_absF           ? 
_refine.ls_d_res_low                             25.33 
_refine.ls_d_res_high                            1.80 
_refine.ls_percent_reflns_obs                    100.00 
_refine.ls_R_factor_obs                          0.21191 
_refine.ls_R_factor_all                          0.21191 
_refine.ls_R_factor_R_work                       0.21047 
_refine.ls_R_factor_R_free                       0.25903 
_refine.ls_R_factor_R_free_error                 ? 
_refine.ls_R_factor_R_free_error_details         ? 
_refine.ls_percent_reflns_R_free                 3.0 
_refine.ls_number_reflns_R_free                  513 
_refine.ls_number_parameters                     ? 
_refine.ls_number_restraints                     ? 
_refine.occupancy_min                            ? 
_refine.occupancy_max                            ? 
_refine.correlation_coeff_Fo_to_Fc               0.953 
_refine.correlation_coeff_Fo_to_Fc_free          0.929 
_refine.B_iso_mean                               33.158 
_refine.aniso_B[1][1]                            -1.75 
_refine.aniso_B[2][2]                            -1.75 
_refine.aniso_B[3][3]                            3.50 
_refine.aniso_B[1][2]                            0.00 
_refine.aniso_B[1][3]                            0.00 
_refine.aniso_B[2][3]                            0.00 
_refine.solvent_model_details                    'BABINET MODEL WITH MASK' 
_refine.solvent_model_param_ksol                 ? 
_refine.solvent_model_param_bsol                 ? 
_refine.pdbx_solvent_vdw_probe_radii             1.40 
_refine.pdbx_solvent_ion_probe_radii             0.80 
_refine.pdbx_solvent_shrinkage_radii             0.80 
_refine.pdbx_ls_cross_valid_method               THROUGHOUT 
_refine.details                                  'HYDROGENS HAVE BEEN ADDED IN THE RIDING POSITIONS' 
_refine.pdbx_starting_model                      2OIV 
_refine.pdbx_method_to_determine_struct          'FOURIER SYNTHESIS' 
_refine.pdbx_isotropic_thermal_model             isotropic 
_refine.pdbx_stereochemistry_target_values       'MAXIMUM LIKELIHOOD' 
_refine.pdbx_stereochem_target_val_spec_case     ? 
_refine.pdbx_R_Free_selection_details            RANDOM 
_refine.pdbx_overall_ESU_R                       0.143 
_refine.pdbx_overall_ESU_R_Free                  0.141 
_refine.overall_SU_ML                            0.120 
_refine.overall_SU_B                             7.850 
_refine.ls_redundancy_reflns_obs                 ? 
_refine.B_iso_min                                ? 
_refine.B_iso_max                                ? 
_refine.overall_SU_R_Cruickshank_DPI             ? 
_refine.overall_SU_R_free                        ? 
_refine.ls_wR_factor_R_free                      ? 
_refine.ls_wR_factor_R_work                      ? 
_refine.overall_FOM_free_R_set                   ? 
_refine.overall_FOM_work_R_set                   ? 
_refine.pdbx_refine_id                           'X-RAY DIFFRACTION' 
_refine.pdbx_TLS_residual_ADP_flag               'LIKELY RESIDUAL' 
_refine.pdbx_diffrn_id                           1 
_refine.pdbx_overall_phase_error                 ? 
_refine.pdbx_overall_SU_R_free_Cruickshank_DPI   ? 
_refine.pdbx_overall_SU_R_Blow_DPI               ? 
_refine.pdbx_overall_SU_R_free_Blow_DPI          ? 
# 
_refine_analyze.entry_id                        2OIX 
_refine_analyze.Luzzati_coordinate_error_obs    0.148 
_refine_analyze.Luzzati_sigma_a_obs             ? 
_refine_analyze.Luzzati_d_res_low_obs           ? 
_refine_analyze.Luzzati_coordinate_error_free   0.140 
_refine_analyze.Luzzati_sigma_a_free            ? 
_refine_analyze.Luzzati_d_res_low_free          ? 
_refine_analyze.number_disordered_residues      ? 
_refine_analyze.occupancy_sum_non_hydrogen      ? 
_refine_analyze.occupancy_sum_hydrogen          ? 
_refine_analyze.pdbx_Luzzati_d_res_high_obs     ? 
_refine_analyze.pdbx_refine_id                  'X-RAY DIFFRACTION' 
# 
_refine_hist.pdbx_refine_id                   'X-RAY DIFFRACTION' 
_refine_hist.cycle_id                         LAST 
_refine_hist.pdbx_number_atoms_protein        1408 
_refine_hist.pdbx_number_atoms_nucleic_acid   0 
_refine_hist.pdbx_number_atoms_ligand         0 
_refine_hist.number_atoms_solvent             91 
_refine_hist.number_atoms_total               1499 
_refine_hist.d_res_high                       1.80 
_refine_hist.d_res_low                        25.33 
# 
loop_
_refine_ls_restr.type 
_refine_ls_restr.dev_ideal 
_refine_ls_restr.dev_ideal_target 
_refine_ls_restr.weight 
_refine_ls_restr.number 
_refine_ls_restr.pdbx_refine_id 
_refine_ls_restr.pdbx_restraint_function 
r_bond_refined_d             0.016  0.021  ? 1439 'X-RAY DIFFRACTION' ? 
r_bond_other_d               ?      ?      ? ?    'X-RAY DIFFRACTION' ? 
r_angle_refined_deg          1.574  1.948  ? 1958 'X-RAY DIFFRACTION' ? 
r_angle_other_deg            ?      ?      ? ?    'X-RAY DIFFRACTION' ? 
r_dihedral_angle_1_deg       5.576  5.000  ? 176  'X-RAY DIFFRACTION' ? 
r_dihedral_angle_2_deg       35.339 23.506 ? 77   'X-RAY DIFFRACTION' ? 
r_dihedral_angle_3_deg       14.385 15.000 ? 225  'X-RAY DIFFRACTION' ? 
r_dihedral_angle_4_deg       20.876 15.000 ? 14   'X-RAY DIFFRACTION' ? 
r_chiral_restr               0.114  0.200  ? 214  'X-RAY DIFFRACTION' ? 
r_gen_planes_refined         0.007  0.020  ? 1133 'X-RAY DIFFRACTION' ? 
r_gen_planes_other           ?      ?      ? ?    'X-RAY DIFFRACTION' ? 
r_nbd_refined                0.200  0.200  ? 607  'X-RAY DIFFRACTION' ? 
r_nbd_other                  ?      ?      ? ?    'X-RAY DIFFRACTION' ? 
r_nbtor_refined              0.307  0.200  ? 954  'X-RAY DIFFRACTION' ? 
r_nbtor_other                ?      ?      ? ?    'X-RAY DIFFRACTION' ? 
r_xyhbond_nbd_refined        0.140  0.200  ? 90   'X-RAY DIFFRACTION' ? 
r_xyhbond_nbd_other          ?      ?      ? ?    'X-RAY DIFFRACTION' ? 
r_metal_ion_refined          ?      ?      ? ?    'X-RAY DIFFRACTION' ? 
r_metal_ion_other            ?      ?      ? ?    'X-RAY DIFFRACTION' ? 
r_symmetry_vdw_refined       0.187  0.200  ? 24   'X-RAY DIFFRACTION' ? 
r_symmetry_vdw_other         ?      ?      ? ?    'X-RAY DIFFRACTION' ? 
r_symmetry_hbond_refined     0.133  0.200  ? 3    'X-RAY DIFFRACTION' ? 
r_symmetry_hbond_other       ?      ?      ? ?    'X-RAY DIFFRACTION' ? 
r_symmetry_metal_ion_refined ?      ?      ? ?    'X-RAY DIFFRACTION' ? 
r_symmetry_metal_ion_other   ?      ?      ? ?    'X-RAY DIFFRACTION' ? 
r_mcbond_it                  1.084  1.500  ? 904  'X-RAY DIFFRACTION' ? 
r_mcbond_other               ?      ?      ? ?    'X-RAY DIFFRACTION' ? 
r_mcangle_it                 1.703  2.000  ? 1417 'X-RAY DIFFRACTION' ? 
r_scbond_it                  2.377  3.000  ? 597  'X-RAY DIFFRACTION' ? 
r_scangle_it                 3.468  4.500  ? 541  'X-RAY DIFFRACTION' ? 
r_rigid_bond_restr           ?      ?      ? ?    'X-RAY DIFFRACTION' ? 
r_sphericity_free            ?      ?      ? ?    'X-RAY DIFFRACTION' ? 
r_sphericity_bonded          ?      ?      ? ?    'X-RAY DIFFRACTION' ? 
# 
_refine_ls_shell.pdbx_total_number_of_bins_used   20 
_refine_ls_shell.d_res_high                       1.80 
_refine_ls_shell.d_res_low                        1.848 
_refine_ls_shell.number_reflns_R_work             987 
_refine_ls_shell.R_factor_R_work                  0.281 
_refine_ls_shell.percent_reflns_obs               100.00 
_refine_ls_shell.R_factor_R_free                  0.289 
_refine_ls_shell.R_factor_R_free_error            ? 
_refine_ls_shell.percent_reflns_R_free            ? 
_refine_ls_shell.number_reflns_R_free             28 
_refine_ls_shell.number_reflns_all                ? 
_refine_ls_shell.R_factor_all                     ? 
_refine_ls_shell.number_reflns_obs                ? 
_refine_ls_shell.redundancy_reflns_obs            ? 
_refine_ls_shell.pdbx_refine_id                   'X-RAY DIFFRACTION' 
# 
_struct.entry_id                  2OIX 
_struct.title                     'Xanthomonas XopD C470A Mutant' 
_struct.pdbx_model_details        ? 
_struct.pdbx_CASP_flag            ? 
_struct.pdbx_model_type_details   ? 
# 
_struct_keywords.entry_id        2OIX 
_struct_keywords.pdbx_keywords   HYDROLASE 
_struct_keywords.text            
;Clan CE Family 48 Cysteine protease, Type III secreted effector, deSUMOylating enzyme, secreted virulence facter, peptidase activity, isopeptidase activity, HYDROLASE
;
# 
loop_
_struct_asym.id 
_struct_asym.pdbx_blank_PDB_chainid_flag 
_struct_asym.pdbx_modified 
_struct_asym.entity_id 
_struct_asym.details 
A N N 1 ? 
B N N 2 ? 
# 
_struct_biol.id   1 
# 
loop_
_struct_conf.conf_type_id 
_struct_conf.id 
_struct_conf.pdbx_PDB_helix_id 
_struct_conf.beg_label_comp_id 
_struct_conf.beg_label_asym_id 
_struct_conf.beg_label_seq_id 
_struct_conf.pdbx_beg_PDB_ins_code 
_struct_conf.end_label_comp_id 
_struct_conf.end_label_asym_id 
_struct_conf.end_label_seq_id 
_struct_conf.pdbx_end_PDB_ins_code 
_struct_conf.beg_auth_comp_id 
_struct_conf.beg_auth_asym_id 
_struct_conf.beg_auth_seq_id 
_struct_conf.end_auth_comp_id 
_struct_conf.end_auth_asym_id 
_struct_conf.end_auth_seq_id 
_struct_conf.pdbx_PDB_helix_class 
_struct_conf.details 
_struct_conf.pdbx_PDB_helix_length 
HELX_P HELX_P1 1 LEU A 6   ? LEU A 21  ? LEU A 340 LEU A 355 1 ? 16 
HELX_P HELX_P2 2 ASN A 26  ? HIS A 28  ? ASN A 360 HIS A 362 5 ? 3  
HELX_P HELX_P3 3 ASP A 34  ? LEU A 41  ? ASP A 368 LEU A 375 1 ? 8  
HELX_P HELX_P4 4 ASP A 45  ? GLY A 58  ? ASP A 379 GLY A 392 1 ? 14 
HELX_P HELX_P5 5 ASP A 101 ? LEU A 115 ? ASP A 435 LEU A 449 1 ? 15 
HELX_P HELX_P6 6 ASP A 118 ? THR A 122 ? ASP A 452 THR A 456 5 ? 5  
HELX_P HELX_P7 7 SER A 135 ? ASP A 153 ? SER A 469 ASP A 487 1 ? 19 
HELX_P HELX_P8 8 ASP A 170 ? GLN A 180 ? ASP A 504 GLN A 514 1 ? 11 
# 
_struct_conf_type.id          HELX_P 
_struct_conf_type.criteria    ? 
_struct_conf_type.reference   ? 
# 
_struct_sheet.id               A 
_struct_sheet.type             ? 
_struct_sheet.number_strands   5 
_struct_sheet.details          ? 
# 
loop_
_struct_sheet_order.sheet_id 
_struct_sheet_order.range_id_1 
_struct_sheet_order.range_id_2 
_struct_sheet_order.offset 
_struct_sheet_order.sense 
A 1 2 ? parallel      
A 2 3 ? anti-parallel 
A 3 4 ? anti-parallel 
A 4 5 ? parallel      
# 
loop_
_struct_sheet_range.sheet_id 
_struct_sheet_range.id 
_struct_sheet_range.beg_label_comp_id 
_struct_sheet_range.beg_label_asym_id 
_struct_sheet_range.beg_label_seq_id 
_struct_sheet_range.pdbx_beg_PDB_ins_code 
_struct_sheet_range.end_label_comp_id 
_struct_sheet_range.end_label_asym_id 
_struct_sheet_range.end_label_seq_id 
_struct_sheet_range.pdbx_end_PDB_ins_code 
_struct_sheet_range.beg_auth_comp_id 
_struct_sheet_range.beg_auth_asym_id 
_struct_sheet_range.beg_auth_seq_id 
_struct_sheet_range.end_auth_comp_id 
_struct_sheet_range.end_auth_asym_id 
_struct_sheet_range.end_auth_seq_id 
A 1 LEU A 30  ? PHE A 32  ? LEU A 364 PHE A 366 
A 2 ILE A 64  ? GLN A 71  ? ILE A 398 GLN A 405 
A 3 HIS A 75  ? ASP A 82  ? HIS A 409 ASP A 416 
A 4 ALA A 90  ? TYR A 94  ? ALA A 424 TYR A 428 
A 5 HIS A 123 ? MET A 125 ? HIS A 457 MET A 459 
# 
loop_
_pdbx_struct_sheet_hbond.sheet_id 
_pdbx_struct_sheet_hbond.range_id_1 
_pdbx_struct_sheet_hbond.range_id_2 
_pdbx_struct_sheet_hbond.range_1_label_atom_id 
_pdbx_struct_sheet_hbond.range_1_label_comp_id 
_pdbx_struct_sheet_hbond.range_1_label_asym_id 
_pdbx_struct_sheet_hbond.range_1_label_seq_id 
_pdbx_struct_sheet_hbond.range_1_PDB_ins_code 
_pdbx_struct_sheet_hbond.range_1_auth_atom_id 
_pdbx_struct_sheet_hbond.range_1_auth_comp_id 
_pdbx_struct_sheet_hbond.range_1_auth_asym_id 
_pdbx_struct_sheet_hbond.range_1_auth_seq_id 
_pdbx_struct_sheet_hbond.range_2_label_atom_id 
_pdbx_struct_sheet_hbond.range_2_label_comp_id 
_pdbx_struct_sheet_hbond.range_2_label_asym_id 
_pdbx_struct_sheet_hbond.range_2_label_seq_id 
_pdbx_struct_sheet_hbond.range_2_PDB_ins_code 
_pdbx_struct_sheet_hbond.range_2_auth_atom_id 
_pdbx_struct_sheet_hbond.range_2_auth_comp_id 
_pdbx_struct_sheet_hbond.range_2_auth_asym_id 
_pdbx_struct_sheet_hbond.range_2_auth_seq_id 
A 1 2 N HIS A 31 ? N HIS A 365 O PHE A 66  ? O PHE A 400 
A 2 3 N LEU A 67 ? N LEU A 401 O LEU A 79  ? O LEU A 413 
A 3 4 N ASP A 82 ? N ASP A 416 O ALA A 90  ? O ALA A 424 
A 4 5 N HIS A 93 ? N HIS A 427 O HIS A 123 ? O HIS A 457 
# 
_atom_sites.entry_id                    2OIX 
_atom_sites.fract_transf_matrix[1][1]   -0.00197645 
_atom_sites.fract_transf_matrix[1][2]   0.00261804 
_atom_sites.fract_transf_matrix[1][3]   -0.01036847 
_atom_sites.fract_transf_matrix[2][1]   -0.00113245 
_atom_sites.fract_transf_matrix[2][2]   0.01043354 
_atom_sites.fract_transf_matrix[2][3]   0.00285033 
_atom_sites.fract_transf_matrix[3][1]   0.02172318 
_atom_sites.fract_transf_matrix[3][2]   0.00326392 
_atom_sites.fract_transf_matrix[3][3]   -0.00331676 
_atom_sites.fract_transf_vector[1]      -0.256403 
_atom_sites.fract_transf_vector[2]      0.492493 
_atom_sites.fract_transf_vector[3]      0.312182 
# 
loop_
_atom_type.symbol 
C 
N 
O 
S 
# 
loop_
_atom_site.group_PDB 
_atom_site.id 
_atom_site.type_symbol 
_atom_site.label_atom_id 
_atom_site.label_alt_id 
_atom_site.label_comp_id 
_atom_site.label_asym_id 
_atom_site.label_entity_id 
_atom_site.label_seq_id 
_atom_site.pdbx_PDB_ins_code 
_atom_site.Cartn_x 
_atom_site.Cartn_y 
_atom_site.Cartn_z 
_atom_site.occupancy 
_atom_site.B_iso_or_equiv 
_atom_site.pdbx_formal_charge 
_atom_site.auth_seq_id 
_atom_site.auth_comp_id 
_atom_site.auth_asym_id 
_atom_site.auth_atom_id 
_atom_site.pdbx_PDB_model_num 
ATOM   1    N N   . THR A 1 2   ? -16.188 -3.976  12.952  1.00 47.40 ? 336 THR A N   1 
ATOM   2    C CA  . THR A 1 2   ? -16.419 -4.705  14.241  1.00 48.09 ? 336 THR A CA  1 
ATOM   3    C C   . THR A 1 2   ? -15.211 -5.537  14.685  1.00 47.85 ? 336 THR A C   1 
ATOM   4    O O   . THR A 1 2   ? -14.988 -5.724  15.887  1.00 48.11 ? 336 THR A O   1 
ATOM   5    C CB  . THR A 1 2   ? -17.688 -5.604  14.193  1.00 48.13 ? 336 THR A CB  1 
ATOM   6    O OG1 . THR A 1 2   ? -17.896 -6.205  15.475  1.00 48.67 ? 336 THR A OG1 1 
ATOM   7    C CG2 . THR A 1 2   ? -17.561 -6.712  13.136  1.00 48.81 ? 336 THR A CG2 1 
ATOM   8    N N   . SER A 1 3   ? -14.460 -6.043  13.704  1.00 47.50 ? 337 SER A N   1 
ATOM   9    C CA  . SER A 1 3   ? -13.226 -6.780  13.932  1.00 47.10 ? 337 SER A CA  1 
ATOM   10   C C   . SER A 1 3   ? -12.148 -6.160  13.048  1.00 46.82 ? 337 SER A C   1 
ATOM   11   O O   . SER A 1 3   ? -12.461 -5.410  12.117  1.00 47.16 ? 337 SER A O   1 
ATOM   12   C CB  . SER A 1 3   ? -13.412 -8.260  13.578  1.00 47.11 ? 337 SER A CB  1 
ATOM   13   O OG  . SER A 1 3   ? -13.524 -8.450  12.169  1.00 47.35 ? 337 SER A OG  1 
ATOM   14   N N   . TRP A 1 4   ? -10.885 -6.470  13.322  1.00 45.93 ? 338 TRP A N   1 
ATOM   15   C CA  . TRP A 1 4   ? -9.811  -5.916  12.513  1.00 45.25 ? 338 TRP A CA  1 
ATOM   16   C C   . TRP A 1 4   ? -9.273  -6.902  11.479  1.00 44.61 ? 338 TRP A C   1 
ATOM   17   O O   . TRP A 1 4   ? -9.387  -8.121  11.644  1.00 43.77 ? 338 TRP A O   1 
ATOM   18   C CB  . TRP A 1 4   ? -8.703  -5.304  13.383  1.00 46.12 ? 338 TRP A CB  1 
ATOM   19   C CG  . TRP A 1 4   ? -7.908  -6.272  14.216  1.00 47.13 ? 338 TRP A CG  1 
ATOM   20   C CD1 . TRP A 1 4   ? -6.702  -6.854  13.887  1.00 48.52 ? 338 TRP A CD1 1 
ATOM   21   C CD2 . TRP A 1 4   ? -8.235  -6.752  15.532  1.00 47.99 ? 338 TRP A CD2 1 
ATOM   22   N NE1 . TRP A 1 4   ? -6.271  -7.666  14.919  1.00 48.73 ? 338 TRP A NE1 1 
ATOM   23   C CE2 . TRP A 1 4   ? -7.194  -7.628  15.933  1.00 47.95 ? 338 TRP A CE2 1 
ATOM   24   C CE3 . TRP A 1 4   ? -9.311  -6.535  16.408  1.00 47.87 ? 338 TRP A CE3 1 
ATOM   25   C CZ2 . TRP A 1 4   ? -7.198  -8.279  17.170  1.00 47.86 ? 338 TRP A CZ2 1 
ATOM   26   C CZ3 . TRP A 1 4   ? -9.313  -7.183  17.642  1.00 48.22 ? 338 TRP A CZ3 1 
ATOM   27   C CH2 . TRP A 1 4   ? -8.263  -8.048  18.008  1.00 47.81 ? 338 TRP A CH2 1 
ATOM   28   N N   . LEU A 1 5   ? -8.738  -6.355  10.393  1.00 43.11 ? 339 LEU A N   1 
ATOM   29   C CA  . LEU A 1 5   ? -8.134  -7.146  9.325   1.00 43.40 ? 339 LEU A CA  1 
ATOM   30   C C   . LEU A 1 5   ? -6.719  -7.583  9.695   1.00 42.21 ? 339 LEU A C   1 
ATOM   31   O O   . LEU A 1 5   ? -5.959  -6.794  10.256  1.00 42.21 ? 339 LEU A O   1 
ATOM   32   C CB  . LEU A 1 5   ? -8.101  -6.349  8.009   1.00 42.27 ? 339 LEU A CB  1 
ATOM   33   C CG  . LEU A 1 5   ? -9.430  -6.001  7.325   1.00 42.94 ? 339 LEU A CG  1 
ATOM   34   C CD1 . LEU A 1 5   ? -9.157  -5.536  5.879   1.00 40.77 ? 339 LEU A CD1 1 
ATOM   35   C CD2 . LEU A 1 5   ? -10.468 -7.112  7.341   1.00 39.37 ? 339 LEU A CD2 1 
ATOM   36   N N   . LEU A 1 6   ? -6.390  -8.846  9.401   1.00 41.74 ? 340 LEU A N   1 
ATOM   37   C CA  . LEU A 1 6   ? -5.034  -9.404  9.588   1.00 40.96 ? 340 LEU A CA  1 
ATOM   38   C C   . LEU A 1 6   ? -4.245  -9.335  8.273   1.00 40.58 ? 340 LEU A C   1 
ATOM   39   O O   . LEU A 1 6   ? -4.827  -9.061  7.230   1.00 40.95 ? 340 LEU A O   1 
ATOM   40   C CB  . LEU A 1 6   ? -5.127  -10.858 10.047  1.00 40.45 ? 340 LEU A CB  1 
ATOM   41   C CG  . LEU A 1 6   ? -6.032  -11.158 11.251  1.00 40.11 ? 340 LEU A CG  1 
ATOM   42   C CD1 . LEU A 1 6   ? -5.962  -12.638 11.638  1.00 41.82 ? 340 LEU A CD1 1 
ATOM   43   C CD2 . LEU A 1 6   ? -5.679  -10.311 12.447  1.00 41.57 ? 340 LEU A CD2 1 
ATOM   44   N N   . ASP A 1 7   ? -2.947  -9.599  8.327   1.00 40.97 ? 341 ASP A N   1 
ATOM   45   C CA  . ASP A 1 7   ? -2.086  -9.618  7.129   1.00 41.19 ? 341 ASP A CA  1 
ATOM   46   C C   . ASP A 1 7   ? -2.719  -10.491 6.034   1.00 41.24 ? 341 ASP A C   1 
ATOM   47   O O   . ASP A 1 7   ? -2.711  -10.110 4.870   1.00 40.49 ? 341 ASP A O   1 
ATOM   48   C CB  . ASP A 1 7   ? -0.699  -10.185 7.467   1.00 42.40 ? 341 ASP A CB  1 
ATOM   49   C CG  . ASP A 1 7   ? 0.093   -9.301  8.442   1.00 44.26 ? 341 ASP A CG  1 
ATOM   50   O OD1 . ASP A 1 7   ? 0.729   -8.300  8.010   1.00 43.79 ? 341 ASP A OD1 1 
ATOM   51   O OD2 . ASP A 1 7   ? 0.105   -9.642  9.655   1.00 46.34 ? 341 ASP A OD2 1 
ATOM   52   N N   . GLY A 1 8   ? -3.214  -11.678 6.438   1.00 40.76 ? 342 GLY A N   1 
ATOM   53   C CA  . GLY A 1 8   ? -3.872  -12.644 5.546   1.00 40.20 ? 342 GLY A CA  1 
ATOM   54   C C   . GLY A 1 8   ? -5.120  -12.158 4.820   1.00 40.41 ? 342 GLY A C   1 
ATOM   55   O O   . GLY A 1 8   ? -5.400  -12.590 3.705   1.00 41.59 ? 342 GLY A O   1 
ATOM   56   N N   . HIS A 1 9   ? -5.891  -11.280 5.447   1.00 37.98 ? 343 HIS A N   1 
ATOM   57   C CA  . HIS A 1 9   ? -7.044  -10.686 4.783   1.00 36.83 ? 343 HIS A CA  1 
ATOM   58   C C   . HIS A 1 9   ? -6.645  -9.720  3.708   1.00 35.57 ? 343 HIS A C   1 
ATOM   59   O O   . HIS A 1 9   ? -7.261  -9.701  2.644   1.00 36.66 ? 343 HIS A O   1 
ATOM   60   C CB  . HIS A 1 9   ? -7.879  -9.939  5.789   1.00 37.94 ? 343 HIS A CB  1 
ATOM   61   C CG  . HIS A 1 9   ? -8.510  -10.828 6.806   1.00 36.00 ? 343 HIS A CG  1 
ATOM   62   N ND1 . HIS A 1 9   ? -8.146  -10.807 8.134   1.00 36.99 ? 343 HIS A ND1 1 
ATOM   63   C CD2 . HIS A 1 9   ? -9.482  -11.768 6.698   1.00 37.56 ? 343 HIS A CD2 1 
ATOM   64   C CE1 . HIS A 1 9   ? -8.880  -11.679 8.806   1.00 38.83 ? 343 HIS A CE1 1 
ATOM   65   N NE2 . HIS A 1 9   ? -9.677  -12.293 7.952   1.00 38.60 ? 343 HIS A NE2 1 
ATOM   66   N N   . LEU A 1 10  ? -5.643  -8.894  4.010   1.00 30.66 ? 344 LEU A N   1 
ATOM   67   C CA  . LEU A 1 10  ? -5.127  -7.933  3.041   1.00 29.55 ? 344 LEU A CA  1 
ATOM   68   C C   . LEU A 1 10  ? -4.550  -8.695  1.854   1.00 28.90 ? 344 LEU A C   1 
ATOM   69   O O   . LEU A 1 10  ? -4.886  -8.398  0.711   1.00 28.07 ? 344 LEU A O   1 
ATOM   70   C CB  . LEU A 1 10  ? -4.075  -7.013  3.684   1.00 29.29 ? 344 LEU A CB  1 
ATOM   71   C CG  . LEU A 1 10  ? -4.592  -5.686  4.293   1.00 29.13 ? 344 LEU A CG  1 
ATOM   72   C CD1 . LEU A 1 10  ? -5.199  -5.982  5.580   1.00 29.12 ? 344 LEU A CD1 1 
ATOM   73   C CD2 . LEU A 1 10  ? -3.377  -4.757  4.558   1.00 28.44 ? 344 LEU A CD2 1 
ATOM   74   N N   . ARG A 1 11  ? -3.703  -9.697  2.140   1.00 28.14 ? 345 ARG A N   1 
ATOM   75   C CA  . ARG A 1 11  ? -3.154  -10.570 1.107   1.00 28.59 ? 345 ARG A CA  1 
ATOM   76   C C   . ARG A 1 11  ? -4.197  -11.243 0.205   1.00 27.71 ? 345 ARG A C   1 
ATOM   77   O O   . ARG A 1 11  ? -4.016  -11.289 -1.020  1.00 26.92 ? 345 ARG A O   1 
ATOM   78   C CB  . ARG A 1 11  ? -2.252  -11.644 1.731   1.00 28.37 ? 345 ARG A CB  1 
ATOM   79   C CG  . ARG A 1 11  ? -1.590  -12.543 0.713   1.00 33.63 ? 345 ARG A CG  1 
ATOM   80   C CD  . ARG A 1 11  ? -0.559  -11.770 -0.109  1.00 38.44 ? 345 ARG A CD  1 
ATOM   81   N NE  . ARG A 1 11  ? -0.084  -12.538 -1.261  1.00 43.81 ? 345 ARG A NE  1 
ATOM   82   C CZ  . ARG A 1 11  ? 1.048   -13.241 -1.294  1.00 45.54 ? 345 ARG A CZ  1 
ATOM   83   N NH1 . ARG A 1 11  ? 1.866   -13.274 -0.243  1.00 45.42 ? 345 ARG A NH1 1 
ATOM   84   N NH2 . ARG A 1 11  ? 1.368   -13.917 -2.395  1.00 48.27 ? 345 ARG A NH2 1 
ATOM   85   N N   . ALA A 1 12  ? -5.280  -11.749 0.800   1.00 27.34 ? 346 ALA A N   1 
ATOM   86   C CA  . ALA A 1 12  ? -6.335  -12.422 0.057   1.00 28.25 ? 346 ALA A CA  1 
ATOM   87   C C   . ALA A 1 12  ? -7.082  -11.421 -0.839  1.00 28.49 ? 346 ALA A C   1 
ATOM   88   O O   . ALA A 1 12  ? -7.436  -11.724 -1.985  1.00 27.51 ? 346 ALA A O   1 
ATOM   89   C CB  . ALA A 1 12  ? -7.340  -13.115 1.022   1.00 28.06 ? 346 ALA A CB  1 
ATOM   90   N N   . TYR A 1 13  ? -7.315  -10.230 -0.300  1.00 29.13 ? 347 TYR A N   1 
ATOM   91   C CA  . TYR A 1 13  ? -7.946  -9.185  -1.084  1.00 29.38 ? 347 TYR A CA  1 
ATOM   92   C C   . TYR A 1 13  ? -7.049  -8.749  -2.251  1.00 29.02 ? 347 TYR A C   1 
ATOM   93   O O   . TYR A 1 13  ? -7.516  -8.664  -3.393  1.00 30.14 ? 347 TYR A O   1 
ATOM   94   C CB  . TYR A 1 13  ? -8.329  -8.007  -0.206  1.00 30.39 ? 347 TYR A CB  1 
ATOM   95   C CG  . TYR A 1 13  ? -9.246  -7.029  -0.916  1.00 31.76 ? 347 TYR A CG  1 
ATOM   96   C CD1 . TYR A 1 13  ? -10.632 -7.049  -0.707  1.00 33.35 ? 347 TYR A CD1 1 
ATOM   97   C CD2 . TYR A 1 13  ? -8.726  -6.098  -1.825  1.00 32.87 ? 347 TYR A CD2 1 
ATOM   98   C CE1 . TYR A 1 13  ? -11.475 -6.132  -1.364  1.00 33.32 ? 347 TYR A CE1 1 
ATOM   99   C CE2 . TYR A 1 13  ? -9.563  -5.198  -2.491  1.00 32.11 ? 347 TYR A CE2 1 
ATOM   100  C CZ  . TYR A 1 13  ? -10.912 -5.211  -2.242  1.00 33.35 ? 347 TYR A CZ  1 
ATOM   101  O OH  . TYR A 1 13  ? -11.722 -4.326  -2.917  1.00 36.02 ? 347 TYR A OH  1 
ATOM   102  N N   . THR A 1 14  ? -5.775  -8.504  -1.990  1.00 28.30 ? 348 THR A N   1 
ATOM   103  C CA  . THR A 1 14  ? -4.909  -8.020  -3.076  1.00 28.15 ? 348 THR A CA  1 
ATOM   104  C C   . THR A 1 14  ? -4.563  -9.099  -4.113  1.00 29.50 ? 348 THR A C   1 
ATOM   105  O O   . THR A 1 14  ? -4.405  -8.785  -5.305  1.00 29.04 ? 348 THR A O   1 
ATOM   106  C CB  . THR A 1 14  ? -3.666  -7.268  -2.578  1.00 29.97 ? 348 THR A CB  1 
ATOM   107  O OG1 . THR A 1 14  ? -2.833  -8.154  -1.831  1.00 27.87 ? 348 THR A OG1 1 
ATOM   108  C CG2 . THR A 1 14  ? -4.051  -6.038  -1.741  1.00 25.51 ? 348 THR A CG2 1 
ATOM   109  N N   . ASP A 1 15  ? -4.498  -10.366 -3.675  1.00 30.17 ? 349 ASP A N   1 
ATOM   110  C CA  . ASP A 1 15  ? -4.433  -11.517 -4.586  1.00 30.61 ? 349 ASP A CA  1 
ATOM   111  C C   . ASP A 1 15  ? -5.633  -11.522 -5.524  1.00 30.27 ? 349 ASP A C   1 
ATOM   112  O O   . ASP A 1 15  ? -5.462  -11.628 -6.741  1.00 30.30 ? 349 ASP A O   1 
ATOM   113  C CB  . ASP A 1 15  ? -4.380  -12.851 -3.819  1.00 30.91 ? 349 ASP A CB  1 
ATOM   114  C CG  . ASP A 1 15  ? -2.982  -13.179 -3.298  1.00 32.95 ? 349 ASP A CG  1 
ATOM   115  O OD1 . ASP A 1 15  ? -2.042  -12.408 -3.561  1.00 36.05 ? 349 ASP A OD1 1 
ATOM   116  O OD2 . ASP A 1 15  ? -2.809  -14.224 -2.621  1.00 34.46 ? 349 ASP A OD2 1 
ATOM   117  N N   . ASP A 1 16  ? -6.839  -11.403 -4.962  1.00 30.46 ? 350 ASP A N   1 
ATOM   118  C CA  . ASP A 1 16  ? -8.067  -11.402 -5.753  1.00 30.48 ? 350 ASP A CA  1 
ATOM   119  C C   . ASP A 1 16  ? -8.134  -10.195 -6.696  1.00 30.61 ? 350 ASP A C   1 
ATOM   120  O O   . ASP A 1 16  ? -8.493  -10.351 -7.877  1.00 30.46 ? 350 ASP A O   1 
ATOM   121  C CB  . ASP A 1 16  ? -9.290  -11.461 -4.840  1.00 30.76 ? 350 ASP A CB  1 
ATOM   122  C CG  . ASP A 1 16  ? -10.593 -11.397 -5.607  1.00 33.06 ? 350 ASP A CG  1 
ATOM   123  O OD1 . ASP A 1 16  ? -10.904 -12.361 -6.345  1.00 35.48 ? 350 ASP A OD1 1 
ATOM   124  O OD2 . ASP A 1 16  ? -11.309 -10.383 -5.476  1.00 33.83 ? 350 ASP A OD2 1 
ATOM   125  N N   . LEU A 1 17  ? -7.793  -9.006  -6.184  1.00 29.37 ? 351 LEU A N   1 
ATOM   126  C CA  . LEU A 1 17  ? -7.678  -7.798  -7.009  1.00 29.93 ? 351 LEU A CA  1 
ATOM   127  C C   . LEU A 1 17  ? -6.780  -8.014  -8.222  1.00 29.78 ? 351 LEU A C   1 
ATOM   128  O O   . LEU A 1 17  ? -7.175  -7.715  -9.353  1.00 29.93 ? 351 LEU A O   1 
ATOM   129  C CB  . LEU A 1 17  ? -7.090  -6.614  -6.204  1.00 29.50 ? 351 LEU A CB  1 
ATOM   130  C CG  . LEU A 1 17  ? -7.009  -5.277  -6.952  1.00 29.65 ? 351 LEU A CG  1 
ATOM   131  C CD1 . LEU A 1 17  ? -8.380  -4.825  -7.545  1.00 28.39 ? 351 LEU A CD1 1 
ATOM   132  C CD2 . LEU A 1 17  ? -6.452  -4.243  -6.000  1.00 30.27 ? 351 LEU A CD2 1 
ATOM   133  N N   . ALA A 1 18  ? -5.568  -8.517  -7.972  1.00 30.06 ? 352 ALA A N   1 
ATOM   134  C CA  . ALA A 1 18  ? -4.605  -8.797  -9.022  1.00 30.94 ? 352 ALA A CA  1 
ATOM   135  C C   . ALA A 1 18  ? -5.188  -9.727  -10.104 1.00 31.27 ? 352 ALA A C   1 
ATOM   136  O O   . ALA A 1 18  ? -4.926  -9.537  -11.291 1.00 30.87 ? 352 ALA A O   1 
ATOM   137  C CB  . ALA A 1 18  ? -3.307  -9.376  -8.426  1.00 31.05 ? 352 ALA A CB  1 
ATOM   138  N N   . ARG A 1 19  ? -5.999  -10.703 -9.692  1.00 31.50 ? 353 ARG A N   1 
ATOM   139  C CA  . ARG A 1 19  ? -6.667  -11.599 -10.634 1.00 31.92 ? 353 ARG A CA  1 
ATOM   140  C C   . ARG A 1 19  ? -7.723  -10.848 -11.437 1.00 31.95 ? 353 ARG A C   1 
ATOM   141  O O   . ARG A 1 19  ? -7.860  -11.064 -12.654 1.00 31.19 ? 353 ARG A O   1 
ATOM   142  C CB  . ARG A 1 19  ? -7.312  -12.768 -9.901  1.00 31.99 ? 353 ARG A CB  1 
ATOM   143  C CG  . ARG A 1 19  ? -6.307  -13.771 -9.358  1.00 36.39 ? 353 ARG A CG  1 
ATOM   144  C CD  . ARG A 1 19  ? -6.992  -14.806 -8.458  1.00 42.55 ? 353 ARG A CD  1 
ATOM   145  N NE  . ARG A 1 19  ? -6.131  -15.176 -7.324  1.00 47.14 ? 353 ARG A NE  1 
ATOM   146  C CZ  . ARG A 1 19  ? -6.553  -15.311 -6.063  1.00 49.00 ? 353 ARG A CZ  1 
ATOM   147  N NH1 . ARG A 1 19  ? -7.830  -15.088 -5.743  1.00 48.49 ? 353 ARG A NH1 1 
ATOM   148  N NH2 . ARG A 1 19  ? -5.690  -15.658 -5.113  1.00 50.61 ? 353 ARG A NH2 1 
ATOM   149  N N   . ARG A 1 20  ? -8.470  -9.971  -10.755 1.00 31.87 ? 354 ARG A N   1 
ATOM   150  C CA  . ARG A 1 20  ? -9.489  -9.181  -11.420 1.00 32.13 ? 354 ARG A CA  1 
ATOM   151  C C   . ARG A 1 20  ? -8.888  -8.244  -12.469 1.00 31.88 ? 354 ARG A C   1 
ATOM   152  O O   . ARG A 1 20  ? -9.469  -8.072  -13.529 1.00 31.78 ? 354 ARG A O   1 
ATOM   153  C CB  . ARG A 1 20  ? -10.402 -8.461  -10.420 1.00 31.96 ? 354 ARG A CB  1 
ATOM   154  C CG  . ARG A 1 20  ? -11.281 -9.422  -9.608  1.00 32.19 ? 354 ARG A CG  1 
ATOM   155  C CD  . ARG A 1 20  ? -12.264 -8.677  -8.723  1.00 32.87 ? 354 ARG A CD  1 
ATOM   156  N NE  . ARG A 1 20  ? -11.645 -8.104  -7.526  1.00 35.26 ? 354 ARG A NE  1 
ATOM   157  C CZ  . ARG A 1 20  ? -11.534 -6.802  -7.254  1.00 35.77 ? 354 ARG A CZ  1 
ATOM   158  N NH1 . ARG A 1 20  ? -11.998 -5.870  -8.097  1.00 36.90 ? 354 ARG A NH1 1 
ATOM   159  N NH2 . ARG A 1 20  ? -10.928 -6.429  -6.130  1.00 34.53 ? 354 ARG A NH2 1 
ATOM   160  N N   . LEU A 1 21  ? -7.701  -7.704  -12.195 1.00 32.19 ? 355 LEU A N   1 
ATOM   161  C CA  . LEU A 1 21  ? -7.032  -6.748  -13.089 1.00 33.34 ? 355 LEU A CA  1 
ATOM   162  C C   . LEU A 1 21  ? -6.201  -7.381  -14.214 1.00 33.85 ? 355 LEU A C   1 
ATOM   163  O O   . LEU A 1 21  ? -5.664  -6.670  -15.066 1.00 33.77 ? 355 LEU A O   1 
ATOM   164  C CB  . LEU A 1 21  ? -6.119  -5.803  -12.272 1.00 32.88 ? 355 LEU A CB  1 
ATOM   165  C CG  . LEU A 1 21  ? -6.751  -5.032  -11.111 1.00 33.27 ? 355 LEU A CG  1 
ATOM   166  C CD1 . LEU A 1 21  ? -5.766  -4.016  -10.560 1.00 34.19 ? 355 LEU A CD1 1 
ATOM   167  C CD2 . LEU A 1 21  ? -8.094  -4.351  -11.513 1.00 33.63 ? 355 LEU A CD2 1 
ATOM   168  N N   . ARG A 1 22  ? -6.085  -8.703  -14.212 1.00 35.03 ? 356 ARG A N   1 
ATOM   169  C CA  . ARG A 1 22  ? -5.224  -9.392  -15.173 1.00 36.39 ? 356 ARG A CA  1 
ATOM   170  C C   . ARG A 1 22  ? -5.507  -9.046  -16.639 1.00 36.45 ? 356 ARG A C   1 
ATOM   171  O O   . ARG A 1 22  ? -6.633  -9.150  -17.116 1.00 35.80 ? 356 ARG A O   1 
ATOM   172  C CB  . ARG A 1 22  ? -5.298  -10.904 -14.964 1.00 36.90 ? 356 ARG A CB  1 
ATOM   173  C CG  . ARG A 1 22  ? -4.183  -11.417 -14.089 1.00 40.07 ? 356 ARG A CG  1 
ATOM   174  C CD  . ARG A 1 22  ? -3.885  -12.853 -14.434 1.00 44.80 ? 356 ARG A CD  1 
ATOM   175  N NE  . ARG A 1 22  ? -4.743  -13.783 -13.712 1.00 47.72 ? 356 ARG A NE  1 
ATOM   176  C CZ  . ARG A 1 22  ? -4.982  -15.043 -14.079 1.00 48.76 ? 356 ARG A CZ  1 
ATOM   177  N NH1 . ARG A 1 22  ? -4.445  -15.554 -15.190 1.00 48.72 ? 356 ARG A NH1 1 
ATOM   178  N NH2 . ARG A 1 22  ? -5.781  -15.790 -13.326 1.00 48.99 ? 356 ARG A NH2 1 
ATOM   179  N N   . GLY A 1 23  ? -4.468  -8.611  -17.343 1.00 37.18 ? 357 GLY A N   1 
ATOM   180  C CA  . GLY A 1 23  ? -4.592  -8.331  -18.771 1.00 37.30 ? 357 GLY A CA  1 
ATOM   181  C C   . GLY A 1 23  ? -5.042  -6.923  -19.114 1.00 37.87 ? 357 GLY A C   1 
ATOM   182  O O   . GLY A 1 23  ? -5.000  -6.537  -20.281 1.00 37.91 ? 357 GLY A O   1 
ATOM   183  N N   . GLU A 1 24  ? -5.479  -6.154  -18.109 1.00 37.92 ? 358 GLU A N   1 
ATOM   184  C CA  . GLU A 1 24  ? -5.896  -4.769  -18.338 1.00 38.28 ? 358 GLU A CA  1 
ATOM   185  C C   . GLU A 1 24  ? -4.700  -3.900  -18.729 1.00 37.86 ? 358 GLU A C   1 
ATOM   186  O O   . GLU A 1 24  ? -3.573  -4.168  -18.295 1.00 37.32 ? 358 GLU A O   1 
ATOM   187  C CB  . GLU A 1 24  ? -6.589  -4.178  -17.105 1.00 38.85 ? 358 GLU A CB  1 
ATOM   188  C CG  . GLU A 1 24  ? -7.852  -4.906  -16.662 1.00 40.88 ? 358 GLU A CG  1 
ATOM   189  C CD  . GLU A 1 24  ? -9.087  -4.501  -17.449 1.00 45.80 ? 358 GLU A CD  1 
ATOM   190  O OE1 . GLU A 1 24  ? -8.957  -3.999  -18.591 1.00 46.10 ? 358 GLU A OE1 1 
ATOM   191  O OE2 . GLU A 1 24  ? -10.203 -4.695  -16.915 1.00 49.73 ? 358 GLU A OE2 1 
ATOM   192  N N   . PRO A 1 25  ? -4.934  -2.884  -19.589 1.00 37.55 ? 359 PRO A N   1 
ATOM   193  C CA  . PRO A 1 25  ? -3.937  -1.819  -19.843 1.00 36.50 ? 359 PRO A CA  1 
ATOM   194  C C   . PRO A 1 25  ? -3.246  -1.335  -18.565 1.00 34.76 ? 359 PRO A C   1 
ATOM   195  O O   . PRO A 1 25  ? -3.911  -0.891  -17.622 1.00 34.89 ? 359 PRO A O   1 
ATOM   196  C CB  . PRO A 1 25  ? -4.770  -0.667  -20.438 1.00 37.14 ? 359 PRO A CB  1 
ATOM   197  C CG  . PRO A 1 25  ? -6.189  -1.235  -20.683 1.00 37.63 ? 359 PRO A CG  1 
ATOM   198  C CD  . PRO A 1 25  ? -6.145  -2.720  -20.420 1.00 37.90 ? 359 PRO A CD  1 
ATOM   199  N N   . ASN A 1 26  ? -1.923  -1.438  -18.550 1.00 32.46 ? 360 ASN A N   1 
ATOM   200  C CA  . ASN A 1 26  ? -1.077  -0.987  -17.456 1.00 30.25 ? 360 ASN A CA  1 
ATOM   201  C C   . ASN A 1 26  ? -1.037  -1.864  -16.189 1.00 28.61 ? 360 ASN A C   1 
ATOM   202  O O   . ASN A 1 26  ? -0.331  -1.512  -15.266 1.00 26.50 ? 360 ASN A O   1 
ATOM   203  C CB  . ASN A 1 26  ? -1.415  0.456   -17.015 1.00 31.06 ? 360 ASN A CB  1 
ATOM   204  C CG  . ASN A 1 26  ? -1.395  1.446   -18.149 1.00 33.02 ? 360 ASN A CG  1 
ATOM   205  O OD1 . ASN A 1 26  ? -0.585  1.341   -19.073 1.00 36.26 ? 360 ASN A OD1 1 
ATOM   206  N ND2 . ASN A 1 26  ? -2.284  2.436   -18.081 1.00 32.97 ? 360 ASN A ND2 1 
ATOM   207  N N   . ALA A 1 27  ? -1.780  -2.977  -16.129 1.00 26.43 ? 361 ALA A N   1 
ATOM   208  C CA  . ALA A 1 27  ? -1.790  -3.787  -14.898 1.00 25.47 ? 361 ALA A CA  1 
ATOM   209  C C   . ALA A 1 27  ? -0.388  -4.333  -14.487 1.00 25.37 ? 361 ALA A C   1 
ATOM   210  O O   . ALA A 1 27  ? -0.133  -4.564  -13.296 1.00 24.66 ? 361 ALA A O   1 
ATOM   211  C CB  . ALA A 1 27  ? -2.743  -4.891  -15.014 1.00 25.66 ? 361 ALA A CB  1 
ATOM   212  N N   . HIS A 1 28  ? 0.476   -4.558  -15.484 1.00 23.69 ? 362 HIS A N   1 
ATOM   213  C CA  . HIS A 1 28  ? 1.856   -4.996  -15.254 1.00 22.93 ? 362 HIS A CA  1 
ATOM   214  C C   . HIS A 1 28  ? 2.723   -3.941  -14.570 1.00 23.12 ? 362 HIS A C   1 
ATOM   215  O O   . HIS A 1 28  ? 3.861   -4.252  -14.176 1.00 22.91 ? 362 HIS A O   1 
ATOM   216  C CB  . HIS A 1 28  ? 2.510   -5.451  -16.547 1.00 23.12 ? 362 HIS A CB  1 
ATOM   217  C CG  . HIS A 1 28  ? 2.632   -4.368  -17.562 1.00 23.22 ? 362 HIS A CG  1 
ATOM   218  N ND1 . HIS A 1 28  ? 1.554   -3.915  -18.287 1.00 24.42 ? 362 HIS A ND1 1 
ATOM   219  C CD2 . HIS A 1 28  ? 3.692   -3.628  -17.954 1.00 24.93 ? 362 HIS A CD2 1 
ATOM   220  C CE1 . HIS A 1 28  ? 1.952   -2.948  -19.093 1.00 26.06 ? 362 HIS A CE1 1 
ATOM   221  N NE2 . HIS A 1 28  ? 3.245   -2.767  -18.918 1.00 26.75 ? 362 HIS A NE2 1 
ATOM   222  N N   . LEU A 1 29  ? 2.234   -2.707  -14.475 1.00 23.23 ? 363 LEU A N   1 
ATOM   223  C CA  . LEU A 1 29  ? 2.974   -1.651  -13.728 1.00 24.64 ? 363 LEU A CA  1 
ATOM   224  C C   . LEU A 1 29  ? 2.794   -1.796  -12.213 1.00 25.01 ? 363 LEU A C   1 
ATOM   225  O O   . LEU A 1 29  ? 3.529   -1.186  -11.445 1.00 27.20 ? 363 LEU A O   1 
ATOM   226  C CB  . LEU A 1 29  ? 2.555   -0.233  -14.126 1.00 25.62 ? 363 LEU A CB  1 
ATOM   227  C CG  . LEU A 1 29  ? 2.512   0.230   -15.585 1.00 27.07 ? 363 LEU A CG  1 
ATOM   228  C CD1 . LEU A 1 29  ? 2.111   1.709   -15.634 1.00 30.49 ? 363 LEU A CD1 1 
ATOM   229  C CD2 . LEU A 1 29  ? 3.852   0.002   -16.203 1.00 29.53 ? 363 LEU A CD2 1 
ATOM   230  N N   . LEU A 1 30  ? 1.805   -2.577  -11.791 1.00 25.26 ? 364 LEU A N   1 
ATOM   231  C CA  . LEU A 1 30  ? 1.391   -2.618  -10.365 1.00 26.23 ? 364 LEU A CA  1 
ATOM   232  C C   . LEU A 1 30  ? 2.004   -3.780  -9.615  1.00 26.76 ? 364 LEU A C   1 
ATOM   233  O O   . LEU A 1 30  ? 2.078   -4.900  -10.159 1.00 25.62 ? 364 LEU A O   1 
ATOM   234  C CB  . LEU A 1 30  ? -0.130  -2.769  -10.252 1.00 26.73 ? 364 LEU A CB  1 
ATOM   235  C CG  . LEU A 1 30  ? -1.004  -1.764  -11.007 1.00 28.07 ? 364 LEU A CG  1 
ATOM   236  C CD1 . LEU A 1 30  ? -2.476  -2.147  -10.954 1.00 29.65 ? 364 LEU A CD1 1 
ATOM   237  C CD2 . LEU A 1 30  ? -0.822  -0.388  -10.450 1.00 31.37 ? 364 LEU A CD2 1 
ATOM   238  N N   . HIS A 1 31  ? 2.427   -3.527  -8.372  1.00 26.77 ? 365 HIS A N   1 
ATOM   239  C CA  . HIS A 1 31  ? 2.815   -4.617  -7.447  1.00 27.84 ? 365 HIS A CA  1 
ATOM   240  C C   . HIS A 1 31  ? 2.138   -4.415  -6.076  1.00 28.00 ? 365 HIS A C   1 
ATOM   241  O O   . HIS A 1 31  ? 2.351   -3.379  -5.437  1.00 27.03 ? 365 HIS A O   1 
ATOM   242  C CB  . HIS A 1 31  ? 4.323   -4.684  -7.268  1.00 28.93 ? 365 HIS A CB  1 
ATOM   243  C CG  . HIS A 1 31  ? 4.763   -5.786  -6.353  1.00 31.38 ? 365 HIS A CG  1 
ATOM   244  N ND1 . HIS A 1 31  ? 4.804   -7.103  -6.751  1.00 35.26 ? 365 HIS A ND1 1 
ATOM   245  C CD2 . HIS A 1 31  ? 5.150   -5.769  -5.051  1.00 33.19 ? 365 HIS A CD2 1 
ATOM   246  C CE1 . HIS A 1 31  ? 5.209   -7.854  -5.740  1.00 37.61 ? 365 HIS A CE1 1 
ATOM   247  N NE2 . HIS A 1 31  ? 5.415   -7.070  -4.693  1.00 37.72 ? 365 HIS A NE2 1 
ATOM   248  N N   . PHE A 1 32  ? 1.293   -5.369  -5.668  1.00 26.83 ? 366 PHE A N   1 
ATOM   249  C CA  . PHE A 1 32  ? 0.661   -5.321  -4.355  1.00 26.74 ? 366 PHE A CA  1 
ATOM   250  C C   . PHE A 1 32  ? 1.534   -6.072  -3.380  1.00 26.07 ? 366 PHE A C   1 
ATOM   251  O O   . PHE A 1 32  ? 1.670   -7.320  -3.429  1.00 26.28 ? 366 PHE A O   1 
ATOM   252  C CB  . PHE A 1 32  ? -0.772  -5.897  -4.411  1.00 26.84 ? 366 PHE A CB  1 
ATOM   253  C CG  . PHE A 1 32  ? -1.618  -5.253  -5.465  1.00 28.72 ? 366 PHE A CG  1 
ATOM   254  C CD1 . PHE A 1 32  ? -1.667  -3.860  -5.584  1.00 28.81 ? 366 PHE A CD1 1 
ATOM   255  C CD2 . PHE A 1 32  ? -2.360  -6.031  -6.354  1.00 32.91 ? 366 PHE A CD2 1 
ATOM   256  C CE1 . PHE A 1 32  ? -2.445  -3.252  -6.561  1.00 29.80 ? 366 PHE A CE1 1 
ATOM   257  C CE2 . PHE A 1 32  ? -3.146  -5.416  -7.352  1.00 33.38 ? 366 PHE A CE2 1 
ATOM   258  C CZ  . PHE A 1 32  ? -3.184  -4.018  -7.448  1.00 31.39 ? 366 PHE A CZ  1 
ATOM   259  N N   . ALA A 1 33  ? 2.219   -5.323  -2.539  1.00 25.73 ? 367 ALA A N   1 
ATOM   260  C CA  . ALA A 1 33  ? 3.109   -6.021  -1.620  1.00 27.53 ? 367 ALA A CA  1 
ATOM   261  C C   . ALA A 1 33  ? 2.375   -6.769  -0.509  1.00 27.11 ? 367 ALA A C   1 
ATOM   262  O O   . ALA A 1 33  ? 1.243   -6.415  -0.066  1.00 29.73 ? 367 ALA A O   1 
ATOM   263  C CB  . ALA A 1 33  ? 4.198   -5.106  -1.050  1.00 27.33 ? 367 ALA A CB  1 
ATOM   264  N N   . ASP A 1 34  ? 2.991   -7.882  -0.128  1.00 28.10 ? 368 ASP A N   1 
ATOM   265  C CA  . ASP A 1 34  ? 2.559   -8.652  1.027   1.00 27.25 ? 368 ASP A CA  1 
ATOM   266  C C   . ASP A 1 34  ? 3.053   -7.883  2.250   1.00 27.18 ? 368 ASP A C   1 
ATOM   267  O O   . ASP A 1 34  ? 4.233   -7.516  2.325   1.00 24.98 ? 368 ASP A O   1 
ATOM   268  C CB  . ASP A 1 34  ? 3.234   -10.024 0.999   1.00 28.17 ? 368 ASP A CB  1 
ATOM   269  C CG  . ASP A 1 34  ? 2.892   -10.843 2.203   1.00 32.11 ? 368 ASP A CG  1 
ATOM   270  O OD1 . ASP A 1 34  ? 1.879   -11.586 2.164   1.00 34.48 ? 368 ASP A OD1 1 
ATOM   271  O OD2 . ASP A 1 34  ? 3.611   -10.752 3.206   1.00 33.53 ? 368 ASP A OD2 1 
ATOM   272  N N   . SER A 1 35  ? 2.188   -7.675  3.230   1.00 26.45 ? 369 SER A N   1 
ATOM   273  C CA  . SER A 1 35  ? 2.478   -6.827  4.388   1.00 27.43 ? 369 SER A CA  1 
ATOM   274  C C   . SER A 1 35  ? 3.548   -7.383  5.321   1.00 27.25 ? 369 SER A C   1 
ATOM   275  O O   . SER A 1 35  ? 4.260   -6.626  5.964   1.00 28.68 ? 369 SER A O   1 
ATOM   276  C CB  . SER A 1 35  ? 1.186   -6.496  5.155   1.00 28.52 ? 369 SER A CB  1 
ATOM   277  O OG  . SER A 1 35  ? 0.497   -7.668  5.527   1.00 32.32 ? 369 SER A OG  1 
ATOM   278  N N   . GLN A 1 36  ? 3.705   -8.704  5.343   1.00 27.19 ? 370 GLN A N   1 
ATOM   279  C CA  . GLN A 1 36  ? 4.672   -9.322  6.208   1.00 26.47 ? 370 GLN A CA  1 
ATOM   280  C C   . GLN A 1 36  ? 6.038   -9.110  5.585   1.00 27.05 ? 370 GLN A C   1 
ATOM   281  O O   . GLN A 1 36  ? 6.996   -8.921  6.289   1.00 26.96 ? 370 GLN A O   1 
ATOM   282  C CB  . GLN A 1 36  ? 4.392   -10.808 6.369   1.00 27.21 ? 370 GLN A CB  1 
ATOM   283  C CG  . GLN A 1 36  ? 3.101   -11.082 7.116   1.00 26.43 ? 370 GLN A CG  1 
ATOM   284  C CD  . GLN A 1 36  ? 2.933   -12.526 7.514   1.00 31.08 ? 370 GLN A CD  1 
ATOM   285  O OE1 . GLN A 1 36  ? 3.565   -12.982 8.435   1.00 33.17 ? 370 GLN A OE1 1 
ATOM   286  N NE2 . GLN A 1 36  ? 2.006   -13.222 6.870   1.00 30.41 ? 370 GLN A NE2 1 
ATOM   287  N N   . VAL A 1 37  ? 6.096   -9.156  4.250   1.00 27.29 ? 371 VAL A N   1 
ATOM   288  C CA  . VAL A 1 37  ? 7.320   -8.822  3.548   1.00 26.61 ? 371 VAL A CA  1 
ATOM   289  C C   . VAL A 1 37  ? 7.703   -7.373  3.799   1.00 27.12 ? 371 VAL A C   1 
ATOM   290  O O   . VAL A 1 37  ? 8.911   -7.075  3.927   1.00 27.05 ? 371 VAL A O   1 
ATOM   291  C CB  . VAL A 1 37  ? 7.270   -9.158  2.051   1.00 26.94 ? 371 VAL A CB  1 
ATOM   292  C CG1 . VAL A 1 37  ? 8.594   -8.737  1.331   1.00 26.91 ? 371 VAL A CG1 1 
ATOM   293  C CG2 . VAL A 1 37  ? 7.047   -10.683 1.851   1.00 29.71 ? 371 VAL A CG2 1 
ATOM   294  N N   . VAL A 1 38  ? 6.702   -6.464  3.812   1.00 26.51 ? 372 VAL A N   1 
ATOM   295  C CA  . VAL A 1 38  ? 6.979   -5.045  4.168   1.00 28.00 ? 372 VAL A CA  1 
ATOM   296  C C   . VAL A 1 38  ? 7.671   -4.948  5.572   1.00 28.65 ? 372 VAL A C   1 
ATOM   297  O O   . VAL A 1 38  ? 8.703   -4.289  5.752   1.00 26.48 ? 372 VAL A O   1 
ATOM   298  C CB  . VAL A 1 38  ? 5.671   -4.155  4.091   1.00 26.98 ? 372 VAL A CB  1 
ATOM   299  C CG1 . VAL A 1 38  ? 6.035   -2.735  4.415   1.00 29.55 ? 372 VAL A CG1 1 
ATOM   300  C CG2 . VAL A 1 38  ? 5.152   -4.182  2.673   1.00 28.28 ? 372 VAL A CG2 1 
ATOM   301  N N   . THR A 1 39  ? 7.106   -5.633  6.549   1.00 29.13 ? 373 THR A N   1 
ATOM   302  C CA  . THR A 1 39  ? 7.616   -5.648  7.913   1.00 31.14 ? 373 THR A CA  1 
ATOM   303  C C   . THR A 1 39  ? 9.081   -6.141  7.936   1.00 33.44 ? 373 THR A C   1 
ATOM   304  O O   . THR A 1 39  ? 9.938   -5.602  8.635   1.00 34.23 ? 373 THR A O   1 
ATOM   305  C CB  . THR A 1 39  ? 6.686   -6.514  8.800   1.00 31.08 ? 373 THR A CB  1 
ATOM   306  O OG1 . THR A 1 39  ? 5.364   -5.947  8.796   1.00 32.38 ? 373 THR A OG1 1 
ATOM   307  C CG2 . THR A 1 39  ? 7.204   -6.614  10.243  1.00 29.62 ? 373 THR A CG2 1 
ATOM   308  N N   . MET A 1 40  ? 9.377   -7.137  7.115   1.00 35.50 ? 374 MET A N   1 
ATOM   309  C CA  . MET A 1 40  ? 10.698  -7.727  7.051   1.00 38.68 ? 374 MET A CA  1 
ATOM   310  C C   . MET A 1 40  ? 11.833  -6.817  6.543   1.00 38.25 ? 374 MET A C   1 
ATOM   311  O O   . MET A 1 40  ? 13.004  -7.107  6.791   1.00 39.25 ? 374 MET A O   1 
ATOM   312  C CB  . MET A 1 40  ? 10.644  -8.993  6.212   1.00 37.61 ? 374 MET A CB  1 
ATOM   313  C CG  . MET A 1 40  ? 10.149  -10.235 6.956   1.00 40.96 ? 374 MET A CG  1 
ATOM   314  S SD  . MET A 1 40  ? 9.762   -11.425 5.660   1.00 45.05 ? 374 MET A SD  1 
ATOM   315  C CE  . MET A 1 40  ? 11.391  -11.569 4.865   1.00 38.38 ? 374 MET A CE  1 
ATOM   316  N N   . LEU A 1 41  ? 11.505  -5.730  5.836   1.00 39.01 ? 375 LEU A N   1 
ATOM   317  C CA  . LEU A 1 41  ? 12.542  -4.747  5.434   1.00 40.52 ? 375 LEU A CA  1 
ATOM   318  C C   . LEU A 1 41  ? 13.341  -4.258  6.659   1.00 41.22 ? 375 LEU A C   1 
ATOM   319  O O   . LEU A 1 41  ? 14.551  -3.951  6.576   1.00 42.19 ? 375 LEU A O   1 
ATOM   320  C CB  . LEU A 1 41  ? 11.905  -3.563  4.681   1.00 40.46 ? 375 LEU A CB  1 
ATOM   321  C CG  . LEU A 1 41  ? 11.268  -3.777  3.293   1.00 40.64 ? 375 LEU A CG  1 
ATOM   322  C CD1 . LEU A 1 41  ? 10.431  -2.534  2.909   1.00 39.98 ? 375 LEU A CD1 1 
ATOM   323  C CD2 . LEU A 1 41  ? 12.269  -4.121  2.180   1.00 41.54 ? 375 LEU A CD2 1 
ATOM   324  N N   . SER A 1 42  ? 12.665  -4.206  7.804   1.00 41.96 ? 376 SER A N   1 
ATOM   325  C CA  . SER A 1 42  ? 13.248  -3.710  9.051   1.00 43.36 ? 376 SER A CA  1 
ATOM   326  C C   . SER A 1 42  ? 13.859  -4.811  9.935   1.00 43.89 ? 376 SER A C   1 
ATOM   327  O O   . SER A 1 42  ? 14.518  -4.513  10.930  1.00 43.70 ? 376 SER A O   1 
ATOM   328  C CB  . SER A 1 42  ? 12.181  -2.946  9.835   1.00 43.27 ? 376 SER A CB  1 
ATOM   329  O OG  . SER A 1 42  ? 11.728  -1.831  9.099   1.00 43.71 ? 376 SER A OG  1 
ATOM   330  N N   . SER A 1 43  ? 13.634  -6.073  9.564   1.00 44.64 ? 377 SER A N   1 
ATOM   331  C CA  . SER A 1 43  ? 14.054  -7.242  10.358  1.00 45.00 ? 377 SER A CA  1 
ATOM   332  C C   . SER A 1 43  ? 15.521  -7.160  10.787  1.00 45.27 ? 377 SER A C   1 
ATOM   333  O O   . SER A 1 43  ? 16.334  -6.513  10.112  1.00 45.43 ? 377 SER A O   1 
ATOM   334  C CB  . SER A 1 43  ? 13.800  -8.528  9.561   1.00 45.08 ? 377 SER A CB  1 
ATOM   335  O OG  . SER A 1 43  ? 14.453  -9.664  10.132  1.00 47.05 ? 377 SER A OG  1 
ATOM   336  N N   . ALA A 1 44  ? 15.865  -7.803  11.906  1.00 45.56 ? 378 ALA A N   1 
ATOM   337  C CA  . ALA A 1 44  ? 17.277  -7.790  12.382  1.00 45.36 ? 378 ALA A CA  1 
ATOM   338  C C   . ALA A 1 44  ? 18.122  -8.878  11.725  1.00 45.49 ? 378 ALA A C   1 
ATOM   339  O O   . ALA A 1 44  ? 19.351  -8.719  11.538  1.00 45.47 ? 378 ALA A O   1 
ATOM   340  C CB  . ALA A 1 44  ? 17.362  -7.896  13.899  1.00 45.50 ? 378 ALA A CB  1 
ATOM   341  N N   . ASP A 1 45  ? 17.448  -9.976  11.384  1.00 45.78 ? 379 ASP A N   1 
ATOM   342  C CA  . ASP A 1 45  ? 17.980  -11.046 10.554  1.00 45.45 ? 379 ASP A CA  1 
ATOM   343  C C   . ASP A 1 45  ? 18.270  -10.477 9.173   1.00 45.32 ? 379 ASP A C   1 
ATOM   344  O O   . ASP A 1 45  ? 17.362  -10.152 8.422   1.00 44.93 ? 379 ASP A O   1 
ATOM   345  C CB  . ASP A 1 45  ? 16.977  -12.206 10.452  1.00 45.57 ? 379 ASP A CB  1 
ATOM   346  C CG  . ASP A 1 45  ? 17.477  -13.355 9.554   1.00 47.27 ? 379 ASP A CG  1 
ATOM   347  O OD1 . ASP A 1 45  ? 18.436  -13.175 8.752   1.00 47.48 ? 379 ASP A OD1 1 
ATOM   348  O OD2 . ASP A 1 45  ? 16.904  -14.459 9.650   1.00 48.57 ? 379 ASP A OD2 1 
ATOM   349  N N   . PRO A 1 46  ? 19.561  -10.359 8.845   1.00 44.63 ? 380 PRO A N   1 
ATOM   350  C CA  . PRO A 1 46  ? 19.998  -9.761  7.592   1.00 45.18 ? 380 PRO A CA  1 
ATOM   351  C C   . PRO A 1 46  ? 19.389  -10.418 6.336   1.00 45.29 ? 380 PRO A C   1 
ATOM   352  O O   . PRO A 1 46  ? 19.033  -9.597  5.301   1.00 44.65 ? 380 PRO A O   1 
ATOM   353  C CB  . PRO A 1 46  ? 21.519  -9.971  7.630   1.00 44.22 ? 380 PRO A CB  1 
ATOM   354  C CG  . PRO A 1 46  ? 21.832  -9.953  9.104   1.00 43.76 ? 380 PRO A CG  1 
ATOM   355  C CD  . PRO A 1 46  ? 20.701  -10.768 9.690   1.00 44.86 ? 380 PRO A CD  1 
ATOM   356  N N   . ASP A 1 47  ? 19.485  -11.816 6.372   1.00 45.40 ? 381 ASP A N   1 
ATOM   357  C CA  . ASP A 1 47  ? 18.840  -12.546 5.268   1.00 46.25 ? 381 ASP A CA  1 
ATOM   358  C C   . ASP A 1 47  ? 17.312  -12.364 5.108   1.00 46.05 ? 381 ASP A C   1 
ATOM   359  O O   . ASP A 1 47  ? 16.791  -12.528 3.997   1.00 46.01 ? 381 ASP A O   1 
ATOM   360  C CB  . ASP A 1 47  ? 19.172  -14.028 5.309   1.00 46.28 ? 381 ASP A CB  1 
ATOM   361  C CG  . ASP A 1 47  ? 19.418  -14.590 3.929   1.00 47.21 ? 381 ASP A CG  1 
ATOM   362  O OD1 . ASP A 1 47  ? 18.946  -13.971 2.944   1.00 48.96 ? 381 ASP A OD1 1 
ATOM   363  O OD2 . ASP A 1 47  ? 20.099  -15.628 3.829   1.00 46.93 ? 381 ASP A OD2 1 
ATOM   364  N N   . GLN A 1 48  ? 16.600  -12.059 6.195   1.00 46.87 ? 382 GLN A N   1 
ATOM   365  C CA  . GLN A 1 48  ? 15.163  -11.724 6.095   1.00 47.13 ? 382 GLN A CA  1 
ATOM   366  C C   . GLN A 1 48  ? 14.986  -10.375 5.368   1.00 47.25 ? 382 GLN A C   1 
ATOM   367  O O   . GLN A 1 48  ? 14.090  -10.203 4.529   1.00 47.46 ? 382 GLN A O   1 
ATOM   368  C CB  . GLN A 1 48  ? 14.506  -11.614 7.478   1.00 47.03 ? 382 GLN A CB  1 
ATOM   369  C CG  . GLN A 1 48  ? 14.226  -12.954 8.212   1.00 48.18 ? 382 GLN A CG  1 
ATOM   370  C CD  . GLN A 1 48  ? 13.256  -12.796 9.409   1.00 49.14 ? 382 GLN A CD  1 
ATOM   371  O OE1 . GLN A 1 48  ? 12.809  -11.683 9.713   1.00 51.30 ? 382 GLN A OE1 1 
ATOM   372  N NE2 . GLN A 1 48  ? 12.935  -13.923 10.096  1.00 46.16 ? 382 GLN A NE2 1 
ATOM   373  N N   . GLN A 1 49  ? 15.824  -9.418  5.736   1.00 46.45 ? 383 GLN A N   1 
ATOM   374  C CA  . GLN A 1 49  ? 15.740  -8.072  5.176   1.00 46.96 ? 383 GLN A CA  1 
ATOM   375  C C   . GLN A 1 49  ? 16.189  -8.052  3.710   1.00 46.04 ? 383 GLN A C   1 
ATOM   376  O O   . GLN A 1 49  ? 15.563  -7.414  2.877   1.00 46.12 ? 383 GLN A O   1 
ATOM   377  C CB  . GLN A 1 49  ? 16.551  -7.107  6.036   1.00 46.76 ? 383 GLN A CB  1 
ATOM   378  C CG  . GLN A 1 49  ? 16.790  -5.757  5.416   1.00 49.82 ? 383 GLN A CG  1 
ATOM   379  C CD  . GLN A 1 49  ? 17.722  -4.924  6.258   1.00 51.14 ? 383 GLN A CD  1 
ATOM   380  O OE1 . GLN A 1 49  ? 18.955  -5.058  6.183   1.00 54.36 ? 383 GLN A OE1 1 
ATOM   381  N NE2 . GLN A 1 49  ? 17.142  -4.074  7.095   1.00 52.16 ? 383 GLN A NE2 1 
ATOM   382  N N   . ALA A 1 50  ? 17.257  -8.785  3.407   1.00 45.51 ? 384 ALA A N   1 
ATOM   383  C CA  . ALA A 1 50  ? 17.759  -8.925  2.040   1.00 45.07 ? 384 ALA A CA  1 
ATOM   384  C C   . ALA A 1 50  ? 16.702  -9.514  1.118   1.00 44.66 ? 384 ALA A C   1 
ATOM   385  O O   . ALA A 1 50  ? 16.465  -8.997  0.025   1.00 44.93 ? 384 ALA A O   1 
ATOM   386  C CB  . ALA A 1 50  ? 19.041  -9.787  2.019   1.00 44.72 ? 384 ALA A CB  1 
ATOM   387  N N   . ARG A 1 51  ? 16.065  -10.592 1.571   1.00 44.02 ? 385 ARG A N   1 
ATOM   388  C CA  . ARG A 1 51  ? 14.968  -11.215 0.837   1.00 43.43 ? 385 ARG A CA  1 
ATOM   389  C C   . ARG A 1 51  ? 13.889  -10.177 0.565   1.00 41.89 ? 385 ARG A C   1 
ATOM   390  O O   . ARG A 1 51  ? 13.385  -10.093 -0.544  1.00 40.96 ? 385 ARG A O   1 
ATOM   391  C CB  . ARG A 1 51  ? 14.398  -12.417 1.605   1.00 43.20 ? 385 ARG A CB  1 
ATOM   392  C CG  . ARG A 1 51  ? 13.165  -13.084 0.966   1.00 44.50 ? 385 ARG A CG  1 
ATOM   393  C CD  . ARG A 1 51  ? 12.617  -14.222 1.860   1.00 45.02 ? 385 ARG A CD  1 
ATOM   394  N NE  . ARG A 1 51  ? 11.327  -14.774 1.416   1.00 49.76 ? 385 ARG A NE  1 
ATOM   395  C CZ  . ARG A 1 51  ? 10.131  -14.228 1.670   1.00 50.42 ? 385 ARG A CZ  1 
ATOM   396  N NH1 . ARG A 1 51  ? 10.032  -13.084 2.347   1.00 51.20 ? 385 ARG A NH1 1 
ATOM   397  N NH2 . ARG A 1 51  ? 9.024   -14.811 1.221   1.00 49.64 ? 385 ARG A NH2 1 
ATOM   398  N N   . ALA A 1 52  ? 13.559  -9.387  1.583   1.00 41.95 ? 386 ALA A N   1 
ATOM   399  C CA  . ALA A 1 52  ? 12.466  -8.393  1.487   1.00 41.78 ? 386 ALA A CA  1 
ATOM   400  C C   . ALA A 1 52  ? 12.861  -7.331  0.484   1.00 41.50 ? 386 ALA A C   1 
ATOM   401  O O   . ALA A 1 52  ? 12.065  -6.946  -0.365  1.00 41.77 ? 386 ALA A O   1 
ATOM   402  C CB  . ALA A 1 52  ? 12.165  -7.771  2.848   1.00 41.44 ? 386 ALA A CB  1 
ATOM   403  N N   . GLN A 1 53  ? 14.117  -6.876  0.554   1.00 41.75 ? 387 GLN A N   1 
ATOM   404  C CA  . GLN A 1 53  ? 14.641  -5.950  -0.439  1.00 42.92 ? 387 GLN A CA  1 
ATOM   405  C C   . GLN A 1 53  ? 14.542  -6.484  -1.885  1.00 43.99 ? 387 GLN A C   1 
ATOM   406  O O   . GLN A 1 53  ? 14.208  -5.718  -2.787  1.00 45.24 ? 387 GLN A O   1 
ATOM   407  C CB  . GLN A 1 53  ? 16.085  -5.542  -0.071  1.00 42.48 ? 387 GLN A CB  1 
ATOM   408  C CG  . GLN A 1 53  ? 16.044  -4.508  1.037   1.00 42.78 ? 387 GLN A CG  1 
ATOM   409  C CD  . GLN A 1 53  ? 17.374  -4.178  1.660   1.00 43.77 ? 387 GLN A CD  1 
ATOM   410  O OE1 . GLN A 1 53  ? 18.331  -4.973  1.620   1.00 43.34 ? 387 GLN A OE1 1 
ATOM   411  N NE2 . GLN A 1 53  ? 17.451  -2.987  2.252   1.00 41.39 ? 387 GLN A NE2 1 
ATOM   412  N N   . ARG A 1 54  ? 14.768  -7.785  -2.096  1.00 44.22 ? 388 ARG A N   1 
ATOM   413  C CA  . ARG A 1 54  ? 14.677  -8.406  -3.436  1.00 43.92 ? 388 ARG A CA  1 
ATOM   414  C C   . ARG A 1 54  ? 13.249  -8.477  -3.952  1.00 44.01 ? 388 ARG A C   1 
ATOM   415  O O   . ARG A 1 54  ? 12.994  -8.228  -5.143  1.00 43.91 ? 388 ARG A O   1 
ATOM   416  C CB  . ARG A 1 54  ? 15.233  -9.830  -3.414  1.00 44.37 ? 388 ARG A CB  1 
ATOM   417  C CG  . ARG A 1 54  ? 16.680  -9.951  -2.987  1.00 44.98 ? 388 ARG A CG  1 
ATOM   418  C CD  . ARG A 1 54  ? 17.126  -11.429 -3.012  1.00 45.35 ? 388 ARG A CD  1 
ATOM   419  N NE  . ARG A 1 54  ? 18.266  -11.665 -2.123  1.00 48.34 ? 388 ARG A NE  1 
ATOM   420  C CZ  . ARG A 1 54  ? 18.242  -12.486 -1.076  1.00 49.30 ? 388 ARG A CZ  1 
ATOM   421  N NH1 . ARG A 1 54  ? 17.147  -13.195 -0.786  1.00 50.45 ? 388 ARG A NH1 1 
ATOM   422  N NH2 . ARG A 1 54  ? 19.334  -12.619 -0.329  1.00 50.36 ? 388 ARG A NH2 1 
ATOM   423  N N   . LEU A 1 55  ? 12.332  -8.854  -3.053  1.00 41.71 ? 389 LEU A N   1 
ATOM   424  C CA  . LEU A 1 55  ? 10.935  -9.049  -3.384  1.00 42.06 ? 389 LEU A CA  1 
ATOM   425  C C   . LEU A 1 55  ? 10.214  -7.748  -3.639  1.00 41.82 ? 389 LEU A C   1 
ATOM   426  O O   . LEU A 1 55  ? 9.213   -7.751  -4.329  1.00 42.00 ? 389 LEU A O   1 
ATOM   427  C CB  . LEU A 1 55  ? 10.209  -9.820  -2.279  1.00 41.19 ? 389 LEU A CB  1 
ATOM   428  C CG  . LEU A 1 55  ? 10.567  -11.307 -2.182  1.00 41.71 ? 389 LEU A CG  1 
ATOM   429  C CD1 . LEU A 1 55  ? 10.067  -11.864 -0.877  1.00 41.26 ? 389 LEU A CD1 1 
ATOM   430  C CD2 . LEU A 1 55  ? 9.974   -12.084 -3.347  1.00 42.67 ? 389 LEU A CD2 1 
ATOM   431  N N   . LEU A 1 56  ? 10.739  -6.640  -3.101  1.00 41.40 ? 390 LEU A N   1 
ATOM   432  C CA  . LEU A 1 56  ? 10.044  -5.353  -3.209  1.00 41.69 ? 390 LEU A CA  1 
ATOM   433  C C   . LEU A 1 56  ? 10.768  -4.291  -3.998  1.00 42.42 ? 390 LEU A C   1 
ATOM   434  O O   . LEU A 1 56  ? 10.150  -3.298  -4.428  1.00 42.37 ? 390 LEU A O   1 
ATOM   435  C CB  . LEU A 1 56  ? 9.734   -4.801  -1.817  1.00 42.49 ? 390 LEU A CB  1 
ATOM   436  C CG  . LEU A 1 56  ? 8.788   -5.631  -0.938  1.00 39.62 ? 390 LEU A CG  1 
ATOM   437  C CD1 . LEU A 1 56  ? 8.712   -4.886  0.370   1.00 39.68 ? 390 LEU A CD1 1 
ATOM   438  C CD2 . LEU A 1 56  ? 7.346   -5.881  -1.485  1.00 43.88 ? 390 LEU A CD2 1 
ATOM   439  N N   . ALA A 1 57  ? 12.073  -4.502  -4.154  1.00 42.33 ? 391 ALA A N   1 
ATOM   440  C CA  . ALA A 1 57  ? 12.956  -3.571  -4.863  1.00 42.60 ? 391 ALA A CA  1 
ATOM   441  C C   . ALA A 1 57  ? 13.957  -4.297  -5.744  1.00 42.83 ? 391 ALA A C   1 
ATOM   442  O O   . ALA A 1 57  ? 15.033  -3.733  -6.051  1.00 41.28 ? 391 ALA A O   1 
ATOM   443  C CB  . ALA A 1 57  ? 13.683  -2.685  -3.869  1.00 42.62 ? 391 ALA A CB  1 
ATOM   444  N N   . GLY A 1 58  ? 13.637  -5.524  -6.186  1.00 43.60 ? 392 GLY A N   1 
ATOM   445  C CA  . GLY A 1 58  ? 14.534  -6.273  -7.107  1.00 45.36 ? 392 GLY A CA  1 
ATOM   446  C C   . GLY A 1 58  ? 14.547  -5.728  -8.550  1.00 45.62 ? 392 GLY A C   1 
ATOM   447  O O   . GLY A 1 58  ? 13.655  -4.914  -8.860  1.00 48.48 ? 392 GLY A O   1 
ATOM   448  N N   . ASP A 1 59  ? 15.417  -6.190  -9.376  1.00 47.62 ? 393 ASP A N   1 
ATOM   449  C CA  . ASP A 1 59  ? 15.444  -5.723  -10.768 1.00 46.14 ? 393 ASP A CA  1 
ATOM   450  C C   . ASP A 1 59  ? 14.284  -6.041  -11.764 1.00 44.76 ? 393 ASP A C   1 
ATOM   451  O O   . ASP A 1 59  ? 14.242  -5.549  -12.969 1.00 44.49 ? 393 ASP A O   1 
ATOM   452  C CB  . ASP A 1 59  ? 16.778  -6.150  -11.325 1.00 50.92 ? 393 ASP A CB  1 
ATOM   453  C CG  . ASP A 1 59  ? 17.963  -5.201  -10.876 1.00 52.65 ? 393 ASP A CG  1 
ATOM   454  O OD1 . ASP A 1 59  ? 17.768  -4.172  -10.193 1.00 65.13 ? 393 ASP A OD1 1 
ATOM   455  O OD2 . ASP A 1 59  ? 19.101  -5.488  -11.197 1.00 58.30 ? 393 ASP A OD2 1 
ATOM   456  N N   . ASP A 1 60  ? 13.297  -6.620  -11.128 1.00 38.36 ? 394 ASP A N   1 
ATOM   457  C CA  . ASP A 1 60  ? 12.157  -7.100  -11.952 1.00 33.61 ? 394 ASP A CA  1 
ATOM   458  C C   . ASP A 1 60  ? 10.793  -6.891  -11.256 1.00 29.73 ? 394 ASP A C   1 
ATOM   459  O O   . ASP A 1 60  ? 9.766   -7.390  -11.737 1.00 28.64 ? 394 ASP A O   1 
ATOM   460  C CB  . ASP A 1 60  ? 12.276  -8.605  -12.219 1.00 34.28 ? 394 ASP A CB  1 
ATOM   461  C CG  . ASP A 1 60  ? 12.255  -9.434  -10.912 1.00 37.26 ? 394 ASP A CG  1 
ATOM   462  O OD1 . ASP A 1 60  ? 12.472  -8.855  -9.812  1.00 40.33 ? 394 ASP A OD1 1 
ATOM   463  O OD2 . ASP A 1 60  ? 12.050  -10.677 -10.977 1.00 42.51 ? 394 ASP A OD2 1 
ATOM   464  N N   . ILE A 1 61  ? 10.803  -6.207  -10.114 1.00 25.55 ? 395 ILE A N   1 
ATOM   465  C CA  . ILE A 1 61  ? 9.550   -5.887  -9.420  1.00 23.71 ? 395 ILE A CA  1 
ATOM   466  C C   . ILE A 1 61  ? 8.957   -4.648  -10.107 1.00 22.64 ? 395 ILE A C   1 
ATOM   467  O O   . ILE A 1 61  ? 9.669   -3.662  -10.300 1.00 23.26 ? 395 ILE A O   1 
ATOM   468  C CB  . ILE A 1 61  ? 9.799   -5.608  -7.914  1.00 23.22 ? 395 ILE A CB  1 
ATOM   469  C CG1 . ILE A 1 61  ? 10.560  -6.771  -7.252  1.00 22.69 ? 395 ILE A CG1 1 
ATOM   470  C CG2 . ILE A 1 61  ? 8.483   -5.269  -7.184  1.00 21.17 ? 395 ILE A CG2 1 
ATOM   471  C CD1 . ILE A 1 61  ? 9.963   -8.190  -7.470  1.00 21.69 ? 395 ILE A CD1 1 
ATOM   472  N N   . PRO A 1 62  ? 7.664   -4.688  -10.470 1.00 21.53 ? 396 PRO A N   1 
ATOM   473  C CA  . PRO A 1 62  ? 7.031   -3.540  -11.134 1.00 21.44 ? 396 PRO A CA  1 
ATOM   474  C C   . PRO A 1 62  ? 7.160   -2.214  -10.379 1.00 21.71 ? 396 PRO A C   1 
ATOM   475  O O   . PRO A 1 62  ? 7.343   -2.210  -9.161  1.00 22.57 ? 396 PRO A O   1 
ATOM   476  C CB  . PRO A 1 62  ? 5.579   -3.951  -11.217 1.00 21.01 ? 396 PRO A CB  1 
ATOM   477  C CG  . PRO A 1 62  ? 5.634   -5.475  -11.223 1.00 21.69 ? 396 PRO A CG  1 
ATOM   478  C CD  . PRO A 1 62  ? 6.712   -5.791  -10.271 1.00 20.55 ? 396 PRO A CD  1 
ATOM   479  N N   . PRO A 1 63  ? 7.095   -1.088  -11.106 1.00 21.20 ? 397 PRO A N   1 
ATOM   480  C CA  . PRO A 1 63  ? 7.535   0.178   -10.522 1.00 21.29 ? 397 PRO A CA  1 
ATOM   481  C C   . PRO A 1 63  ? 6.507   0.926   -9.665  1.00 20.41 ? 397 PRO A C   1 
ATOM   482  O O   . PRO A 1 63  ? 6.874   1.889   -8.993  1.00 21.98 ? 397 PRO A O   1 
ATOM   483  C CB  . PRO A 1 63  ? 7.907   0.991   -11.774 1.00 21.46 ? 397 PRO A CB  1 
ATOM   484  C CG  . PRO A 1 63  ? 6.744   0.571   -12.732 1.00 20.84 ? 397 PRO A CG  1 
ATOM   485  C CD  . PRO A 1 63  ? 6.734   -0.931  -12.530 1.00 21.11 ? 397 PRO A CD  1 
ATOM   486  N N   . ILE A 1 64  ? 5.247   0.499   -9.659  1.00 18.17 ? 398 ILE A N   1 
ATOM   487  C CA  . ILE A 1 64  ? 4.234   1.173   -8.816  1.00 19.37 ? 398 ILE A CA  1 
ATOM   488  C C   . ILE A 1 64  ? 3.839   0.181   -7.726  1.00 18.31 ? 398 ILE A C   1 
ATOM   489  O O   . ILE A 1 64  ? 3.171   -0.766  -7.981  1.00 20.58 ? 398 ILE A O   1 
ATOM   490  C CB  . ILE A 1 64  ? 3.014   1.667   -9.586  1.00 19.11 ? 398 ILE A CB  1 
ATOM   491  C CG1 . ILE A 1 64  ? 3.423   2.733   -10.600 1.00 18.70 ? 398 ILE A CG1 1 
ATOM   492  C CG2 . ILE A 1 64  ? 1.999   2.298   -8.619  1.00 20.04 ? 398 ILE A CG2 1 
ATOM   493  C CD1 . ILE A 1 64  ? 2.364   3.227   -11.508 1.00 18.75 ? 398 ILE A CD1 1 
ATOM   494  N N   . VAL A 1 65  ? 4.289   0.410   -6.508  1.00 18.72 ? 399 VAL A N   1 
ATOM   495  C CA  . VAL A 1 65  ? 4.208   -0.615  -5.471  1.00 19.40 ? 399 VAL A CA  1 
ATOM   496  C C   . VAL A 1 65  ? 3.355   -0.088  -4.336  1.00 20.02 ? 399 VAL A C   1 
ATOM   497  O O   . VAL A 1 65  ? 3.624   1.048   -3.830  1.00 21.43 ? 399 VAL A O   1 
ATOM   498  C CB  . VAL A 1 65  ? 5.632   -0.925  -4.940  1.00 19.95 ? 399 VAL A CB  1 
ATOM   499  C CG1 . VAL A 1 65  ? 5.608   -2.017  -3.900  1.00 17.84 ? 399 VAL A CG1 1 
ATOM   500  C CG2 . VAL A 1 65  ? 6.537   -1.381  -6.103  1.00 24.38 ? 399 VAL A CG2 1 
ATOM   501  N N   . PHE A 1 66  ? 2.324   -0.872  -3.967  1.00 20.71 ? 400 PHE A N   1 
ATOM   502  C CA  . PHE A 1 66  ? 1.444   -0.640  -2.821  1.00 18.94 ? 400 PHE A CA  1 
ATOM   503  C C   . PHE A 1 66  ? 1.910   -1.425  -1.616  1.00 19.64 ? 400 PHE A C   1 
ATOM   504  O O   . PHE A 1 66  ? 1.858   -2.670  -1.620  1.00 19.97 ? 400 PHE A O   1 
ATOM   505  C CB  . PHE A 1 66  ? -0.017  -1.029  -3.201  1.00 19.63 ? 400 PHE A CB  1 
ATOM   506  C CG  . PHE A 1 66  ? -0.489  -0.272  -4.378  1.00 19.95 ? 400 PHE A CG  1 
ATOM   507  C CD1 . PHE A 1 66  ? -1.246  0.897   -4.203  1.00 21.32 ? 400 PHE A CD1 1 
ATOM   508  C CD2 . PHE A 1 66  ? -0.087  -0.657  -5.686  1.00 19.67 ? 400 PHE A CD2 1 
ATOM   509  C CE1 . PHE A 1 66  ? -1.621  1.686   -5.332  1.00 18.92 ? 400 PHE A CE1 1 
ATOM   510  C CE2 . PHE A 1 66  ? -0.480  0.092   -6.788  1.00 22.31 ? 400 PHE A CE2 1 
ATOM   511  C CZ  . PHE A 1 66  ? -1.278  1.255   -6.605  1.00 18.91 ? 400 PHE A CZ  1 
ATOM   512  N N   . LEU A 1 67  ? 2.332   -0.708  -0.575  1.00 17.43 ? 401 LEU A N   1 
ATOM   513  C CA  . LEU A 1 67  ? 2.928   -1.329  0.604   1.00 18.21 ? 401 LEU A CA  1 
ATOM   514  C C   . LEU A 1 67  ? 2.063   -1.082  1.809   1.00 17.60 ? 401 LEU A C   1 
ATOM   515  O O   . LEU A 1 67  ? 1.995   0.057   2.306   1.00 18.09 ? 401 LEU A O   1 
ATOM   516  C CB  . LEU A 1 67  ? 4.296   -0.707  0.891   1.00 16.90 ? 401 LEU A CB  1 
ATOM   517  C CG  . LEU A 1 67  ? 5.296   -0.803  -0.289  1.00 21.41 ? 401 LEU A CG  1 
ATOM   518  C CD1 . LEU A 1 67  ? 5.836   0.544   -0.692  1.00 24.31 ? 401 LEU A CD1 1 
ATOM   519  C CD2 . LEU A 1 67  ? 6.454   -1.693  0.043   1.00 27.17 ? 401 LEU A CD2 1 
ATOM   520  N N   . PRO A 1 68  ? 1.336   -2.121  2.254   1.00 19.30 ? 402 PRO A N   1 
ATOM   521  C CA  . PRO A 1 68  ? 0.519   -1.951  3.461   1.00 20.00 ? 402 PRO A CA  1 
ATOM   522  C C   . PRO A 1 68  ? 1.506   -1.895  4.647   1.00 19.79 ? 402 PRO A C   1 
ATOM   523  O O   . PRO A 1 68  ? 2.426   -2.717  4.738   1.00 21.55 ? 402 PRO A O   1 
ATOM   524  C CB  . PRO A 1 68  ? -0.362  -3.194  3.485   1.00 20.59 ? 402 PRO A CB  1 
ATOM   525  C CG  . PRO A 1 68  ? -0.255  -3.796  2.039   1.00 18.93 ? 402 PRO A CG  1 
ATOM   526  C CD  . PRO A 1 68  ? 1.200   -3.476  1.681   1.00 18.87 ? 402 PRO A CD  1 
ATOM   527  N N   . ILE A 1 69  ? 1.321   -0.897  5.506   1.00 20.40 ? 403 ILE A N   1 
ATOM   528  C CA  . ILE A 1 69  ? 2.173   -0.666  6.669   1.00 20.56 ? 403 ILE A CA  1 
ATOM   529  C C   . ILE A 1 69  ? 1.394   -1.116  7.928   1.00 20.77 ? 403 ILE A C   1 
ATOM   530  O O   . ILE A 1 69  ? 0.443   -0.478  8.285   1.00 21.34 ? 403 ILE A O   1 
ATOM   531  C CB  . ILE A 1 69  ? 2.576   0.819   6.757   1.00 19.94 ? 403 ILE A CB  1 
ATOM   532  C CG1 . ILE A 1 69  ? 3.241   1.321   5.453   1.00 20.95 ? 403 ILE A CG1 1 
ATOM   533  C CG2 . ILE A 1 69  ? 3.521   1.063   7.949   1.00 20.81 ? 403 ILE A CG2 1 
ATOM   534  C CD1 . ILE A 1 69  ? 4.436   0.573   4.995   1.00 23.64 ? 403 ILE A CD1 1 
ATOM   535  N N   . ASN A 1 70  ? 1.820   -2.204  8.564   1.00 20.33 ? 404 ASN A N   1 
ATOM   536  C CA  . ASN A 1 70  ? 1.180   -2.767  9.739   1.00 22.31 ? 404 ASN A CA  1 
ATOM   537  C C   . ASN A 1 70  ? 1.810   -2.260  11.017  1.00 22.30 ? 404 ASN A C   1 
ATOM   538  O O   . ASN A 1 70  ? 2.982   -2.476  11.245  1.00 22.14 ? 404 ASN A O   1 
ATOM   539  C CB  . ASN A 1 70  ? 1.283   -4.309  9.703   1.00 22.01 ? 404 ASN A CB  1 
ATOM   540  C CG  . ASN A 1 70  ? 0.388   -4.979  10.698  1.00 24.10 ? 404 ASN A CG  1 
ATOM   541  O OD1 . ASN A 1 70  ? -0.482  -4.351  11.316  1.00 25.84 ? 404 ASN A OD1 1 
ATOM   542  N ND2 . ASN A 1 70  ? 0.549   -6.282  10.825  1.00 23.42 ? 404 ASN A ND2 1 
ATOM   543  N N   . GLN A 1 71  ? 1.030   -1.594  11.849  1.00 23.82 ? 405 GLN A N   1 
ATOM   544  C CA  . GLN A 1 71  ? 1.427   -1.431  13.227  1.00 25.34 ? 405 GLN A CA  1 
ATOM   545  C C   . GLN A 1 71  ? 0.722   -2.578  13.971  1.00 26.91 ? 405 GLN A C   1 
ATOM   546  O O   . GLN A 1 71  ? -0.491  -2.548  14.128  1.00 27.02 ? 405 GLN A O   1 
ATOM   547  C CB  . GLN A 1 71  ? 1.048   -0.050  13.785  1.00 25.72 ? 405 GLN A CB  1 
ATOM   548  C CG  . GLN A 1 71  ? 1.747   0.272   15.110  1.00 25.22 ? 405 GLN A CG  1 
ATOM   549  C CD  . GLN A 1 71  ? 1.363   1.633   15.739  1.00 24.81 ? 405 GLN A CD  1 
ATOM   550  O OE1 . GLN A 1 71  ? 1.497   1.808   16.945  1.00 25.70 ? 405 GLN A OE1 1 
ATOM   551  N NE2 . GLN A 1 71  ? 0.913   2.576   14.937  1.00 23.68 ? 405 GLN A NE2 1 
ATOM   552  N N   . PRO A 1 72  ? 1.491   -3.609  14.369  1.00 28.36 ? 406 PRO A N   1 
ATOM   553  C CA  . PRO A 1 72  ? 0.959   -4.915  14.780  1.00 30.05 ? 406 PRO A CA  1 
ATOM   554  C C   . PRO A 1 72  ? -0.114  -4.798  15.856  1.00 31.23 ? 406 PRO A C   1 
ATOM   555  O O   . PRO A 1 72  ? 0.116   -4.156  16.888  1.00 31.76 ? 406 PRO A O   1 
ATOM   556  C CB  . PRO A 1 72  ? 2.192   -5.639  15.316  1.00 30.20 ? 406 PRO A CB  1 
ATOM   557  C CG  . PRO A 1 72  ? 3.340   -5.019  14.583  1.00 30.07 ? 406 PRO A CG  1 
ATOM   558  C CD  . PRO A 1 72  ? 2.967   -3.569  14.441  1.00 28.68 ? 406 PRO A CD  1 
ATOM   559  N N   . ASN A 1 73  ? -1.280  -5.385  15.571  1.00 32.26 ? 407 ASN A N   1 
ATOM   560  C CA  . ASN A 1 73  ? -2.476  -5.309  16.424  1.00 32.82 ? 407 ASN A CA  1 
ATOM   561  C C   . ASN A 1 73  ? -2.876  -3.896  16.812  1.00 32.57 ? 407 ASN A C   1 
ATOM   562  O O   . ASN A 1 73  ? -3.505  -3.688  17.855  1.00 32.79 ? 407 ASN A O   1 
ATOM   563  C CB  . ASN A 1 73  ? -2.308  -6.140  17.702  1.00 33.92 ? 407 ASN A CB  1 
ATOM   564  C CG  . ASN A 1 73  ? -1.804  -7.527  17.427  1.00 35.58 ? 407 ASN A CG  1 
ATOM   565  O OD1 . ASN A 1 73  ? -0.630  -7.714  17.099  1.00 38.43 ? 407 ASN A OD1 1 
ATOM   566  N ND2 . ASN A 1 73  ? -2.685  -8.517  17.574  1.00 38.59 ? 407 ASN A ND2 1 
ATOM   567  N N   . ALA A 1 74  ? -2.514  -2.924  15.984  1.00 30.92 ? 408 ALA A N   1 
ATOM   568  C CA  . ALA A 1 74  ? -2.760  -1.532  16.340  1.00 30.05 ? 408 ALA A CA  1 
ATOM   569  C C   . ALA A 1 74  ? -3.407  -0.729  15.204  1.00 28.47 ? 408 ALA A C   1 
ATOM   570  O O   . ALA A 1 74  ? -4.426  -0.060  15.417  1.00 28.84 ? 408 ALA A O   1 
ATOM   571  C CB  . ALA A 1 74  ? -1.448  -0.844  16.833  1.00 30.37 ? 408 ALA A CB  1 
ATOM   572  N N   . HIS A 1 75  ? -2.838  -0.794  14.001  1.00 26.45 ? 409 HIS A N   1 
ATOM   573  C CA  . HIS A 1 75  ? -3.237  0.144   12.956  1.00 24.25 ? 409 HIS A CA  1 
ATOM   574  C C   . HIS A 1 75  ? -2.685  -0.269  11.600  1.00 22.96 ? 409 HIS A C   1 
ATOM   575  O O   . HIS A 1 75  ? -1.709  -1.009  11.554  1.00 23.49 ? 409 HIS A O   1 
ATOM   576  C CB  . HIS A 1 75  ? -2.732  1.549   13.337  1.00 23.53 ? 409 HIS A CB  1 
ATOM   577  C CG  . HIS A 1 75  ? -3.213  2.645   12.442  1.00 23.45 ? 409 HIS A CG  1 
ATOM   578  N ND1 . HIS A 1 75  ? -4.530  2.783   12.068  1.00 22.76 ? 409 HIS A ND1 1 
ATOM   579  C CD2 . HIS A 1 75  ? -2.551  3.682   11.867  1.00 20.83 ? 409 HIS A CD2 1 
ATOM   580  C CE1 . HIS A 1 75  ? -4.657  3.853   11.304  1.00 23.26 ? 409 HIS A CE1 1 
ATOM   581  N NE2 . HIS A 1 75  ? -3.470  4.417   11.170  1.00 17.82 ? 409 HIS A NE2 1 
ATOM   582  N N   . TRP A 1 76  ? -3.350  0.163   10.521  1.00 20.74 ? 410 TRP A N   1 
ATOM   583  C CA  . TRP A 1 76  ? -2.850  0.003   9.142   1.00 19.98 ? 410 TRP A CA  1 
ATOM   584  C C   . TRP A 1 76  ? -2.776  1.359   8.416   1.00 19.41 ? 410 TRP A C   1 
ATOM   585  O O   . TRP A 1 76  ? -3.659  2.197   8.562   1.00 19.54 ? 410 TRP A O   1 
ATOM   586  C CB  . TRP A 1 76  ? -3.786  -0.825  8.281   1.00 19.49 ? 410 TRP A CB  1 
ATOM   587  C CG  . TRP A 1 76  ? -3.838  -2.307  8.572   1.00 19.95 ? 410 TRP A CG  1 
ATOM   588  C CD1 . TRP A 1 76  ? -4.795  -2.960  9.286   1.00 17.50 ? 410 TRP A CD1 1 
ATOM   589  C CD2 . TRP A 1 76  ? -2.904  -3.286  8.146   1.00 17.59 ? 410 TRP A CD2 1 
ATOM   590  N NE1 . TRP A 1 76  ? -4.514  -4.324  9.349   1.00 19.75 ? 410 TRP A NE1 1 
ATOM   591  C CE2 . TRP A 1 76  ? -3.362  -4.549  8.635   1.00 18.30 ? 410 TRP A CE2 1 
ATOM   592  C CE3 . TRP A 1 76  ? -1.721  -3.235  7.378   1.00 19.15 ? 410 TRP A CE3 1 
ATOM   593  C CZ2 . TRP A 1 76  ? -2.685  -5.736  8.383   1.00 20.17 ? 410 TRP A CZ2 1 
ATOM   594  C CZ3 . TRP A 1 76  ? -1.033  -4.448  7.135   1.00 19.50 ? 410 TRP A CZ3 1 
ATOM   595  C CH2 . TRP A 1 76  ? -1.521  -5.665  7.639   1.00 17.51 ? 410 TRP A CH2 1 
ATOM   596  N N   . SER A 1 77  ? -1.783  1.524   7.551   1.00 18.22 ? 411 SER A N   1 
ATOM   597  C CA  . SER A 1 77  ? -1.809  2.636   6.615   1.00 17.24 ? 411 SER A CA  1 
ATOM   598  C C   . SER A 1 77  ? -1.190  2.132   5.284   1.00 18.89 ? 411 SER A C   1 
ATOM   599  O O   . SER A 1 77  ? -0.798  0.949   5.160   1.00 18.29 ? 411 SER A O   1 
ATOM   600  C CB  . SER A 1 77  ? -1.057  3.813   7.184   1.00 18.49 ? 411 SER A CB  1 
ATOM   601  O OG  . SER A 1 77  ? 0.292   3.420   7.348   1.00 18.10 ? 411 SER A OG  1 
ATOM   602  N N   . LEU A 1 78  ? -1.102  3.028   4.311   1.00 18.26 ? 412 LEU A N   1 
ATOM   603  C CA  . LEU A 1 78  ? -0.681  2.655   2.997   1.00 19.28 ? 412 LEU A CA  1 
ATOM   604  C C   . LEU A 1 78  ? 0.443   3.543   2.517   1.00 17.75 ? 412 LEU A C   1 
ATOM   605  O O   . LEU A 1 78  ? 0.319   4.807   2.496   1.00 17.60 ? 412 LEU A O   1 
ATOM   606  C CB  . LEU A 1 78  ? -1.819  2.791   2.029   1.00 18.41 ? 412 LEU A CB  1 
ATOM   607  C CG  . LEU A 1 78  ? -1.497  2.524   0.551   1.00 17.88 ? 412 LEU A CG  1 
ATOM   608  C CD1 . LEU A 1 78  ? -0.956  1.077   0.359   1.00 18.52 ? 412 LEU A CD1 1 
ATOM   609  C CD2 . LEU A 1 78  ? -2.724  2.837   -0.361  1.00 20.56 ? 412 LEU A CD2 1 
ATOM   610  N N   . LEU A 1 79  ? 1.533   2.902   2.119   1.00 19.54 ? 413 LEU A N   1 
ATOM   611  C CA  . LEU A 1 79  ? 2.597   3.635   1.477   1.00 18.48 ? 413 LEU A CA  1 
ATOM   612  C C   . LEU A 1 79  ? 2.599   3.227   -0.010  1.00 20.76 ? 413 LEU A C   1 
ATOM   613  O O   . LEU A 1 79  ? 2.681   2.044   -0.327  1.00 21.58 ? 413 LEU A O   1 
ATOM   614  C CB  . LEU A 1 79  ? 3.968   3.260   2.088   1.00 20.62 ? 413 LEU A CB  1 
ATOM   615  C CG  . LEU A 1 79  ? 5.085   4.010   1.457   1.00 23.12 ? 413 LEU A CG  1 
ATOM   616  C CD1 . LEU A 1 79  ? 4.915   5.544   1.773   1.00 24.08 ? 413 LEU A CD1 1 
ATOM   617  C CD2 . LEU A 1 79  ? 6.452   3.438   1.906   1.00 23.92 ? 413 LEU A CD2 1 
ATOM   618  N N   . VAL A 1 80  ? 2.615   4.194   -0.929  1.00 20.96 ? 414 VAL A N   1 
ATOM   619  C CA  . VAL A 1 80  ? 2.670   3.877   -2.368  1.00 20.89 ? 414 VAL A CA  1 
ATOM   620  C C   . VAL A 1 80  ? 4.006   4.412   -2.892  1.00 21.02 ? 414 VAL A C   1 
ATOM   621  O O   . VAL A 1 80  ? 4.404   5.578   -2.641  1.00 21.11 ? 414 VAL A O   1 
ATOM   622  C CB  . VAL A 1 80  ? 1.466   4.480   -3.154  1.00 20.99 ? 414 VAL A CB  1 
ATOM   623  C CG1 . VAL A 1 80  ? 1.578   4.194   -4.679  1.00 21.53 ? 414 VAL A CG1 1 
ATOM   624  C CG2 . VAL A 1 80  ? 0.177   3.952   -2.618  1.00 21.92 ? 414 VAL A CG2 1 
ATOM   625  N N   . VAL A 1 81  ? 4.730   3.586   -3.604  1.00 21.27 ? 415 VAL A N   1 
ATOM   626  C CA  . VAL A 1 81  ? 6.017   4.043   -4.141  1.00 21.01 ? 415 VAL A CA  1 
ATOM   627  C C   . VAL A 1 81  ? 5.973   3.937   -5.684  1.00 22.40 ? 415 VAL A C   1 
ATOM   628  O O   . VAL A 1 81  ? 5.679   2.852   -6.200  1.00 24.09 ? 415 VAL A O   1 
ATOM   629  C CB  . VAL A 1 81  ? 7.199   3.209   -3.600  1.00 23.27 ? 415 VAL A CB  1 
ATOM   630  C CG1 . VAL A 1 81  ? 8.415   3.501   -4.357  1.00 19.85 ? 415 VAL A CG1 1 
ATOM   631  C CG2 . VAL A 1 81  ? 7.451   3.428   -2.093  1.00 22.96 ? 415 VAL A CG2 1 
ATOM   632  N N   . ASP A 1 82  ? 6.251   5.034   -6.403  1.00 20.98 ? 416 ASP A N   1 
ATOM   633  C CA  . ASP A 1 82  ? 6.182   5.071   -7.849  1.00 21.23 ? 416 ASP A CA  1 
ATOM   634  C C   . ASP A 1 82  ? 7.586   5.355   -8.356  1.00 21.55 ? 416 ASP A C   1 
ATOM   635  O O   . ASP A 1 82  ? 8.048   6.486   -8.312  1.00 21.23 ? 416 ASP A O   1 
ATOM   636  C CB  . ASP A 1 82  ? 5.203   6.162   -8.324  1.00 22.02 ? 416 ASP A CB  1 
ATOM   637  C CG  . ASP A 1 82  ? 5.359   6.497   -9.830  1.00 23.01 ? 416 ASP A CG  1 
ATOM   638  O OD1 . ASP A 1 82  ? 5.873   5.649   -10.609 1.00 22.07 ? 416 ASP A OD1 1 
ATOM   639  O OD2 . ASP A 1 82  ? 4.988   7.609   -10.270 1.00 24.79 ? 416 ASP A OD2 1 
ATOM   640  N N   . ARG A 1 83  ? 8.294   4.311   -8.770  1.00 22.20 ? 417 ARG A N   1 
ATOM   641  C CA  . ARG A 1 83  ? 9.653   4.519   -9.255  1.00 22.44 ? 417 ARG A CA  1 
ATOM   642  C C   . ARG A 1 83  ? 9.823   4.361   -10.758 1.00 22.00 ? 417 ARG A C   1 
ATOM   643  O O   . ARG A 1 83  ? 10.913  3.993   -11.239 1.00 19.74 ? 417 ARG A O   1 
ATOM   644  C CB  . ARG A 1 83  ? 10.652  3.663   -8.476  1.00 23.92 ? 417 ARG A CB  1 
ATOM   645  C CG  . ARG A 1 83  ? 10.308  2.206   -8.550  1.00 27.35 ? 417 ARG A CG  1 
ATOM   646  C CD  . ARG A 1 83  ? 10.810  1.375   -7.377  1.00 32.63 ? 417 ARG A CD  1 
ATOM   647  N NE  . ARG A 1 83  ? 10.226  0.052   -7.565  1.00 31.50 ? 417 ARG A NE  1 
ATOM   648  C CZ  . ARG A 1 83  ? 10.281  -0.953  -6.715  1.00 32.86 ? 417 ARG A CZ  1 
ATOM   649  N NH1 . ARG A 1 83  ? 10.952  -0.836  -5.571  1.00 34.52 ? 417 ARG A NH1 1 
ATOM   650  N NH2 . ARG A 1 83  ? 9.668   -2.086  -7.046  1.00 32.11 ? 417 ARG A NH2 1 
ATOM   651  N N   . ARG A 1 84  ? 8.794   4.736   -11.515 1.00 20.37 ? 418 ARG A N   1 
ATOM   652  C CA  . ARG A 1 84  ? 8.848   4.645   -12.974 1.00 20.75 ? 418 ARG A CA  1 
ATOM   653  C C   . ARG A 1 84  ? 9.997   5.525   -13.486 1.00 21.84 ? 418 ARG A C   1 
ATOM   654  O O   . ARG A 1 84  ? 10.700  5.187   -14.441 1.00 21.58 ? 418 ARG A O   1 
ATOM   655  C CB  . ARG A 1 84  ? 7.539   5.065   -13.634 1.00 20.73 ? 418 ARG A CB  1 
ATOM   656  C CG  . ARG A 1 84  ? 6.423   4.038   -13.536 1.00 20.37 ? 418 ARG A CG  1 
ATOM   657  C CD  . ARG A 1 84  ? 5.190   4.619   -14.142 1.00 17.87 ? 418 ARG A CD  1 
ATOM   658  N NE  . ARG A 1 84  ? 4.643   5.589   -13.195 1.00 21.52 ? 418 ARG A NE  1 
ATOM   659  C CZ  . ARG A 1 84  ? 3.561   6.336   -13.430 1.00 23.18 ? 418 ARG A CZ  1 
ATOM   660  N NH1 . ARG A 1 84  ? 2.929   6.256   -14.603 1.00 22.78 ? 418 ARG A NH1 1 
ATOM   661  N NH2 . ARG A 1 84  ? 3.136   7.184   -12.499 1.00 23.69 ? 418 ARG A NH2 1 
ATOM   662  N N   . ASN A 1 85  ? 10.210  6.642   -12.805 1.00 22.84 ? 419 ASN A N   1 
ATOM   663  C CA  . ASN A 1 85  ? 11.342  7.509   -13.089 1.00 24.19 ? 419 ASN A CA  1 
ATOM   664  C C   . ASN A 1 85  ? 12.345  7.326   -11.959 1.00 25.42 ? 419 ASN A C   1 
ATOM   665  O O   . ASN A 1 85  ? 12.120  7.796   -10.848 1.00 26.62 ? 419 ASN A O   1 
ATOM   666  C CB  . ASN A 1 85  ? 10.892  8.963   -13.168 1.00 23.60 ? 419 ASN A CB  1 
ATOM   667  C CG  . ASN A 1 85  ? 12.022  9.907   -13.547 1.00 25.26 ? 419 ASN A CG  1 
ATOM   668  O OD1 . ASN A 1 85  ? 13.219  9.568   -13.472 1.00 26.99 ? 419 ASN A OD1 1 
ATOM   669  N ND2 . ASN A 1 85  ? 11.645  11.112  -13.966 1.00 25.81 ? 419 ASN A ND2 1 
ATOM   670  N N   . LYS A 1 86  ? 13.451  6.655   -12.256 1.00 26.97 ? 420 LYS A N   1 
ATOM   671  C CA  . LYS A 1 86  ? 14.473  6.352   -11.253 1.00 27.41 ? 420 LYS A CA  1 
ATOM   672  C C   . LYS A 1 86  ? 15.243  7.554   -10.677 1.00 27.30 ? 420 LYS A C   1 
ATOM   673  O O   . LYS A 1 86  ? 15.758  7.459   -9.565  1.00 28.12 ? 420 LYS A O   1 
ATOM   674  C CB  . LYS A 1 86  ? 15.432  5.262   -11.752 1.00 27.64 ? 420 LYS A CB  1 
ATOM   675  C CG  . LYS A 1 86  ? 16.560  5.794   -12.642 1.00 29.25 ? 420 LYS A CG  1 
ATOM   676  C CD  . LYS A 1 86  ? 17.797  4.926   -12.582 1.00 32.53 ? 420 LYS A CD  1 
ATOM   677  C CE  . LYS A 1 86  ? 19.025  5.792   -12.819 1.00 29.76 ? 420 LYS A CE  1 
ATOM   678  N NZ  . LYS A 1 86  ? 18.831  6.685   -14.005 1.00 31.02 ? 420 LYS A NZ  1 
ATOM   679  N N   . ASP A 1 87  ? 15.317  8.670   -11.410 1.00 26.69 ? 421 ASP A N   1 
ATOM   680  C CA  . ASP A 1 87  ? 15.869  9.885   -10.847 1.00 26.93 ? 421 ASP A CA  1 
ATOM   681  C C   . ASP A 1 87  ? 14.858  10.763  -10.118 1.00 26.54 ? 421 ASP A C   1 
ATOM   682  O O   . ASP A 1 87  ? 15.236  11.802  -9.564  1.00 27.33 ? 421 ASP A O   1 
ATOM   683  C CB  . ASP A 1 87  ? 16.622  10.698  -11.914 1.00 27.64 ? 421 ASP A CB  1 
ATOM   684  C CG  . ASP A 1 87  ? 17.414  9.827   -12.866 1.00 31.20 ? 421 ASP A CG  1 
ATOM   685  O OD1 . ASP A 1 87  ? 18.677  9.842   -12.821 1.00 34.93 ? 421 ASP A OD1 1 
ATOM   686  O OD2 . ASP A 1 87  ? 16.773  9.140   -13.694 1.00 36.35 ? 421 ASP A OD2 1 
ATOM   687  N N   . ALA A 1 88  ? 13.583  10.367  -10.132 1.00 23.81 ? 422 ALA A N   1 
ATOM   688  C CA  . ALA A 1 88  ? 12.541  11.141  -9.465  1.00 23.51 ? 422 ALA A CA  1 
ATOM   689  C C   . ALA A 1 88  ? 11.482  10.195  -8.914  1.00 23.69 ? 422 ALA A C   1 
ATOM   690  O O   . ALA A 1 88  ? 10.307  10.234  -9.321  1.00 24.06 ? 422 ALA A O   1 
ATOM   691  C CB  . ALA A 1 88  ? 11.922  12.155  -10.392 1.00 21.94 ? 422 ALA A CB  1 
ATOM   692  N N   . VAL A 1 89  ? 11.913  9.346   -7.978  1.00 24.02 ? 423 VAL A N   1 
ATOM   693  C CA  . VAL A 1 89  ? 10.988  8.470   -7.260  1.00 22.63 ? 423 VAL A CA  1 
ATOM   694  C C   . VAL A 1 89  ? 9.986   9.258   -6.400  1.00 23.24 ? 423 VAL A C   1 
ATOM   695  O O   . VAL A 1 89  ? 10.346  10.162  -5.630  1.00 22.93 ? 423 VAL A O   1 
ATOM   696  C CB  . VAL A 1 89  ? 11.762  7.405   -6.427  1.00 22.64 ? 423 VAL A CB  1 
ATOM   697  C CG1 . VAL A 1 89  ? 10.861  6.380   -5.820  1.00 23.81 ? 423 VAL A CG1 1 
ATOM   698  C CG2 . VAL A 1 89  ? 12.829  6.732   -7.323  1.00 23.64 ? 423 VAL A CG2 1 
ATOM   699  N N   . ALA A 1 90  ? 8.718   8.910   -6.532  1.00 20.86 ? 424 ALA A N   1 
ATOM   700  C CA  . ALA A 1 90  ? 7.696   9.562   -5.747  1.00 21.09 ? 424 ALA A CA  1 
ATOM   701  C C   . ALA A 1 90  ? 7.134   8.535   -4.765  1.00 21.31 ? 424 ALA A C   1 
ATOM   702  O O   . ALA A 1 90  ? 7.070   7.332   -5.089  1.00 22.29 ? 424 ALA A O   1 
ATOM   703  C CB  . ALA A 1 90  ? 6.606   10.086  -6.638  1.00 22.05 ? 424 ALA A CB  1 
ATOM   704  N N   . ALA A 1 91  ? 6.793   8.993   -3.559  1.00 19.72 ? 425 ALA A N   1 
ATOM   705  C CA  . ALA A 1 91  ? 6.264   8.115   -2.504  1.00 19.80 ? 425 ALA A CA  1 
ATOM   706  C C   . ALA A 1 91  ? 5.170   8.866   -1.750  1.00 18.87 ? 425 ALA A C   1 
ATOM   707  O O   . ALA A 1 91  ? 5.293   10.104  -1.517  1.00 18.88 ? 425 ALA A O   1 
ATOM   708  C CB  . ALA A 1 91  ? 7.436   7.689   -1.583  1.00 20.01 ? 425 ALA A CB  1 
ATOM   709  N N   . TYR A 1 92  ? 4.063   8.167   -1.423  1.00 19.86 ? 426 TYR A N   1 
ATOM   710  C CA  . TYR A 1 92  ? 2.862   8.758   -0.893  1.00 20.98 ? 426 TYR A CA  1 
ATOM   711  C C   . TYR A 1 92  ? 2.392   7.923   0.294   1.00 21.05 ? 426 TYR A C   1 
ATOM   712  O O   . TYR A 1 92  ? 2.267   6.693   0.180   1.00 21.37 ? 426 TYR A O   1 
ATOM   713  C CB  . TYR A 1 92  ? 1.729   8.707   -1.925  1.00 20.95 ? 426 TYR A CB  1 
ATOM   714  C CG  . TYR A 1 92  ? 2.141   9.321   -3.266  1.00 20.05 ? 426 TYR A CG  1 
ATOM   715  C CD1 . TYR A 1 92  ? 1.972   10.713  -3.511  1.00 18.78 ? 426 TYR A CD1 1 
ATOM   716  C CD2 . TYR A 1 92  ? 2.670   8.516   -4.295  1.00 21.51 ? 426 TYR A CD2 1 
ATOM   717  C CE1 . TYR A 1 92  ? 2.373   11.290  -4.767  1.00 22.77 ? 426 TYR A CE1 1 
ATOM   718  C CE2 . TYR A 1 92  ? 3.075   9.098   -5.577  1.00 20.89 ? 426 TYR A CE2 1 
ATOM   719  C CZ  . TYR A 1 92  ? 2.928   10.477  -5.752  1.00 20.86 ? 426 TYR A CZ  1 
ATOM   720  O OH  . TYR A 1 92  ? 3.249   11.033  -6.929  1.00 22.34 ? 426 TYR A OH  1 
ATOM   721  N N   . HIS A 1 93  ? 2.194   8.574   1.433   1.00 20.25 ? 427 HIS A N   1 
ATOM   722  C CA  . HIS A 1 93  ? 1.663   7.884   2.620   1.00 21.18 ? 427 HIS A CA  1 
ATOM   723  C C   . HIS A 1 93  ? 0.254   8.329   2.991   1.00 21.67 ? 427 HIS A C   1 
ATOM   724  O O   . HIS A 1 93  ? 0.003   9.540   3.160   1.00 22.51 ? 427 HIS A O   1 
ATOM   725  C CB  . HIS A 1 93  ? 2.665   8.056   3.795   1.00 21.58 ? 427 HIS A CB  1 
ATOM   726  C CG  . HIS A 1 93  ? 2.283   7.270   5.021   1.00 21.25 ? 427 HIS A CG  1 
ATOM   727  N ND1 . HIS A 1 93  ? 2.158   7.842   6.269   1.00 20.11 ? 427 HIS A ND1 1 
ATOM   728  C CD2 . HIS A 1 93  ? 2.012   5.950   5.187   1.00 20.55 ? 427 HIS A CD2 1 
ATOM   729  C CE1 . HIS A 1 93  ? 1.786   6.922   7.146   1.00 25.12 ? 427 HIS A CE1 1 
ATOM   730  N NE2 . HIS A 1 93  ? 1.674   5.767   6.512   1.00 24.47 ? 427 HIS A NE2 1 
ATOM   731  N N   . TYR A 1 94  ? -0.661  7.360   3.120   1.00 19.71 ? 428 TYR A N   1 
ATOM   732  C CA  . TYR A 1 94  ? -2.079  7.586   3.447   1.00 21.65 ? 428 TYR A CA  1 
ATOM   733  C C   . TYR A 1 94  ? -2.366  6.936   4.802   1.00 21.28 ? 428 TYR A C   1 
ATOM   734  O O   . TYR A 1 94  ? -2.191  5.716   4.981   1.00 19.83 ? 428 TYR A O   1 
ATOM   735  C CB  . TYR A 1 94  ? -3.012  7.008   2.379   1.00 21.05 ? 428 TYR A CB  1 
ATOM   736  C CG  . TYR A 1 94  ? -2.705  7.445   0.915   1.00 21.17 ? 428 TYR A CG  1 
ATOM   737  C CD1 . TYR A 1 94  ? -3.367  8.533   0.364   1.00 22.84 ? 428 TYR A CD1 1 
ATOM   738  C CD2 . TYR A 1 94  ? -1.845  6.719   0.092   1.00 23.11 ? 428 TYR A CD2 1 
ATOM   739  C CE1 . TYR A 1 94  ? -3.158  8.946   -0.954  1.00 19.28 ? 428 TYR A CE1 1 
ATOM   740  C CE2 . TYR A 1 94  ? -1.601  7.112   -1.260  1.00 22.65 ? 428 TYR A CE2 1 
ATOM   741  C CZ  . TYR A 1 94  ? -2.295  8.237   -1.774  1.00 19.65 ? 428 TYR A CZ  1 
ATOM   742  O OH  . TYR A 1 94  ? -2.097  8.655   -3.066  1.00 18.80 ? 428 TYR A OH  1 
ATOM   743  N N   . ASP A 1 95  ? -2.735  7.773   5.752   1.00 22.16 ? 429 ASP A N   1 
ATOM   744  C CA  . ASP A 1 95  ? -3.100  7.303   7.091   1.00 24.72 ? 429 ASP A CA  1 
ATOM   745  C C   . ASP A 1 95  ? -4.483  7.821   7.459   1.00 26.66 ? 429 ASP A C   1 
ATOM   746  O O   . ASP A 1 95  ? -4.727  9.023   7.448   1.00 25.47 ? 429 ASP A O   1 
ATOM   747  C CB  . ASP A 1 95  ? -2.019  7.770   8.079   1.00 23.59 ? 429 ASP A CB  1 
ATOM   748  C CG  . ASP A 1 95  ? -2.239  7.235   9.505   1.00 22.71 ? 429 ASP A CG  1 
ATOM   749  O OD1 . ASP A 1 95  ? -1.295  7.325   10.319  1.00 25.45 ? 429 ASP A OD1 1 
ATOM   750  O OD2 . ASP A 1 95  ? -3.345  6.753   9.841   1.00 22.51 ? 429 ASP A OD2 1 
ATOM   751  N N   . SER A 1 96  ? -5.400  6.925   7.796   1.00 32.51 ? 430 SER A N   1 
ATOM   752  C CA  . SER A 1 96  ? -6.738  7.305   7.963   1.00 36.30 ? 430 SER A CA  1 
ATOM   753  C C   . SER A 1 96  ? -7.030  7.685   9.420   1.00 37.52 ? 430 SER A C   1 
ATOM   754  O O   . SER A 1 96  ? -8.195  8.040   9.780   1.00 37.96 ? 430 SER A O   1 
ATOM   755  C CB  . SER A 1 96  ? -7.586  6.128   7.530   1.00 37.80 ? 430 SER A CB  1 
ATOM   756  O OG  . SER A 1 96  ? -7.316  4.988   8.330   1.00 40.37 ? 430 SER A OG  1 
ATOM   757  N N   . MET A 1 97  ? -6.016  7.563   10.282  1.00 38.68 ? 431 MET A N   1 
ATOM   758  C CA  . MET A 1 97  ? -6.193  7.748   11.729  1.00 41.79 ? 431 MET A CA  1 
ATOM   759  C C   . MET A 1 97  ? -6.384  9.211   12.009  1.00 42.50 ? 431 MET A C   1 
ATOM   760  O O   . MET A 1 97  ? -5.551  10.028  11.617  1.00 42.79 ? 431 MET A O   1 
ATOM   761  C CB  . MET A 1 97  ? -4.999  7.230   12.540  1.00 41.10 ? 431 MET A CB  1 
ATOM   762  C CG  . MET A 1 97  ? -5.278  7.153   14.069  1.00 43.66 ? 431 MET A CG  1 
ATOM   763  S SD  . MET A 1 97  ? -3.851  6.602   15.071  1.00 43.05 ? 431 MET A SD  1 
ATOM   764  C CE  . MET A 1 97  ? -4.133  4.818   15.054  1.00 45.70 ? 431 MET A CE  1 
ATOM   765  N N   . ALA A 1 98  ? -7.481  9.516   12.692  1.00 43.87 ? 432 ALA A N   1 
ATOM   766  C CA  . ALA A 1 98  ? -7.913  10.880  13.020  1.00 44.31 ? 432 ALA A CA  1 
ATOM   767  C C   . ALA A 1 98  ? -6.838  11.704  13.742  1.00 44.75 ? 432 ALA A C   1 
ATOM   768  O O   . ALA A 1 98  ? -6.503  12.819  13.319  1.00 45.09 ? 432 ALA A O   1 
ATOM   769  C CB  . ALA A 1 98  ? -9.191  10.835  13.849  1.00 44.67 ? 432 ALA A CB  1 
ATOM   770  N N   . GLN A 1 99  ? -6.320  11.156  14.840  1.00 44.26 ? 433 GLN A N   1 
ATOM   771  C CA  . GLN A 1 99  ? -5.190  11.758  15.532  1.00 43.74 ? 433 GLN A CA  1 
ATOM   772  C C   . GLN A 1 99  ? -3.951  10.890  15.325  1.00 43.11 ? 433 GLN A C   1 
ATOM   773  O O   . GLN A 1 99  ? -3.763  9.863   15.995  1.00 42.67 ? 433 GLN A O   1 
ATOM   774  C CB  . GLN A 1 99  ? -5.503  11.986  17.017  1.00 43.71 ? 433 GLN A CB  1 
ATOM   775  C CG  . GLN A 1 99  ? -6.419  13.185  17.278  1.00 44.21 ? 433 GLN A CG  1 
ATOM   776  C CD  . GLN A 1 99  ? -7.159  13.085  18.596  1.00 45.36 ? 433 GLN A CD  1 
ATOM   777  O OE1 . GLN A 1 99  ? -7.245  12.010  19.193  1.00 46.07 ? 433 GLN A OE1 1 
ATOM   778  N NE2 . GLN A 1 99  ? -7.704  14.210  19.061  1.00 46.12 ? 433 GLN A NE2 1 
ATOM   779  N N   . LYS A 1 100 ? -3.125  11.314  14.370  1.00 42.46 ? 434 LYS A N   1 
ATOM   780  C CA  . LYS A 1 100 ? -1.876  10.626  14.029  1.00 41.73 ? 434 LYS A CA  1 
ATOM   781  C C   . LYS A 1 100 ? -1.012  10.367  15.255  1.00 40.66 ? 434 LYS A C   1 
ATOM   782  O O   . LYS A 1 100 ? -1.010  11.137  16.227  1.00 40.82 ? 434 LYS A O   1 
ATOM   783  C CB  . LYS A 1 100 ? -1.086  11.406  12.958  1.00 42.34 ? 434 LYS A CB  1 
ATOM   784  C CG  . LYS A 1 100 ? -1.473  11.132  11.479  1.00 43.07 ? 434 LYS A CG  1 
ATOM   785  C CD  . LYS A 1 100 ? -2.956  11.399  11.142  1.00 46.50 ? 434 LYS A CD  1 
ATOM   786  C CE  . LYS A 1 100 ? -3.279  11.169  9.658   1.00 44.56 ? 434 LYS A CE  1 
ATOM   787  N NZ  . LYS A 1 100 ? -4.742  11.285  9.314   1.00 44.96 ? 434 LYS A NZ  1 
ATOM   788  N N   . ASP A 1 101 ? -0.294  9.254   15.191  1.00 39.17 ? 435 ASP A N   1 
ATOM   789  C CA  . ASP A 1 101 ? 0.660   8.805   16.208  1.00 37.23 ? 435 ASP A CA  1 
ATOM   790  C C   . ASP A 1 101 ? 2.019   8.752   15.511  1.00 35.01 ? 435 ASP A C   1 
ATOM   791  O O   . ASP A 1 101 ? 2.066   8.331   14.342  1.00 36.00 ? 435 ASP A O   1 
ATOM   792  C CB  . ASP A 1 101 ? 0.241   7.396   16.638  1.00 37.87 ? 435 ASP A CB  1 
ATOM   793  C CG  . ASP A 1 101 ? 1.298   6.686   17.437  1.00 38.08 ? 435 ASP A CG  1 
ATOM   794  O OD1 . ASP A 1 101 ? 1.616   7.148   18.542  1.00 39.98 ? 435 ASP A OD1 1 
ATOM   795  O OD2 . ASP A 1 101 ? 1.788   5.647   16.959  1.00 40.99 ? 435 ASP A OD2 1 
ATOM   796  N N   . PRO A 1 102 ? 3.119   9.145   16.198  1.00 32.50 ? 436 PRO A N   1 
ATOM   797  C CA  . PRO A 1 102 ? 4.414   9.162   15.460  1.00 30.38 ? 436 PRO A CA  1 
ATOM   798  C C   . PRO A 1 102 ? 4.840   7.783   14.993  1.00 28.38 ? 436 PRO A C   1 
ATOM   799  O O   . PRO A 1 102 ? 5.580   7.675   14.007  1.00 26.57 ? 436 PRO A O   1 
ATOM   800  C CB  . PRO A 1 102 ? 5.430   9.739   16.463  1.00 30.35 ? 436 PRO A CB  1 
ATOM   801  C CG  . PRO A 1 102 ? 4.735   9.697   17.822  1.00 31.89 ? 436 PRO A CG  1 
ATOM   802  C CD  . PRO A 1 102 ? 3.256   9.531   17.611  1.00 32.30 ? 436 PRO A CD  1 
ATOM   803  N N   . GLN A 1 103 ? 4.333   6.721   15.622  1.00 27.25 ? 437 GLN A N   1 
ATOM   804  C CA  . GLN A 1 103 ? 4.797   5.390   15.221  1.00 28.17 ? 437 GLN A CA  1 
ATOM   805  C C   . GLN A 1 103 ? 4.468   5.051   13.764  1.00 26.74 ? 437 GLN A C   1 
ATOM   806  O O   . GLN A 1 103 ? 5.329   4.533   13.053  1.00 26.19 ? 437 GLN A O   1 
ATOM   807  C CB  . GLN A 1 103 ? 4.410   4.233   16.176  1.00 28.82 ? 437 GLN A CB  1 
ATOM   808  C CG  . GLN A 1 103 ? 5.324   2.988   15.891  1.00 32.00 ? 437 GLN A CG  1 
ATOM   809  C CD  . GLN A 1 103 ? 5.112   1.764   16.767  1.00 32.55 ? 437 GLN A CD  1 
ATOM   810  O OE1 . GLN A 1 103 ? 4.736   1.868   17.941  1.00 38.82 ? 437 GLN A OE1 1 
ATOM   811  N NE2 . GLN A 1 103 ? 5.350   0.572   16.186  1.00 35.62 ? 437 GLN A NE2 1 
ATOM   812  N N   . GLN A 1 104 ? 3.261   5.372   13.318  1.00 25.71 ? 438 GLN A N   1 
ATOM   813  C CA  . GLN A 1 104 ? 2.821   4.953   11.964  1.00 26.28 ? 438 GLN A CA  1 
ATOM   814  C C   . GLN A 1 104 ? 3.681   5.529   10.829  1.00 26.38 ? 438 GLN A C   1 
ATOM   815  O O   . GLN A 1 104 ? 4.144   4.788   9.941   1.00 26.18 ? 438 GLN A O   1 
ATOM   816  C CB  . GLN A 1 104 ? 1.330   5.296   11.759  1.00 26.20 ? 438 GLN A CB  1 
ATOM   817  C CG  . GLN A 1 104 ? 0.742   4.509   10.561  1.00 24.88 ? 438 GLN A CG  1 
ATOM   818  C CD  . GLN A 1 104 ? 0.512   3.007   10.865  1.00 25.99 ? 438 GLN A CD  1 
ATOM   819  O OE1 . GLN A 1 104 ? 0.542   2.588   12.006  1.00 27.05 ? 438 GLN A OE1 1 
ATOM   820  N NE2 . GLN A 1 104 ? 0.223   2.232   9.840   1.00 24.50 ? 438 GLN A NE2 1 
ATOM   821  N N   . ARG A 1 105 ? 3.936   6.843   10.874  1.00 25.82 ? 439 ARG A N   1 
ATOM   822  C CA  . ARG A 1 105 ? 4.760   7.445   9.847   1.00 26.92 ? 439 ARG A CA  1 
ATOM   823  C C   . ARG A 1 105 ? 6.212   6.963   9.967   1.00 26.24 ? 439 ARG A C   1 
ATOM   824  O O   . ARG A 1 105 ? 6.872   6.792   8.960   1.00 26.36 ? 439 ARG A O   1 
ATOM   825  C CB  . ARG A 1 105 ? 4.669   8.969   9.887   1.00 28.44 ? 439 ARG A CB  1 
ATOM   826  C CG  . ARG A 1 105 ? 5.570   9.676   8.913   1.00 28.81 ? 439 ARG A CG  1 
ATOM   827  C CD  . ARG A 1 105 ? 5.283   9.398   7.435   1.00 30.63 ? 439 ARG A CD  1 
ATOM   828  N NE  . ARG A 1 105 ? 6.387   9.943   6.644   1.00 33.59 ? 439 ARG A NE  1 
ATOM   829  C CZ  . ARG A 1 105 ? 6.330   11.037  5.882   1.00 34.47 ? 439 ARG A CZ  1 
ATOM   830  N NH1 . ARG A 1 105 ? 5.203   11.726  5.729   1.00 30.54 ? 439 ARG A NH1 1 
ATOM   831  N NH2 . ARG A 1 105 ? 7.416   11.425  5.252   1.00 34.62 ? 439 ARG A NH2 1 
ATOM   832  N N   . TYR A 1 106 ? 6.674   6.710   11.192  1.00 24.93 ? 440 TYR A N   1 
ATOM   833  C CA  . TYR A 1 106 ? 7.974   6.076   11.411  1.00 25.47 ? 440 TYR A CA  1 
ATOM   834  C C   . TYR A 1 106 ? 8.116   4.738   10.665  1.00 25.27 ? 440 TYR A C   1 
ATOM   835  O O   . TYR A 1 106 ? 9.107   4.505   9.982   1.00 24.75 ? 440 TYR A O   1 
ATOM   836  C CB  . TYR A 1 106 ? 8.208   5.889   12.906  1.00 25.99 ? 440 TYR A CB  1 
ATOM   837  C CG  . TYR A 1 106 ? 9.473   5.133   13.223  1.00 27.05 ? 440 TYR A CG  1 
ATOM   838  C CD1 . TYR A 1 106 ? 10.721  5.694   12.949  1.00 27.61 ? 440 TYR A CD1 1 
ATOM   839  C CD2 . TYR A 1 106 ? 9.421   3.871   13.809  1.00 28.13 ? 440 TYR A CD2 1 
ATOM   840  C CE1 . TYR A 1 106 ? 11.904  5.021   13.247  1.00 28.01 ? 440 TYR A CE1 1 
ATOM   841  C CE2 . TYR A 1 106 ? 10.604  3.179   14.113  1.00 31.48 ? 440 TYR A CE2 1 
ATOM   842  C CZ  . TYR A 1 106 ? 11.832  3.767   13.814  1.00 30.10 ? 440 TYR A CZ  1 
ATOM   843  O OH  . TYR A 1 106 ? 12.995  3.101   14.123  1.00 31.89 ? 440 TYR A OH  1 
ATOM   844  N N   . LEU A 1 107 ? 7.127   3.862   10.819  1.00 24.86 ? 441 LEU A N   1 
ATOM   845  C CA  . LEU A 1 107 ? 7.103   2.576   10.122  1.00 25.33 ? 441 LEU A CA  1 
ATOM   846  C C   . LEU A 1 107 ? 7.150   2.813   8.599   1.00 26.14 ? 441 LEU A C   1 
ATOM   847  O O   . LEU A 1 107 ? 7.951   2.182   7.937   1.00 25.20 ? 441 LEU A O   1 
ATOM   848  C CB  . LEU A 1 107 ? 5.854   1.754   10.514  1.00 25.02 ? 441 LEU A CB  1 
ATOM   849  C CG  . LEU A 1 107 ? 5.768   1.269   11.975  1.00 26.38 ? 441 LEU A CG  1 
ATOM   850  C CD1 . LEU A 1 107 ? 4.423   0.606   12.271  1.00 26.98 ? 441 LEU A CD1 1 
ATOM   851  C CD2 . LEU A 1 107 ? 6.910   0.291   12.232  1.00 28.83 ? 441 LEU A CD2 1 
ATOM   852  N N   . ALA A 1 108 ? 6.313   3.720   8.064   1.00 25.67 ? 442 ALA A N   1 
ATOM   853  C CA  . ALA A 1 108 ? 6.387   4.084   6.611   1.00 25.79 ? 442 ALA A CA  1 
ATOM   854  C C   . ALA A 1 108 ? 7.784   4.622   6.178   1.00 26.35 ? 442 ALA A C   1 
ATOM   855  O O   . ALA A 1 108 ? 8.277   4.339   5.069   1.00 23.78 ? 442 ALA A O   1 
ATOM   856  C CB  . ALA A 1 108 ? 5.294   5.098   6.258   1.00 26.88 ? 442 ALA A CB  1 
ATOM   857  N N   . ASP A 1 109 ? 8.409   5.394   7.068   1.00 26.31 ? 443 ASP A N   1 
ATOM   858  C CA  . ASP A 1 109 ? 9.681   6.009   6.784   1.00 26.28 ? 443 ASP A CA  1 
ATOM   859  C C   . ASP A 1 109 ? 10.787  4.978   6.788   1.00 26.47 ? 443 ASP A C   1 
ATOM   860  O O   . ASP A 1 109 ? 11.708  5.040   5.978   1.00 26.27 ? 443 ASP A O   1 
ATOM   861  C CB  . ASP A 1 109 ? 9.990   7.109   7.802   1.00 26.27 ? 443 ASP A CB  1 
ATOM   862  C CG  . ASP A 1 109 ? 9.229   8.386   7.512   1.00 27.98 ? 443 ASP A CG  1 
ATOM   863  O OD1 . ASP A 1 109 ? 8.650   8.495   6.405   1.00 28.41 ? 443 ASP A OD1 1 
ATOM   864  O OD2 . ASP A 1 109 ? 9.215   9.279   8.385   1.00 29.77 ? 443 ASP A OD2 1 
ATOM   865  N N   . MET A 1 110 ? 10.681  4.016   7.695   1.00 26.79 ? 444 MET A N   1 
ATOM   866  C CA  . MET A 1 110 ? 11.676  2.926   7.746   1.00 27.12 ? 444 MET A CA  1 
ATOM   867  C C   . MET A 1 110 ? 11.545  2.072   6.494   1.00 26.68 ? 444 MET A C   1 
ATOM   868  O O   . MET A 1 110 ? 12.549  1.717   5.898   1.00 27.49 ? 444 MET A O   1 
ATOM   869  C CB  . MET A 1 110 ? 11.449  2.029   8.961   1.00 27.12 ? 444 MET A CB  1 
ATOM   870  C CG  . MET A 1 110 ? 11.861  2.662   10.312  1.00 28.92 ? 444 MET A CG  1 
ATOM   871  S SD  . MET A 1 110 ? 13.512  3.414   10.294  1.00 34.78 ? 444 MET A SD  1 
ATOM   872  C CE  . MET A 1 110 ? 14.603  2.003   10.025  1.00 36.58 ? 444 MET A CE  1 
ATOM   873  N N   . ALA A 1 111 ? 10.307  1.774   6.084   1.00 26.29 ? 445 ALA A N   1 
ATOM   874  C CA  . ALA A 1 111 ? 10.066  1.048   4.838   1.00 25.49 ? 445 ALA A CA  1 
ATOM   875  C C   . ALA A 1 111 ? 10.720  1.794   3.662   1.00 26.09 ? 445 ALA A C   1 
ATOM   876  O O   . ALA A 1 111 ? 11.493  1.188   2.903   1.00 25.02 ? 445 ALA A O   1 
ATOM   877  C CB  . ALA A 1 111 ? 8.555   0.821   4.580   1.00 27.01 ? 445 ALA A CB  1 
ATOM   878  N N   . ALA A 1 112 ? 10.445  3.098   3.546   1.00 26.30 ? 446 ALA A N   1 
ATOM   879  C CA  . ALA A 1 112 ? 11.035  3.944   2.485   1.00 26.73 ? 446 ALA A CA  1 
ATOM   880  C C   . ALA A 1 112 ? 12.526  3.918   2.582   1.00 26.75 ? 446 ALA A C   1 
ATOM   881  O O   . ALA A 1 112 ? 13.217  3.719   1.599   1.00 26.94 ? 446 ALA A O   1 
ATOM   882  C CB  . ALA A 1 112 ? 10.523  5.380   2.568   1.00 26.25 ? 446 ALA A CB  1 
ATOM   883  N N   . TYR A 1 113 ? 13.037  4.091   3.788   1.00 28.11 ? 447 TYR A N   1 
ATOM   884  C CA  . TYR A 1 113 ? 14.491  4.045   3.988   1.00 27.92 ? 447 TYR A CA  1 
ATOM   885  C C   . TYR A 1 113 ? 15.122  2.725   3.501   1.00 28.64 ? 447 TYR A C   1 
ATOM   886  O O   . TYR A 1 113 ? 16.117  2.728   2.789   1.00 28.31 ? 447 TYR A O   1 
ATOM   887  C CB  . TYR A 1 113 ? 14.811  4.224   5.464   1.00 28.78 ? 447 TYR A CB  1 
ATOM   888  C CG  . TYR A 1 113 ? 16.272  4.032   5.785   1.00 31.65 ? 447 TYR A CG  1 
ATOM   889  C CD1 . TYR A 1 113 ? 17.187  5.057   5.566   1.00 32.30 ? 447 TYR A CD1 1 
ATOM   890  C CD2 . TYR A 1 113 ? 16.734  2.833   6.350   1.00 33.02 ? 447 TYR A CD2 1 
ATOM   891  C CE1 . TYR A 1 113 ? 18.526  4.885   5.863   1.00 34.79 ? 447 TYR A CE1 1 
ATOM   892  C CE2 . TYR A 1 113 ? 18.069  2.656   6.655   1.00 35.70 ? 447 TYR A CE2 1 
ATOM   893  C CZ  . TYR A 1 113 ? 18.955  3.681   6.409   1.00 34.08 ? 447 TYR A CZ  1 
ATOM   894  O OH  . TYR A 1 113 ? 20.273  3.489   6.710   1.00 35.21 ? 447 TYR A OH  1 
ATOM   895  N N   . HIS A 1 114 ? 14.529  1.597   3.895   1.00 29.00 ? 448 HIS A N   1 
ATOM   896  C CA  . HIS A 1 114 ? 15.052  0.280   3.498   1.00 29.48 ? 448 HIS A CA  1 
ATOM   897  C C   . HIS A 1 114 ? 14.801  -0.087  2.029   1.00 29.66 ? 448 HIS A C   1 
ATOM   898  O O   . HIS A 1 114 ? 15.362  -1.060  1.537   1.00 30.05 ? 448 HIS A O   1 
ATOM   899  C CB  . HIS A 1 114 ? 14.497  -0.810  4.404   1.00 29.61 ? 448 HIS A CB  1 
ATOM   900  C CG  . HIS A 1 114 ? 15.042  -0.766  5.793   1.00 29.88 ? 448 HIS A CG  1 
ATOM   901  N ND1 . HIS A 1 114 ? 16.384  -0.902  6.069   1.00 32.34 ? 448 HIS A ND1 1 
ATOM   902  C CD2 . HIS A 1 114 ? 14.422  -0.633  6.987   1.00 32.53 ? 448 HIS A CD2 1 
ATOM   903  C CE1 . HIS A 1 114 ? 16.570  -0.823  7.375   1.00 33.56 ? 448 HIS A CE1 1 
ATOM   904  N NE2 . HIS A 1 114 ? 15.394  -0.652  7.952   1.00 33.56 ? 448 HIS A NE2 1 
ATOM   905  N N   . LEU A 1 115 ? 13.954  0.682   1.351   1.00 28.82 ? 449 LEU A N   1 
ATOM   906  C CA  . LEU A 1 115 ? 13.767  0.528   -0.095  1.00 28.94 ? 449 LEU A CA  1 
ATOM   907  C C   . LEU A 1 115 ? 14.766  1.364   -0.898  1.00 29.23 ? 449 LEU A C   1 
ATOM   908  O O   . LEU A 1 115 ? 14.681  1.416   -2.139  1.00 29.49 ? 449 LEU A O   1 
ATOM   909  C CB  . LEU A 1 115 ? 12.315  0.856   -0.510  1.00 28.52 ? 449 LEU A CB  1 
ATOM   910  C CG  . LEU A 1 115 ? 11.309  -0.254  -0.174  1.00 28.95 ? 449 LEU A CG  1 
ATOM   911  C CD1 . LEU A 1 115 ? 9.910   0.311   -0.280  1.00 30.35 ? 449 LEU A CD1 1 
ATOM   912  C CD2 . LEU A 1 115 ? 11.450  -1.554  -0.984  1.00 26.57 ? 449 LEU A CD2 1 
ATOM   913  N N   . GLY A 1 116 ? 15.697  2.013   -0.194  1.00 27.57 ? 450 GLY A N   1 
ATOM   914  C CA  . GLY A 1 116 ? 16.589  2.969   -0.800  1.00 29.63 ? 450 GLY A CA  1 
ATOM   915  C C   . GLY A 1 116 ? 16.097  4.384   -1.068  1.00 28.96 ? 450 GLY A C   1 
ATOM   916  O O   . GLY A 1 116 ? 16.770  5.144   -1.795  1.00 30.08 ? 450 GLY A O   1 
ATOM   917  N N   . LEU A 1 117 ? 14.984  4.781   -0.461  1.00 28.83 ? 451 LEU A N   1 
ATOM   918  C CA  . LEU A 1 117 ? 14.379  6.079   -0.744  1.00 28.29 ? 451 LEU A CA  1 
ATOM   919  C C   . LEU A 1 117 ? 14.798  7.098   0.284   1.00 28.53 ? 451 LEU A C   1 
ATOM   920  O O   . LEU A 1 117 ? 15.318  6.744   1.343   1.00 29.38 ? 451 LEU A O   1 
ATOM   921  C CB  . LEU A 1 117 ? 12.835  5.981   -0.788  1.00 28.83 ? 451 LEU A CB  1 
ATOM   922  C CG  . LEU A 1 117 ? 12.289  4.874   -1.702  1.00 31.71 ? 451 LEU A CG  1 
ATOM   923  C CD1 . LEU A 1 117 ? 10.810  5.044   -1.730  1.00 34.08 ? 451 LEU A CD1 1 
ATOM   924  C CD2 . LEU A 1 117 ? 12.894  4.955   -3.101  1.00 31.74 ? 451 LEU A CD2 1 
ATOM   925  N N   . ASP A 1 118 ? 14.643  8.369   -0.064  1.00 28.15 ? 452 ASP A N   1 
ATOM   926  C CA  . ASP A 1 118 ? 14.834  9.448   0.886   1.00 27.40 ? 452 ASP A CA  1 
ATOM   927  C C   . ASP A 1 118 ? 13.482  9.632   1.567   1.00 27.24 ? 452 ASP A C   1 
ATOM   928  O O   . ASP A 1 118 ? 12.566  10.166  0.967   1.00 28.05 ? 452 ASP A O   1 
ATOM   929  C CB  . ASP A 1 118 ? 15.204  10.738  0.158   1.00 27.50 ? 452 ASP A CB  1 
ATOM   930  C CG  . ASP A 1 118 ? 15.316  11.924  1.108   1.00 29.69 ? 452 ASP A CG  1 
ATOM   931  O OD1 . ASP A 1 118 ? 15.030  11.743  2.324   1.00 29.76 ? 452 ASP A OD1 1 
ATOM   932  O OD2 . ASP A 1 118 ? 15.690  13.031  0.644   1.00 28.86 ? 452 ASP A OD2 1 
ATOM   933  N N   . TYR A 1 119 ? 13.380  9.221   2.820   1.00 27.32 ? 453 TYR A N   1 
ATOM   934  C CA  . TYR A 1 119 ? 12.095  9.234   3.532   1.00 27.35 ? 453 TYR A CA  1 
ATOM   935  C C   . TYR A 1 119 ? 11.510  10.643  3.651   1.00 27.13 ? 453 TYR A C   1 
ATOM   936  O O   . TYR A 1 119 ? 10.298  10.811  3.772   1.00 27.15 ? 453 TYR A O   1 
ATOM   937  C CB  . TYR A 1 119 ? 12.223  8.548   4.915   1.00 27.78 ? 453 TYR A CB  1 
ATOM   938  C CG  . TYR A 1 119 ? 12.883  9.415   5.954   1.00 26.82 ? 453 TYR A CG  1 
ATOM   939  C CD1 . TYR A 1 119 ? 12.129  10.303  6.739   1.00 26.99 ? 453 TYR A CD1 1 
ATOM   940  C CD2 . TYR A 1 119 ? 14.279  9.407   6.112   1.00 28.05 ? 453 TYR A CD2 1 
ATOM   941  C CE1 . TYR A 1 119 ? 12.764  11.156  7.688   1.00 27.43 ? 453 TYR A CE1 1 
ATOM   942  C CE2 . TYR A 1 119 ? 14.907  10.237  7.050   1.00 29.47 ? 453 TYR A CE2 1 
ATOM   943  C CZ  . TYR A 1 119 ? 14.149  11.105  7.821   1.00 27.00 ? 453 TYR A CZ  1 
ATOM   944  O OH  . TYR A 1 119 ? 14.809  11.906  8.719   1.00 29.70 ? 453 TYR A OH  1 
ATOM   945  N N   . GLN A 1 120 ? 12.369  11.654  3.594   1.00 28.30 ? 454 GLN A N   1 
ATOM   946  C CA  . GLN A 1 120 ? 11.921  13.026  3.717   1.00 28.70 ? 454 GLN A CA  1 
ATOM   947  C C   . GLN A 1 120 ? 11.107  13.449  2.501   1.00 28.49 ? 454 GLN A C   1 
ATOM   948  O O   . GLN A 1 120 ? 10.319  14.388  2.597   1.00 29.14 ? 454 GLN A O   1 
ATOM   949  C CB  . GLN A 1 120 ? 13.095  13.963  3.934   1.00 29.63 ? 454 GLN A CB  1 
ATOM   950  C CG  . GLN A 1 120 ? 13.699  13.792  5.290   1.00 31.91 ? 454 GLN A CG  1 
ATOM   951  C CD  . GLN A 1 120 ? 14.608  14.936  5.653   1.00 37.35 ? 454 GLN A CD  1 
ATOM   952  O OE1 . GLN A 1 120 ? 15.821  14.762  5.827   1.00 38.42 ? 454 GLN A OE1 1 
ATOM   953  N NE2 . GLN A 1 120 ? 14.031  16.127  5.756   1.00 39.54 ? 454 GLN A NE2 1 
ATOM   954  N N   . GLN A 1 121 ? 11.273  12.736  1.388   1.00 27.17 ? 455 GLN A N   1 
ATOM   955  C CA  . GLN A 1 121 ? 10.492  13.016  0.175   1.00 28.17 ? 455 GLN A CA  1 
ATOM   956  C C   . GLN A 1 121 ? 9.071   12.459  0.154   1.00 27.40 ? 455 GLN A C   1 
ATOM   957  O O   . GLN A 1 121 ? 8.295   12.849  -0.729  1.00 27.08 ? 455 GLN A O   1 
ATOM   958  C CB  . GLN A 1 121 ? 11.210  12.548  -1.095  1.00 28.44 ? 455 GLN A CB  1 
ATOM   959  C CG  . GLN A 1 121 ? 12.519  13.277  -1.408  1.00 32.26 ? 455 GLN A CG  1 
ATOM   960  C CD  . GLN A 1 121 ? 12.479  14.768  -1.166  1.00 36.38 ? 455 GLN A CD  1 
ATOM   961  O OE1 . GLN A 1 121 ? 13.304  15.300  -0.428  1.00 42.84 ? 455 GLN A OE1 1 
ATOM   962  N NE2 . GLN A 1 121 ? 11.544  15.461  -1.801  1.00 37.01 ? 455 GLN A NE2 1 
ATOM   963  N N   . THR A 1 122 ? 8.720   11.566  1.084   1.00 27.65 ? 456 THR A N   1 
ATOM   964  C CA  . THR A 1 122 ? 7.372   10.950  1.087   1.00 27.14 ? 456 THR A CA  1 
ATOM   965  C C   . THR A 1 122 ? 6.277   11.967  1.432   1.00 27.06 ? 456 THR A C   1 
ATOM   966  O O   . THR A 1 122 ? 6.369   12.676  2.461   1.00 28.07 ? 456 THR A O   1 
ATOM   967  C CB  . THR A 1 122 ? 7.281   9.738   2.085   1.00 26.77 ? 456 THR A CB  1 
ATOM   968  O OG1 . THR A 1 122 ? 8.292   8.761   1.767   1.00 30.28 ? 456 THR A OG1 1 
ATOM   969  C CG2 . THR A 1 122 ? 5.892   9.130   2.102   1.00 28.55 ? 456 THR A CG2 1 
ATOM   970  N N   . HIS A 1 123 ? 5.241   12.036  0.604   1.00 26.09 ? 457 HIS A N   1 
ATOM   971  C CA  . HIS A 1 123 ? 4.193   13.016  0.798   1.00 26.11 ? 457 HIS A CA  1 
ATOM   972  C C   . HIS A 1 123 ? 3.196   12.460  1.775   1.00 26.57 ? 457 HIS A C   1 
ATOM   973  O O   . HIS A 1 123 ? 2.754   11.323  1.605   1.00 28.20 ? 457 HIS A O   1 
ATOM   974  C CB  . HIS A 1 123 ? 3.490   13.336  -0.522  1.00 26.40 ? 457 HIS A CB  1 
ATOM   975  C CG  . HIS A 1 123 ? 4.389   13.880  -1.581  1.00 29.65 ? 457 HIS A CG  1 
ATOM   976  N ND1 . HIS A 1 123 ? 4.742   15.207  -1.632  1.00 32.71 ? 457 HIS A ND1 1 
ATOM   977  C CD2 . HIS A 1 123 ? 5.002   13.284  -2.631  1.00 32.59 ? 457 HIS A CD2 1 
ATOM   978  C CE1 . HIS A 1 123 ? 5.538   15.411  -2.671  1.00 35.55 ? 457 HIS A CE1 1 
ATOM   979  N NE2 . HIS A 1 123 ? 5.720   14.257  -3.289  1.00 35.48 ? 457 HIS A NE2 1 
ATOM   980  N N   . GLU A 1 124 ? 2.856   13.201  2.824   1.00 26.46 ? 458 GLU A N   1 
ATOM   981  C CA  . GLU A 1 124 ? 1.735   12.783  3.669   1.00 27.94 ? 458 GLU A CA  1 
ATOM   982  C C   . GLU A 1 124 ? 0.416   13.186  3.007   1.00 28.41 ? 458 GLU A C   1 
ATOM   983  O O   . GLU A 1 124 ? 0.060   14.368  2.989   1.00 28.43 ? 458 GLU A O   1 
ATOM   984  C CB  . GLU A 1 124 ? 1.828   13.406  5.072   1.00 28.01 ? 458 GLU A CB  1 
ATOM   985  C CG  . GLU A 1 124 ? 0.902   12.766  6.102   1.00 30.30 ? 458 GLU A CG  1 
ATOM   986  C CD  . GLU A 1 124 ? 1.291   11.302  6.467   1.00 34.29 ? 458 GLU A CD  1 
ATOM   987  O OE1 . GLU A 1 124 ? 2.463   10.909  6.299   1.00 35.61 ? 458 GLU A OE1 1 
ATOM   988  O OE2 . GLU A 1 124 ? 0.408   10.562  6.928   1.00 36.63 ? 458 GLU A OE2 1 
ATOM   989  N N   . MET A 1 125 ? -0.331  12.200  2.512   1.00 28.95 ? 459 MET A N   1 
ATOM   990  C CA  . MET A 1 125 ? -1.489  12.457  1.653   1.00 29.38 ? 459 MET A CA  1 
ATOM   991  C C   . MET A 1 125 ? -2.811  12.345  2.364   1.00 30.59 ? 459 MET A C   1 
ATOM   992  O O   . MET A 1 125 ? -2.948  11.546  3.282   1.00 30.81 ? 459 MET A O   1 
ATOM   993  C CB  . MET A 1 125 ? -1.488  11.484  0.484   1.00 28.93 ? 459 MET A CB  1 
ATOM   994  C CG  . MET A 1 125 ? -0.240  11.566  -0.355  1.00 28.51 ? 459 MET A CG  1 
ATOM   995  S SD  . MET A 1 125 ? -0.220  13.015  -1.374  1.00 30.16 ? 459 MET A SD  1 
ATOM   996  C CE  . MET A 1 125 ? -1.454  12.642  -2.623  1.00 28.84 ? 459 MET A CE  1 
ATOM   997  N N   . PRO A 1 126 ? -3.800  13.158  1.932   1.00 31.34 ? 460 PRO A N   1 
ATOM   998  C CA  . PRO A 1 126 ? -5.140  13.011  2.483   1.00 31.53 ? 460 PRO A CA  1 
ATOM   999  C C   . PRO A 1 126 ? -5.852  11.741  1.996   1.00 30.63 ? 460 PRO A C   1 
ATOM   1000 O O   . PRO A 1 126 ? -5.804  11.350  0.791   1.00 30.37 ? 460 PRO A O   1 
ATOM   1001 C CB  . PRO A 1 126 ? -5.864  14.277  2.015   1.00 32.02 ? 460 PRO A CB  1 
ATOM   1002 C CG  . PRO A 1 126 ? -5.181  14.668  0.729   1.00 32.14 ? 460 PRO A CG  1 
ATOM   1003 C CD  . PRO A 1 126 ? -3.721  14.232  0.913   1.00 31.71 ? 460 PRO A CD  1 
ATOM   1004 N N   . ILE A 1 127 ? -6.507  11.110  2.966   1.00 30.71 ? 461 ILE A N   1 
ATOM   1005 C CA  . ILE A 1 127 ? -7.342  9.952   2.749   1.00 29.91 ? 461 ILE A CA  1 
ATOM   1006 C C   . ILE A 1 127 ? -8.539  10.107  3.688   1.00 29.72 ? 461 ILE A C   1 
ATOM   1007 O O   . ILE A 1 127 ? -8.404  10.676  4.771   1.00 29.36 ? 461 ILE A O   1 
ATOM   1008 C CB  . ILE A 1 127 ? -6.582  8.661   3.054   1.00 29.87 ? 461 ILE A CB  1 
ATOM   1009 C CG1 . ILE A 1 127 ? -7.442  7.431   2.762   1.00 29.95 ? 461 ILE A CG1 1 
ATOM   1010 C CG2 . ILE A 1 127 ? -6.053  8.681   4.511   1.00 31.38 ? 461 ILE A CG2 1 
ATOM   1011 C CD1 . ILE A 1 127 ? -6.628  6.183   2.471   1.00 29.36 ? 461 ILE A CD1 1 
ATOM   1012 N N   . ALA A 1 128 ? -9.696  9.612   3.266   1.00 29.29 ? 462 ALA A N   1 
ATOM   1013 C CA  . ALA A 1 128 ? -10.880 9.616   4.130   1.00 30.58 ? 462 ALA A CA  1 
ATOM   1014 C C   . ALA A 1 128 ? -10.457 9.236   5.560   1.00 31.10 ? 462 ALA A C   1 
ATOM   1015 O O   . ALA A 1 128 ? -9.677  8.284   5.750   1.00 30.79 ? 462 ALA A O   1 
ATOM   1016 C CB  . ALA A 1 128 ? -11.924 8.647   3.601   1.00 29.12 ? 462 ALA A CB  1 
ATOM   1017 N N   . ILE A 1 129 ? -10.947 9.993   6.548   1.00 32.01 ? 463 ILE A N   1 
ATOM   1018 C CA  . ILE A 1 129 ? -10.607 9.732   7.941   1.00 33.71 ? 463 ILE A CA  1 
ATOM   1019 C C   . ILE A 1 129 ? -11.548 8.686   8.557   1.00 34.16 ? 463 ILE A C   1 
ATOM   1020 O O   . ILE A 1 129 ? -12.791 8.848   8.545   1.00 32.95 ? 463 ILE A O   1 
ATOM   1021 C CB  . ILE A 1 129 ? -10.550 11.055  8.797   1.00 33.65 ? 463 ILE A CB  1 
ATOM   1022 C CG1 . ILE A 1 129 ? -9.208  11.766  8.552   1.00 35.03 ? 463 ILE A CG1 1 
ATOM   1023 C CG2 . ILE A 1 129 ? -10.720 10.759  10.296  1.00 34.20 ? 463 ILE A CG2 1 
ATOM   1024 C CD1 . ILE A 1 129 ? -9.093  13.175  9.177   1.00 34.93 ? 463 ILE A CD1 1 
ATOM   1025 N N   . GLN A 1 130 ? -10.959 7.622   9.108   1.00 34.47 ? 464 GLN A N   1 
ATOM   1026 C CA  . GLN A 1 130 ? -11.764 6.565   9.734   1.00 35.43 ? 464 GLN A CA  1 
ATOM   1027 C C   . GLN A 1 130 ? -12.645 7.080   10.884  1.00 35.94 ? 464 GLN A C   1 
ATOM   1028 O O   . GLN A 1 130 ? -12.194 7.849   11.742  1.00 35.60 ? 464 GLN A O   1 
ATOM   1029 C CB  . GLN A 1 130 ? -10.890 5.376   10.160  1.00 35.07 ? 464 GLN A CB  1 
ATOM   1030 C CG  . GLN A 1 130 ? -9.922  5.681   11.274  1.00 35.59 ? 464 GLN A CG  1 
ATOM   1031 C CD  . GLN A 1 130 ? -8.891  4.585   11.444  1.00 35.18 ? 464 GLN A CD  1 
ATOM   1032 O OE1 . GLN A 1 130 ? -8.020  4.396   10.597  1.00 33.53 ? 464 GLN A OE1 1 
ATOM   1033 N NE2 . GLN A 1 130 ? -8.984  3.860   12.547  1.00 33.50 ? 464 GLN A NE2 1 
ATOM   1034 N N   . SER A 1 131 ? -13.916 6.678   10.858  1.00 36.72 ? 465 SER A N   1 
ATOM   1035 C CA  . SER A 1 131 ? -14.877 7.058   11.888  1.00 37.70 ? 465 SER A CA  1 
ATOM   1036 C C   . SER A 1 131 ? -15.014 5.916   12.872  1.00 37.77 ? 465 SER A C   1 
ATOM   1037 O O   . SER A 1 131 ? -14.601 6.042   14.020  1.00 39.13 ? 465 SER A O   1 
ATOM   1038 C CB  . SER A 1 131 ? -16.238 7.386   11.270  1.00 37.67 ? 465 SER A CB  1 
ATOM   1039 O OG  . SER A 1 131 ? -16.794 6.239   10.651  1.00 37.93 ? 465 SER A OG  1 
ATOM   1040 N N   . TYR A 1 134 ? -11.116 -0.088  14.107  1.00 29.92 ? 468 TYR A N   1 
ATOM   1041 C CA  . TYR A 1 134 ? -11.168 -1.399  13.446  1.00 30.23 ? 468 TYR A CA  1 
ATOM   1042 C C   . TYR A 1 134 ? -11.156 -1.365  11.902  1.00 29.66 ? 468 TYR A C   1 
ATOM   1043 O O   . TYR A 1 134 ? -10.924 -2.402  11.235  1.00 28.79 ? 468 TYR A O   1 
ATOM   1044 C CB  . TYR A 1 134 ? -12.372 -2.198  13.953  1.00 30.57 ? 468 TYR A CB  1 
ATOM   1045 C CG  . TYR A 1 134 ? -12.178 -2.750  15.359  1.00 33.00 ? 468 TYR A CG  1 
ATOM   1046 C CD1 . TYR A 1 134 ? -10.898 -3.081  15.835  1.00 33.99 ? 468 TYR A CD1 1 
ATOM   1047 C CD2 . TYR A 1 134 ? -13.268 -2.975  16.200  1.00 33.20 ? 468 TYR A CD2 1 
ATOM   1048 C CE1 . TYR A 1 134 ? -10.718 -3.602  17.132  1.00 34.50 ? 468 TYR A CE1 1 
ATOM   1049 C CE2 . TYR A 1 134 ? -13.098 -3.495  17.486  1.00 33.63 ? 468 TYR A CE2 1 
ATOM   1050 C CZ  . TYR A 1 134 ? -11.819 -3.808  17.942  1.00 33.15 ? 468 TYR A CZ  1 
ATOM   1051 O OH  . TYR A 1 134 ? -11.635 -4.327  19.217  1.00 34.08 ? 468 TYR A OH  1 
ATOM   1052 N N   . SER A 1 135 ? -11.387 -0.179  11.337  1.00 29.52 ? 469 SER A N   1 
ATOM   1053 C CA  . SER A 1 135 ? -11.459 -0.032  9.878   1.00 28.45 ? 469 SER A CA  1 
ATOM   1054 C C   . SER A 1 135 ? -10.209 0.538   9.167   1.00 26.94 ? 469 SER A C   1 
ATOM   1055 O O   . SER A 1 135 ? -10.266 0.835   7.974   1.00 27.30 ? 469 SER A O   1 
ATOM   1056 C CB  . SER A 1 135 ? -12.721 0.749   9.506   1.00 29.47 ? 469 SER A CB  1 
ATOM   1057 O OG  . SER A 1 135 ? -12.744 2.018   10.152  1.00 32.39 ? 469 SER A OG  1 
ATOM   1058 N N   . ALA A 1 136 ? -9.075  0.653   9.853   1.00 24.61 ? 470 ALA A N   1 
ATOM   1059 C CA  . ALA A 1 136 ? -7.862  1.108   9.165   1.00 23.58 ? 470 ALA A CA  1 
ATOM   1060 C C   . ALA A 1 136 ? -7.640  0.197   7.942   1.00 23.11 ? 470 ALA A C   1 
ATOM   1061 O O   . ALA A 1 136 ? -7.381  0.677   6.839   1.00 23.33 ? 470 ALA A O   1 
ATOM   1062 C CB  . ALA A 1 136 ? -6.659  1.133   10.113  1.00 23.35 ? 470 ALA A CB  1 
ATOM   1063 N N   . GLY A 1 137 ? -7.843  -1.109  8.130   1.00 22.96 ? 471 GLY A N   1 
ATOM   1064 C CA  . GLY A 1 137 ? -7.694  -2.118  7.075   1.00 22.78 ? 471 GLY A CA  1 
ATOM   1065 C C   . GLY A 1 137 ? -8.550  -1.902  5.841   1.00 21.90 ? 471 GLY A C   1 
ATOM   1066 O O   . GLY A 1 137 ? -8.064  -2.044  4.709   1.00 22.88 ? 471 GLY A O   1 
ATOM   1067 N N   . ASP A 1 138 ? -9.831  -1.610  6.061   1.00 23.75 ? 472 ASP A N   1 
ATOM   1068 C CA  . ASP A 1 138 ? -10.761 -1.293  4.998   1.00 23.15 ? 472 ASP A CA  1 
ATOM   1069 C C   . ASP A 1 138 ? -10.252 -0.087  4.180   1.00 22.42 ? 472 ASP A C   1 
ATOM   1070 O O   . ASP A 1 138 ? -10.329 -0.080  2.941   1.00 20.42 ? 472 ASP A O   1 
ATOM   1071 C CB  . ASP A 1 138 ? -12.145 -0.992  5.590   1.00 22.99 ? 472 ASP A CB  1 
ATOM   1072 C CG  . ASP A 1 138 ? -12.708 -2.147  6.486   1.00 23.55 ? 472 ASP A CG  1 
ATOM   1073 O OD1 . ASP A 1 138 ? -13.886 -2.574  6.295   1.00 31.30 ? 472 ASP A OD1 1 
ATOM   1074 O OD2 . ASP A 1 138 ? -12.039 -2.576  7.448   1.00 25.22 ? 472 ASP A OD2 1 
ATOM   1075 N N   . HIS A 1 139 ? -9.765  0.931   4.880   1.00 22.64 ? 473 HIS A N   1 
ATOM   1076 C CA  . HIS A 1 139 ? -9.305  2.166   4.241   1.00 22.72 ? 473 HIS A CA  1 
ATOM   1077 C C   . HIS A 1 139 ? -8.071  1.903   3.336   1.00 22.85 ? 473 HIS A C   1 
ATOM   1078 O O   . HIS A 1 139 ? -7.995  2.411   2.204   1.00 22.23 ? 473 HIS A O   1 
ATOM   1079 C CB  . HIS A 1 139 ? -9.024  3.249   5.289   1.00 23.13 ? 473 HIS A CB  1 
ATOM   1080 C CG  . HIS A 1 139 ? -10.251 3.949   5.788   1.00 25.33 ? 473 HIS A CG  1 
ATOM   1081 N ND1 . HIS A 1 139 ? -11.001 3.467   6.835   1.00 26.44 ? 473 HIS A ND1 1 
ATOM   1082 C CD2 . HIS A 1 139 ? -10.843 5.109   5.406   1.00 26.61 ? 473 HIS A CD2 1 
ATOM   1083 C CE1 . HIS A 1 139 ? -12.012 4.287   7.075   1.00 27.46 ? 473 HIS A CE1 1 
ATOM   1084 N NE2 . HIS A 1 139 ? -11.953 5.284   6.212   1.00 27.40 ? 473 HIS A NE2 1 
ATOM   1085 N N   . VAL A 1 140 ? -7.158  1.069   3.824   1.00 22.40 ? 474 VAL A N   1 
ATOM   1086 C CA  . VAL A 1 140 ? -6.026  0.609   3.030   1.00 21.53 ? 474 VAL A CA  1 
ATOM   1087 C C   . VAL A 1 140 ? -6.468  -0.161  1.774   1.00 21.52 ? 474 VAL A C   1 
ATOM   1088 O O   . VAL A 1 140 ? -6.050  0.228   0.669   1.00 22.12 ? 474 VAL A O   1 
ATOM   1089 C CB  . VAL A 1 140 ? -4.963  -0.152  3.848   1.00 23.01 ? 474 VAL A CB  1 
ATOM   1090 C CG1 . VAL A 1 140 ? -3.904  -0.722  2.899   1.00 20.21 ? 474 VAL A CG1 1 
ATOM   1091 C CG2 . VAL A 1 140 ? -4.288  0.801   4.831   1.00 22.35 ? 474 VAL A CG2 1 
ATOM   1092 N N   . LEU A 1 141 ? -7.406  -1.121  1.916   1.00 22.97 ? 475 LEU A N   1 
ATOM   1093 C CA  . LEU A 1 141 ? -7.815  -1.948  0.793   1.00 22.73 ? 475 LEU A CA  1 
ATOM   1094 C C   . LEU A 1 141 ? -8.472  -1.081  -0.262  1.00 23.87 ? 475 LEU A C   1 
ATOM   1095 O O   . LEU A 1 141 ? -8.176  -1.190  -1.456  1.00 23.88 ? 475 LEU A O   1 
ATOM   1096 C CB  . LEU A 1 141 ? -8.781  -3.075  1.242   1.00 22.13 ? 475 LEU A CB  1 
ATOM   1097 C CG  . LEU A 1 141 ? -8.024  -4.160  2.009   1.00 22.53 ? 475 LEU A CG  1 
ATOM   1098 C CD1 . LEU A 1 141 ? -8.782  -5.364  2.291   1.00 17.24 ? 475 LEU A CD1 1 
ATOM   1099 C CD2 . LEU A 1 141 ? -6.728  -4.581  1.214   1.00 17.32 ? 475 LEU A CD2 1 
ATOM   1100 N N   . THR A 1 142 ? -9.429  -0.267  0.185   1.00 21.95 ? 476 THR A N   1 
ATOM   1101 C CA  . THR A 1 142 ? -10.102 0.675   -0.677  1.00 21.55 ? 476 THR A CA  1 
ATOM   1102 C C   . THR A 1 142 ? -9.157  1.627   -1.390  1.00 22.11 ? 476 THR A C   1 
ATOM   1103 O O   . THR A 1 142 ? -9.325  1.822   -2.598  1.00 22.75 ? 476 THR A O   1 
ATOM   1104 C CB  . THR A 1 142 ? -11.176 1.485   0.092   1.00 21.71 ? 476 THR A CB  1 
ATOM   1105 O OG1 . THR A 1 142 ? -11.950 0.582   0.884   1.00 22.03 ? 476 THR A OG1 1 
ATOM   1106 C CG2 . THR A 1 142 ? -12.074 2.233   -0.909  1.00 21.75 ? 476 THR A CG2 1 
ATOM   1107 N N   . GLY A 1 143 ? -8.171  2.179   -0.680  1.00 21.45 ? 477 GLY A N   1 
ATOM   1108 C CA  . GLY A 1 143 ? -7.197  3.060   -1.320  1.00 20.97 ? 477 GLY A CA  1 
ATOM   1109 C C   . GLY A 1 143 ? -6.401  2.343   -2.425  1.00 22.45 ? 477 GLY A C   1 
ATOM   1110 O O   . GLY A 1 143 ? -6.183  2.906   -3.537  1.00 23.04 ? 477 GLY A O   1 
ATOM   1111 N N   . ILE A 1 144 ? -6.025  1.089   -2.163  1.00 20.45 ? 478 ILE A N   1 
ATOM   1112 C CA  . ILE A 1 144 ? -5.283  0.306   -3.151  1.00 21.91 ? 478 ILE A CA  1 
ATOM   1113 C C   . ILE A 1 144 ? -6.092  0.123   -4.430  1.00 22.59 ? 478 ILE A C   1 
ATOM   1114 O O   . ILE A 1 144 ? -5.570  0.372   -5.523  1.00 22.10 ? 478 ILE A O   1 
ATOM   1115 C CB  . ILE A 1 144 ? -4.828  -1.061  -2.568  1.00 22.19 ? 478 ILE A CB  1 
ATOM   1116 C CG1 . ILE A 1 144 ? -3.702  -0.849  -1.504  1.00 20.51 ? 478 ILE A CG1 1 
ATOM   1117 C CG2 . ILE A 1 144 ? -4.368  -1.981  -3.720  1.00 22.66 ? 478 ILE A CG2 1 
ATOM   1118 C CD1 . ILE A 1 144 ? -3.362  -2.111  -0.726  1.00 20.17 ? 478 ILE A CD1 1 
ATOM   1119 N N   . GLU A 1 145 ? -7.353  -0.245  -4.250  1.00 20.91 ? 479 GLU A N   1 
ATOM   1120 C CA  . GLU A 1 145 ? -8.328  -0.568  -5.310  1.00 23.25 ? 479 GLU A CA  1 
ATOM   1121 C C   . GLU A 1 145 ? -8.629  0.652   -6.218  1.00 22.87 ? 479 GLU A C   1 
ATOM   1122 O O   . GLU A 1 145 ? -8.566  0.559   -7.445  1.00 22.20 ? 479 GLU A O   1 
ATOM   1123 C CB  . GLU A 1 145 ? -9.620  -1.045  -4.659  1.00 23.87 ? 479 GLU A CB  1 
ATOM   1124 C CG  . GLU A 1 145 ? -10.774 -1.293  -5.631  1.00 26.54 ? 479 GLU A CG  1 
ATOM   1125 C CD  . GLU A 1 145 ? -10.909 -2.748  -6.024  1.00 35.44 ? 479 GLU A CD  1 
ATOM   1126 O OE1 . GLU A 1 145 ? -10.182 -3.578  -5.416  1.00 37.47 ? 479 GLU A OE1 1 
ATOM   1127 O OE2 . GLU A 1 145 ? -11.754 -3.066  -6.912  1.00 34.30 ? 479 GLU A OE2 1 
ATOM   1128 N N   . VAL A 1 146 ? -8.953  1.775   -5.579  1.00 22.44 ? 480 VAL A N   1 
ATOM   1129 C CA  . VAL A 1 146 ? -9.159  3.074   -6.216  1.00 21.40 ? 480 VAL A CA  1 
ATOM   1130 C C   . VAL A 1 146 ? -7.935  3.499   -6.995  1.00 22.39 ? 480 VAL A C   1 
ATOM   1131 O O   . VAL A 1 146 ? -8.049  3.853   -8.159  1.00 22.63 ? 480 VAL A O   1 
ATOM   1132 C CB  . VAL A 1 146 ? -9.488  4.141   -5.157  1.00 21.22 ? 480 VAL A CB  1 
ATOM   1133 C CG1 . VAL A 1 146 ? -9.557  5.518   -5.766  1.00 22.73 ? 480 VAL A CG1 1 
ATOM   1134 C CG2 . VAL A 1 146 ? -10.881 3.826   -4.508  1.00 15.33 ? 480 VAL A CG2 1 
ATOM   1135 N N   . LEU A 1 147 ? -6.778  3.483   -6.339  1.00 21.78 ? 481 LEU A N   1 
ATOM   1136 C CA  . LEU A 1 147 ? -5.554  3.926   -7.007  1.00 21.89 ? 481 LEU A CA  1 
ATOM   1137 C C   . LEU A 1 147 ? -5.122  2.969   -8.167  1.00 22.09 ? 481 LEU A C   1 
ATOM   1138 O O   . LEU A 1 147 ? -4.707  3.445   -9.247  1.00 22.51 ? 481 LEU A O   1 
ATOM   1139 C CB  . LEU A 1 147 ? -4.447  4.116   -5.972  1.00 22.58 ? 481 LEU A CB  1 
ATOM   1140 C CG  . LEU A 1 147 ? -4.525  5.270   -4.956  1.00 19.38 ? 481 LEU A CG  1 
ATOM   1141 C CD1 . LEU A 1 147 ? -3.133  5.254   -4.134  1.00 19.93 ? 481 LEU A CD1 1 
ATOM   1142 C CD2 . LEU A 1 147 ? -4.634  6.627   -5.682  1.00 23.51 ? 481 LEU A CD2 1 
ATOM   1143 N N   . ALA A 1 148 ? -5.233  1.656   -7.950  1.00 21.93 ? 482 ALA A N   1 
ATOM   1144 C CA  . ALA A 1 148 ? -5.032  0.659   -9.027  1.00 22.10 ? 482 ALA A CA  1 
ATOM   1145 C C   . ALA A 1 148 ? -5.881  0.952   -10.258 1.00 21.96 ? 482 ALA A C   1 
ATOM   1146 O O   . ALA A 1 148 ? -5.376  0.937   -11.379 1.00 22.12 ? 482 ALA A O   1 
ATOM   1147 C CB  . ALA A 1 148 ? -5.271  -0.783  -8.526  1.00 21.38 ? 482 ALA A CB  1 
ATOM   1148 N N   . HIS A 1 149 ? -7.171  1.213   -10.067 1.00 20.91 ? 483 HIS A N   1 
ATOM   1149 C CA  . HIS A 1 149 ? -8.004  1.550   -11.223 1.00 22.78 ? 483 HIS A CA  1 
ATOM   1150 C C   . HIS A 1 149 ? -7.591  2.860   -11.936 1.00 22.70 ? 483 HIS A C   1 
ATOM   1151 O O   . HIS A 1 149 ? -7.703  2.975   -13.175 1.00 22.48 ? 483 HIS A O   1 
ATOM   1152 C CB  . HIS A 1 149 ? -9.485  1.510   -10.845 1.00 22.55 ? 483 HIS A CB  1 
ATOM   1153 C CG  . HIS A 1 149 ? -10.034 0.113   -10.764 1.00 25.77 ? 483 HIS A CG  1 
ATOM   1154 N ND1 . HIS A 1 149 ? -9.845  -0.697  -9.666  1.00 27.99 ? 483 HIS A ND1 1 
ATOM   1155 C CD2 . HIS A 1 149 ? -10.758 -0.618  -11.650 1.00 27.54 ? 483 HIS A CD2 1 
ATOM   1156 C CE1 . HIS A 1 149 ? -10.418 -1.871  -9.882  1.00 28.56 ? 483 HIS A CE1 1 
ATOM   1157 N NE2 . HIS A 1 149 ? -10.986 -1.846  -11.074 1.00 27.76 ? 483 HIS A NE2 1 
ATOM   1158 N N   . ARG A 1 150 ? -7.086  3.829   -11.173 1.00 22.59 ? 484 ARG A N   1 
ATOM   1159 C CA  . ARG A 1 150 ? -6.583  5.062   -11.782 1.00 22.23 ? 484 ARG A CA  1 
ATOM   1160 C C   . ARG A 1 150 ? -5.323  4.804   -12.618 1.00 22.12 ? 484 ARG A C   1 
ATOM   1161 O O   . ARG A 1 150 ? -5.115  5.455   -13.637 1.00 22.52 ? 484 ARG A O   1 
ATOM   1162 C CB  . ARG A 1 150 ? -6.332  6.126   -10.705 1.00 21.97 ? 484 ARG A CB  1 
ATOM   1163 C CG  . ARG A 1 150 ? -7.644  6.530   -10.014 1.00 22.13 ? 484 ARG A CG  1 
ATOM   1164 C CD  . ARG A 1 150 ? -7.442  7.709   -9.057  1.00 21.92 ? 484 ARG A CD  1 
ATOM   1165 N NE  . ARG A 1 150 ? -8.688  8.017   -8.339  1.00 20.87 ? 484 ARG A NE  1 
ATOM   1166 C CZ  . ARG A 1 150 ? -8.780  8.821   -7.284  1.00 23.92 ? 484 ARG A CZ  1 
ATOM   1167 N NH1 . ARG A 1 150 ? -7.735  9.421   -6.834  1.00 21.23 ? 484 ARG A NH1 1 
ATOM   1168 N NH2 . ARG A 1 150 ? -9.955  9.040   -6.656  1.00 20.32 ? 484 ARG A NH2 1 
ATOM   1169 N N   . VAL A 1 151 ? -4.495  3.853   -12.210 1.00 22.71 ? 485 VAL A N   1 
ATOM   1170 C CA  . VAL A 1 151 ? -3.304  3.523   -13.020 1.00 22.05 ? 485 VAL A CA  1 
ATOM   1171 C C   . VAL A 1 151 ? -3.826  2.898   -14.334 1.00 23.42 ? 485 VAL A C   1 
ATOM   1172 O O   . VAL A 1 151 ? -3.412  3.283   -15.418 1.00 24.24 ? 485 VAL A O   1 
ATOM   1173 C CB  . VAL A 1 151 ? -2.326  2.608   -12.290 1.00 21.68 ? 485 VAL A CB  1 
ATOM   1174 C CG1 . VAL A 1 151 ? -1.218  2.154   -13.243 1.00 22.58 ? 485 VAL A CG1 1 
ATOM   1175 C CG2 . VAL A 1 151 ? -1.724  3.340   -10.998 1.00 19.26 ? 485 VAL A CG2 1 
ATOM   1176 N N   . LEU A 1 152 ? -4.785  1.979   -14.228 1.00 23.76 ? 486 LEU A N   1 
ATOM   1177 C CA  . LEU A 1 152 ? -5.320  1.288   -15.396 1.00 24.59 ? 486 LEU A CA  1 
ATOM   1178 C C   . LEU A 1 152 ? -5.938  2.246   -16.392 1.00 24.92 ? 486 LEU A C   1 
ATOM   1179 O O   . LEU A 1 152 ? -5.781  2.079   -17.608 1.00 23.67 ? 486 LEU A O   1 
ATOM   1180 C CB  . LEU A 1 152 ? -6.398  0.296   -14.961 1.00 24.58 ? 486 LEU A CB  1 
ATOM   1181 C CG  . LEU A 1 152 ? -6.038  -1.179  -14.731 1.00 26.52 ? 486 LEU A CG  1 
ATOM   1182 C CD1 . LEU A 1 152 ? -4.637  -1.450  -14.158 1.00 25.77 ? 486 LEU A CD1 1 
ATOM   1183 C CD2 . LEU A 1 152 ? -7.113  -1.842  -13.883 1.00 26.93 ? 486 LEU A CD2 1 
ATOM   1184 N N   . ASP A 1 153 ? -6.673  3.236   -15.879 1.00 24.49 ? 487 ASP A N   1 
ATOM   1185 C CA  . ASP A 1 153 ? -7.439  4.074   -16.785 1.00 26.23 ? 487 ASP A CA  1 
ATOM   1186 C C   . ASP A 1 153 ? -6.685  5.335   -17.157 1.00 25.84 ? 487 ASP A C   1 
ATOM   1187 O O   . ASP A 1 153 ? -7.198  6.178   -17.902 1.00 25.76 ? 487 ASP A O   1 
ATOM   1188 C CB  . ASP A 1 153 ? -8.857  4.326   -16.256 1.00 27.12 ? 487 ASP A CB  1 
ATOM   1189 C CG  . ASP A 1 153 ? -8.925  5.388   -15.170 1.00 30.21 ? 487 ASP A CG  1 
ATOM   1190 O OD1 . ASP A 1 153 ? -7.888  5.960   -14.786 1.00 31.36 ? 487 ASP A OD1 1 
ATOM   1191 O OD2 . ASP A 1 153 ? -10.056 5.644   -14.671 1.00 36.08 ? 487 ASP A OD2 1 
ATOM   1192 N N   . GLY A 1 154 ? -5.452  5.418   -16.658 1.00 26.11 ? 488 GLY A N   1 
ATOM   1193 C CA  . GLY A 1 154 ? -4.517  6.510   -16.927 1.00 27.83 ? 488 GLY A CA  1 
ATOM   1194 C C   . GLY A 1 154 ? -4.924  7.882   -16.379 1.00 28.79 ? 488 GLY A C   1 
ATOM   1195 O O   . GLY A 1 154 ? -4.665  8.905   -17.039 1.00 30.53 ? 488 GLY A O   1 
ATOM   1196 N N   . THR A 1 155 ? -5.599  7.923   -15.224 1.00 26.97 ? 489 THR A N   1 
ATOM   1197 C CA  . THR A 1 155 ? -5.907  9.192   -14.558 1.00 26.26 ? 489 THR A CA  1 
ATOM   1198 C C   . THR A 1 155 ? -5.026  9.419   -13.300 1.00 27.33 ? 489 THR A C   1 
ATOM   1199 O O   . THR A 1 155 ? -4.992  10.522  -12.734 1.00 28.77 ? 489 THR A O   1 
ATOM   1200 C CB  . THR A 1 155 ? -7.384  9.287   -14.240 1.00 26.10 ? 489 THR A CB  1 
ATOM   1201 O OG1 . THR A 1 155 ? -7.693  8.269   -13.283 1.00 25.99 ? 489 THR A OG1 1 
ATOM   1202 C CG2 . THR A 1 155 ? -8.205  9.086   -15.556 1.00 25.95 ? 489 THR A CG2 1 
ATOM   1203 N N   . PHE A 1 156 ? -4.270  8.389   -12.921 1.00 25.72 ? 490 PHE A N   1 
ATOM   1204 C CA  . PHE A 1 156 ? -3.365  8.419   -11.763 1.00 26.45 ? 490 PHE A CA  1 
ATOM   1205 C C   . PHE A 1 156 ? -2.363  9.558   -11.882 1.00 25.34 ? 490 PHE A C   1 
ATOM   1206 O O   . PHE A 1 156 ? -2.069  10.206  -10.898 1.00 26.88 ? 490 PHE A O   1 
ATOM   1207 C CB  . PHE A 1 156 ? -2.620  7.079   -11.692 1.00 24.70 ? 490 PHE A CB  1 
ATOM   1208 C CG  . PHE A 1 156 ? -1.701  6.911   -10.500 1.00 25.47 ? 490 PHE A CG  1 
ATOM   1209 C CD1 . PHE A 1 156 ? -2.213  6.483   -9.250  1.00 24.27 ? 490 PHE A CD1 1 
ATOM   1210 C CD2 . PHE A 1 156 ? -0.337  7.081   -10.664 1.00 25.96 ? 490 PHE A CD2 1 
ATOM   1211 C CE1 . PHE A 1 156 ? -1.365  6.269   -8.179  1.00 28.31 ? 490 PHE A CE1 1 
ATOM   1212 C CE2 . PHE A 1 156 ? 0.581   6.886   -9.584  1.00 27.83 ? 490 PHE A CE2 1 
ATOM   1213 C CZ  . PHE A 1 156 ? 0.031   6.448   -8.336  1.00 23.28 ? 490 PHE A CZ  1 
ATOM   1214 N N   . ASP A 1 157 ? -1.900  9.852   -13.095 1.00 24.60 ? 491 ASP A N   1 
ATOM   1215 C CA  . ASP A 1 157 ? -0.868  10.878  -13.261 1.00 25.67 ? 491 ASP A CA  1 
ATOM   1216 C C   . ASP A 1 157 ? -1.392  12.315  -13.406 1.00 24.89 ? 491 ASP A C   1 
ATOM   1217 O O   . ASP A 1 157 ? -0.588  13.252  -13.442 1.00 24.59 ? 491 ASP A O   1 
ATOM   1218 C CB  . ASP A 1 157 ? 0.033   10.543  -14.444 1.00 25.03 ? 491 ASP A CB  1 
ATOM   1219 C CG  . ASP A 1 157 ? 0.944   9.334   -14.178 1.00 28.79 ? 491 ASP A CG  1 
ATOM   1220 O OD1 . ASP A 1 157 ? 1.343   9.088   -13.013 1.00 28.78 ? 491 ASP A OD1 1 
ATOM   1221 O OD2 . ASP A 1 157 ? 1.277   8.644   -15.169 1.00 30.78 ? 491 ASP A OD2 1 
ATOM   1222 N N   . TYR A 1 158 ? -2.699  12.512  -13.509 1.00 23.35 ? 492 TYR A N   1 
ATOM   1223 C CA  . TYR A 1 158 ? -3.201  13.882  -13.553 1.00 23.86 ? 492 TYR A CA  1 
ATOM   1224 C C   . TYR A 1 158 ? -2.974  14.525  -12.186 1.00 23.72 ? 492 TYR A C   1 
ATOM   1225 O O   . TYR A 1 158 ? -2.902  13.822  -11.166 1.00 23.15 ? 492 TYR A O   1 
ATOM   1226 C CB  . TYR A 1 158 ? -4.709  13.914  -13.880 1.00 24.70 ? 492 TYR A CB  1 
ATOM   1227 C CG  . TYR A 1 158 ? -5.073  13.536  -15.308 1.00 25.59 ? 492 TYR A CG  1 
ATOM   1228 C CD1 . TYR A 1 158 ? -4.317  13.969  -16.369 1.00 27.23 ? 492 TYR A CD1 1 
ATOM   1229 C CD2 . TYR A 1 158 ? -6.218  12.808  -15.591 1.00 26.56 ? 492 TYR A CD2 1 
ATOM   1230 C CE1 . TYR A 1 158 ? -4.647  13.638  -17.682 1.00 28.64 ? 492 TYR A CE1 1 
ATOM   1231 C CE2 . TYR A 1 158 ? -6.561  12.470  -16.914 1.00 27.40 ? 492 TYR A CE2 1 
ATOM   1232 C CZ  . TYR A 1 158 ? -5.745  12.882  -17.941 1.00 27.10 ? 492 TYR A CZ  1 
ATOM   1233 O OH  . TYR A 1 158 ? -6.022  12.602  -19.250 1.00 29.40 ? 492 TYR A OH  1 
ATOM   1234 N N   . ALA A 1 159 ? -2.870  15.852  -12.164 1.00 23.83 ? 493 ALA A N   1 
ATOM   1235 C CA  . ALA A 1 159 ? -2.920  16.585  -10.909 1.00 23.69 ? 493 ALA A CA  1 
ATOM   1236 C C   . ALA A 1 159 ? -4.166  16.108  -10.152 1.00 23.91 ? 493 ALA A C   1 
ATOM   1237 O O   . ALA A 1 159 ? -5.234  15.892  -10.738 1.00 23.09 ? 493 ALA A O   1 
ATOM   1238 C CB  . ALA A 1 159 ? -2.915  18.112  -11.157 1.00 23.68 ? 493 ALA A CB  1 
ATOM   1239 N N   . GLY A 1 160 ? -3.992  15.838  -8.860  1.00 24.05 ? 494 GLY A N   1 
ATOM   1240 C CA  . GLY A 1 160 ? -5.094  15.339  -8.046  1.00 23.97 ? 494 GLY A CA  1 
ATOM   1241 C C   . GLY A 1 160 ? -5.359  13.848  -8.228  1.00 24.10 ? 494 GLY A C   1 
ATOM   1242 O O   . GLY A 1 160 ? -6.173  13.282  -7.531  1.00 24.80 ? 494 GLY A O   1 
ATOM   1243 N N   . GLY A 1 161 ? -4.649  13.190  -9.139  1.00 23.80 ? 495 GLY A N   1 
ATOM   1244 C CA  . GLY A 1 161 ? -4.924  11.779  -9.428  1.00 24.37 ? 495 GLY A CA  1 
ATOM   1245 C C   . GLY A 1 161 ? -4.544  10.806  -8.320  1.00 23.02 ? 495 GLY A C   1 
ATOM   1246 O O   . GLY A 1 161 ? -4.865  9.654   -8.394  1.00 25.00 ? 495 GLY A O   1 
ATOM   1247 N N   . ARG A 1 162 ? -3.888  11.267  -7.273  1.00 22.87 ? 496 ARG A N   1 
ATOM   1248 C CA  . ARG A 1 162 ? -3.507  10.372  -6.172  1.00 23.18 ? 496 ARG A CA  1 
ATOM   1249 C C   . ARG A 1 162 ? -4.236  10.808  -4.887  1.00 24.27 ? 496 ARG A C   1 
ATOM   1250 O O   . ARG A 1 162 ? -3.921  10.353  -3.792  1.00 24.86 ? 496 ARG A O   1 
ATOM   1251 C CB  . ARG A 1 162 ? -1.975  10.418  -6.014  1.00 23.51 ? 496 ARG A CB  1 
ATOM   1252 C CG  . ARG A 1 162 ? -1.221  9.552   -7.058  1.00 25.57 ? 496 ARG A CG  1 
ATOM   1253 C CD  . ARG A 1 162 ? -0.036  10.292  -7.687  1.00 24.23 ? 496 ARG A CD  1 
ATOM   1254 N NE  . ARG A 1 162 ? -0.466  11.239  -8.709  1.00 27.15 ? 496 ARG A NE  1 
ATOM   1255 C CZ  . ARG A 1 162 ? 0.071   12.433  -8.931  1.00 32.45 ? 496 ARG A CZ  1 
ATOM   1256 N NH1 . ARG A 1 162 ? 1.093   12.857  -8.205  1.00 30.56 ? 496 ARG A NH1 1 
ATOM   1257 N NH2 . ARG A 1 162 ? -0.419  13.212  -9.890  1.00 33.56 ? 496 ARG A NH2 1 
ATOM   1258 N N   . ASP A 1 163 ? -5.264  11.647  -5.030  1.00 24.03 ? 497 ASP A N   1 
ATOM   1259 C CA  . ASP A 1 163 ? -6.025  12.140  -3.866  1.00 23.93 ? 497 ASP A CA  1 
ATOM   1260 C C   . ASP A 1 163 ? -7.015  11.072  -3.474  1.00 23.18 ? 497 ASP A C   1 
ATOM   1261 O O   . ASP A 1 163 ? -7.759  10.595  -4.314  1.00 23.39 ? 497 ASP A O   1 
ATOM   1262 C CB  . ASP A 1 163 ? -6.778  13.448  -4.218  1.00 24.14 ? 497 ASP A CB  1 
ATOM   1263 C CG  . ASP A 1 163 ? -7.340  14.187  -2.989  1.00 28.36 ? 497 ASP A CG  1 
ATOM   1264 O OD1 . ASP A 1 163 ? -7.544  13.592  -1.930  1.00 32.70 ? 497 ASP A OD1 1 
ATOM   1265 O OD2 . ASP A 1 163 ? -7.604  15.413  -3.090  1.00 32.82 ? 497 ASP A OD2 1 
ATOM   1266 N N   . LEU A 1 164 ? -7.056  10.732  -2.187  1.00 23.12 ? 498 LEU A N   1 
ATOM   1267 C CA  . LEU A 1 164 ? -8.000  9.721   -1.669  1.00 21.84 ? 498 LEU A CA  1 
ATOM   1268 C C   . LEU A 1 164 ? -8.920  10.276  -0.581  1.00 24.20 ? 498 LEU A C   1 
ATOM   1269 O O   . LEU A 1 164 ? -9.528  9.501   0.172   1.00 23.30 ? 498 LEU A O   1 
ATOM   1270 C CB  . LEU A 1 164 ? -7.234  8.478   -1.142  1.00 22.75 ? 498 LEU A CB  1 
ATOM   1271 C CG  . LEU A 1 164 ? -6.491  7.590   -2.174  1.00 21.18 ? 498 LEU A CG  1 
ATOM   1272 C CD1 . LEU A 1 164 ? -5.786  6.347   -1.515  1.00 21.63 ? 498 LEU A CD1 1 
ATOM   1273 C CD2 . LEU A 1 164 ? -7.512  7.113   -3.235  1.00 24.87 ? 498 LEU A CD2 1 
ATOM   1274 N N   . THR A 1 165 ? -9.024  11.604  -0.505  1.00 25.74 ? 499 THR A N   1 
ATOM   1275 C CA  . THR A 1 165 ? -9.821  12.310  0.509   1.00 28.88 ? 499 THR A CA  1 
ATOM   1276 C C   . THR A 1 165 ? -11.248 11.768  0.550   1.00 31.51 ? 499 THR A C   1 
ATOM   1277 O O   . THR A 1 165 ? -11.818 11.536  1.622   1.00 31.69 ? 499 THR A O   1 
ATOM   1278 C CB  . THR A 1 165 ? -9.820  13.843  0.245   1.00 27.90 ? 499 THR A CB  1 
ATOM   1279 O OG1 . THR A 1 165 ? -8.476  14.323  0.112   1.00 28.25 ? 499 THR A OG1 1 
ATOM   1280 C CG2 . THR A 1 165 ? -10.468 14.595  1.361   1.00 29.29 ? 499 THR A CG2 1 
ATOM   1281 N N   . ASP A 1 166 ? -11.797 11.494  -0.628  1.00 35.18 ? 500 ASP A N   1 
ATOM   1282 C CA  . ASP A 1 166 ? -13.216 11.137  -0.755  1.00 38.96 ? 500 ASP A CA  1 
ATOM   1283 C C   . ASP A 1 166 ? -13.569 9.643   -0.772  1.00 40.25 ? 500 ASP A C   1 
ATOM   1284 O O   . ASP A 1 166 ? -14.692 9.294   -1.122  1.00 40.80 ? 500 ASP A O   1 
ATOM   1285 C CB  . ASP A 1 166 ? -13.776 11.808  -2.011  1.00 39.37 ? 500 ASP A CB  1 
ATOM   1286 C CG  . ASP A 1 166 ? -13.799 13.334  -1.894  1.00 44.03 ? 500 ASP A CG  1 
ATOM   1287 O OD1 . ASP A 1 166 ? -14.317 13.850  -0.866  1.00 49.63 ? 500 ASP A OD1 1 
ATOM   1288 O OD2 . ASP A 1 166 ? -13.320 14.025  -2.835  1.00 47.07 ? 500 ASP A OD2 1 
ATOM   1289 N N   . ILE A 1 167 ? -12.634 8.757   -0.443  1.00 40.98 ? 501 ILE A N   1 
ATOM   1290 C CA  . ILE A 1 167 ? -12.967 7.326   -0.504  1.00 43.10 ? 501 ILE A CA  1 
ATOM   1291 C C   . ILE A 1 167 ? -14.024 6.930   0.538   1.00 43.23 ? 501 ILE A C   1 
ATOM   1292 O O   . ILE A 1 167 ? -14.216 7.607   1.546   1.00 42.36 ? 501 ILE A O   1 
ATOM   1293 C CB  . ILE A 1 167 ? -11.743 6.363   -0.452  1.00 43.32 ? 501 ILE A CB  1 
ATOM   1294 C CG1 . ILE A 1 167 ? -11.071 6.368   0.932   1.00 43.37 ? 501 ILE A CG1 1 
ATOM   1295 C CG2 . ILE A 1 167 ? -10.751 6.691   -1.580  1.00 44.56 ? 501 ILE A CG2 1 
ATOM   1296 C CD1 . ILE A 1 167 ? -10.119 5.188   1.184   1.00 44.59 ? 501 ILE A CD1 1 
ATOM   1297 N N   . GLU A 1 168 ? -14.715 5.834   0.262   1.00 43.76 ? 502 GLU A N   1 
ATOM   1298 C CA  . GLU A 1 168 ? -15.759 5.353   1.134   1.00 45.58 ? 502 GLU A CA  1 
ATOM   1299 C C   . GLU A 1 168 ? -15.549 3.849   1.218   1.00 46.15 ? 502 GLU A C   1 
ATOM   1300 O O   . GLU A 1 168 ? -16.032 3.099   0.361   1.00 47.00 ? 502 GLU A O   1 
ATOM   1301 C CB  . GLU A 1 168 ? -17.140 5.712   0.575   1.00 45.16 ? 502 GLU A CB  1 
ATOM   1302 C CG  . GLU A 1 168 ? -17.400 7.220   0.387   1.00 45.84 ? 502 GLU A CG  1 
ATOM   1303 C CD  . GLU A 1 168 ? -18.615 7.520   -0.514  1.00 46.51 ? 502 GLU A CD  1 
ATOM   1304 O OE1 . GLU A 1 168 ? -18.500 7.384   -1.759  1.00 47.91 ? 502 GLU A OE1 1 
ATOM   1305 O OE2 . GLU A 1 168 ? -19.694 7.896   0.021   1.00 48.35 ? 502 GLU A OE2 1 
ATOM   1306 N N   . PRO A 1 169 ? -14.778 3.408   2.227   1.00 46.61 ? 503 PRO A N   1 
ATOM   1307 C CA  . PRO A 1 169 ? -14.564 1.995   2.492   1.00 47.18 ? 503 PRO A CA  1 
ATOM   1308 C C   . PRO A 1 169 ? -15.829 1.387   3.047   1.00 48.24 ? 503 PRO A C   1 
ATOM   1309 O O   . PRO A 1 169 ? -16.579 2.053   3.754   1.00 48.63 ? 503 PRO A O   1 
ATOM   1310 C CB  . PRO A 1 169 ? -13.499 1.994   3.595   1.00 46.55 ? 503 PRO A CB  1 
ATOM   1311 C CG  . PRO A 1 169 ? -12.924 3.373   3.589   1.00 46.29 ? 503 PRO A CG  1 
ATOM   1312 C CD  . PRO A 1 169 ? -14.026 4.258   3.164   1.00 46.63 ? 503 PRO A CD  1 
ATOM   1313 N N   . ASP A 1 170 ? -16.050 0.114   2.744   1.00 49.73 ? 504 ASP A N   1 
ATOM   1314 C CA  . ASP A 1 170 ? -17.217 -0.597  3.268   1.00 50.20 ? 504 ASP A CA  1 
ATOM   1315 C C   . ASP A 1 170 ? -16.835 -2.013  3.655   1.00 49.96 ? 504 ASP A C   1 
ATOM   1316 O O   . ASP A 1 170 ? -16.232 -2.734  2.869   1.00 48.66 ? 504 ASP A O   1 
ATOM   1317 C CB  . ASP A 1 170 ? -18.351 -0.609  2.242   1.00 51.41 ? 504 ASP A CB  1 
ATOM   1318 C CG  . ASP A 1 170 ? -17.897 -1.117  0.882   1.00 52.02 ? 504 ASP A CG  1 
ATOM   1319 O OD1 . ASP A 1 170 ? -17.939 -0.337  -0.094  1.00 55.33 ? 504 ASP A OD1 1 
ATOM   1320 O OD2 . ASP A 1 170 ? -17.504 -2.301  0.789   1.00 55.08 ? 504 ASP A OD2 1 
ATOM   1321 N N   . ARG A 1 171 ? -17.208 -2.431  4.858   1.00 49.93 ? 505 ARG A N   1 
ATOM   1322 C CA  . ARG A 1 171 ? -16.791 -3.754  5.282   1.00 49.81 ? 505 ARG A CA  1 
ATOM   1323 C C   . ARG A 1 171 ? -17.469 -4.795  4.389   1.00 49.53 ? 505 ARG A C   1 
ATOM   1324 O O   . ARG A 1 171 ? -16.831 -5.752  3.948   1.00 48.65 ? 505 ARG A O   1 
ATOM   1325 C CB  . ARG A 1 171 ? -17.057 -3.967  6.767   1.00 49.69 ? 505 ARG A CB  1 
ATOM   1326 C CG  . ARG A 1 171 ? -16.557 -5.286  7.319   1.00 50.03 ? 505 ARG A CG  1 
ATOM   1327 C CD  . ARG A 1 171 ? -15.090 -5.600  6.954   1.00 50.96 ? 505 ARG A CD  1 
ATOM   1328 N NE  . ARG A 1 171 ? -14.504 -6.417  8.015   1.00 53.68 ? 505 ARG A NE  1 
ATOM   1329 C CZ  . ARG A 1 171 ? -13.632 -5.973  8.917   1.00 53.27 ? 505 ARG A CZ  1 
ATOM   1330 N NH1 . ARG A 1 171 ? -13.181 -4.715  8.882   1.00 51.08 ? 505 ARG A NH1 1 
ATOM   1331 N NH2 . ARG A 1 171 ? -13.189 -6.805  9.841   1.00 54.26 ? 505 ARG A NH2 1 
ATOM   1332 N N   . GLY A 1 172 ? -18.741 -4.541  4.082   1.00 49.37 ? 506 GLY A N   1 
ATOM   1333 C CA  . GLY A 1 172 ? -19.569 -5.379  3.212   1.00 49.28 ? 506 GLY A CA  1 
ATOM   1334 C C   . GLY A 1 172 ? -18.971 -5.922  1.924   1.00 48.98 ? 506 GLY A C   1 
ATOM   1335 O O   . GLY A 1 172 ? -18.922 -7.137  1.731   1.00 48.73 ? 506 GLY A O   1 
ATOM   1336 N N   . LEU A 1 173 ? -18.529 -5.041  1.027   1.00 48.63 ? 507 LEU A N   1 
ATOM   1337 C CA  . LEU A 1 173 ? -18.042 -5.499  -0.280  1.00 48.45 ? 507 LEU A CA  1 
ATOM   1338 C C   . LEU A 1 173 ? -16.652 -6.128  -0.145  1.00 48.06 ? 507 LEU A C   1 
ATOM   1339 O O   . LEU A 1 173 ? -16.270 -6.988  -0.936  1.00 47.34 ? 507 LEU A O   1 
ATOM   1340 C CB  . LEU A 1 173 ? -18.050 -4.368  -1.326  1.00 49.10 ? 507 LEU A CB  1 
ATOM   1341 C CG  . LEU A 1 173 ? -17.184 -4.552  -2.589  1.00 50.02 ? 507 LEU A CG  1 
ATOM   1342 C CD1 . LEU A 1 173 ? -17.929 -5.300  -3.696  1.00 49.48 ? 507 LEU A CD1 1 
ATOM   1343 C CD2 . LEU A 1 173 ? -16.628 -3.223  -3.115  1.00 52.53 ? 507 LEU A CD2 1 
ATOM   1344 N N   . ILE A 1 174 ? -15.916 -5.702  0.870   1.00 48.15 ? 508 ILE A N   1 
ATOM   1345 C CA  . ILE A 1 174 ? -14.659 -6.359  1.206   1.00 48.47 ? 508 ILE A CA  1 
ATOM   1346 C C   . ILE A 1 174 ? -14.938 -7.802  1.638   1.00 48.61 ? 508 ILE A C   1 
ATOM   1347 O O   . ILE A 1 174 ? -14.316 -8.730  1.134   1.00 49.36 ? 508 ILE A O   1 
ATOM   1348 C CB  . ILE A 1 174 ? -13.844 -5.578  2.271   1.00 49.46 ? 508 ILE A CB  1 
ATOM   1349 C CG1 . ILE A 1 174 ? -13.162 -4.365  1.612   1.00 50.07 ? 508 ILE A CG1 1 
ATOM   1350 C CG2 . ILE A 1 174 ? -12.727 -6.464  2.876   1.00 46.97 ? 508 ILE A CG2 1 
ATOM   1351 C CD1 . ILE A 1 174 ? -12.623 -3.337  2.583   1.00 51.52 ? 508 ILE A CD1 1 
ATOM   1352 N N   . ARG A 1 175 ? -15.878 -7.977  2.557   1.00 48.31 ? 509 ARG A N   1 
ATOM   1353 C CA  . ARG A 1 175 ? -16.339 -9.300  2.971   1.00 48.63 ? 509 ARG A CA  1 
ATOM   1354 C C   . ARG A 1 175 ? -16.811 -10.158 1.794   1.00 47.82 ? 509 ARG A C   1 
ATOM   1355 O O   . ARG A 1 175 ? -16.497 -11.344 1.724   1.00 47.60 ? 509 ARG A O   1 
ATOM   1356 C CB  . ARG A 1 175 ? -17.478 -9.172  3.985   1.00 48.55 ? 509 ARG A CB  1 
ATOM   1357 C CG  . ARG A 1 175 ? -17.010 -8.817  5.374   1.00 49.68 ? 509 ARG A CG  1 
ATOM   1358 C CD  . ARG A 1 175 ? -18.109 -8.941  6.433   1.00 50.39 ? 509 ARG A CD  1 
ATOM   1359 N NE  . ARG A 1 175 ? -17.578 -8.413  7.686   1.00 54.59 ? 509 ARG A NE  1 
ATOM   1360 C CZ  . ARG A 1 175 ? -18.156 -8.499  8.879   1.00 55.96 ? 509 ARG A CZ  1 
ATOM   1361 N NH1 . ARG A 1 175 ? -19.328 -9.117  9.032   1.00 56.75 ? 509 ARG A NH1 1 
ATOM   1362 N NH2 . ARG A 1 175 ? -17.537 -7.967  9.933   1.00 56.42 ? 509 ARG A NH2 1 
ATOM   1363 N N   . ASP A 1 176 ? -17.559 -9.547  0.879   1.00 47.02 ? 510 ASP A N   1 
ATOM   1364 C CA  . ASP A 1 176 ? -18.055 -10.234 -0.315  1.00 47.11 ? 510 ASP A CA  1 
ATOM   1365 C C   . ASP A 1 176 ? -16.910 -10.688 -1.216  1.00 47.08 ? 510 ASP A C   1 
ATOM   1366 O O   . ASP A 1 176 ? -16.946 -11.790 -1.756  1.00 47.42 ? 510 ASP A O   1 
ATOM   1367 C CB  . ASP A 1 176 ? -18.988 -9.317  -1.110  1.00 46.23 ? 510 ASP A CB  1 
ATOM   1368 C CG  . ASP A 1 176 ? -20.444 -9.476  -0.718  1.00 47.15 ? 510 ASP A CG  1 
ATOM   1369 O OD1 . ASP A 1 176 ? -20.732 -9.978  0.390   1.00 45.44 ? 510 ASP A OD1 1 
ATOM   1370 O OD2 . ASP A 1 176 ? -21.298 -9.070  -1.530  1.00 48.03 ? 510 ASP A OD2 1 
ATOM   1371 N N   . ARG A 1 177 ? -15.916 -9.824  -1.394  1.00 47.44 ? 511 ARG A N   1 
ATOM   1372 C CA  . ARG A 1 177 ? -14.733 -10.156 -2.190  1.00 47.43 ? 511 ARG A CA  1 
ATOM   1373 C C   . ARG A 1 177 ? -13.858 -11.196 -1.509  1.00 47.77 ? 511 ARG A C   1 
ATOM   1374 O O   . ARG A 1 177 ? -13.323 -12.082 -2.177  1.00 47.95 ? 511 ARG A O   1 
ATOM   1375 C CB  . ARG A 1 177 ? -13.931 -8.903  -2.559  1.00 47.79 ? 511 ARG A CB  1 
ATOM   1376 C CG  . ARG A 1 177 ? -14.311 -8.376  -3.935  1.00 46.61 ? 511 ARG A CG  1 
ATOM   1377 C CD  . ARG A 1 177 ? -14.134 -6.894  -4.019  1.00 44.51 ? 511 ARG A CD  1 
ATOM   1378 N NE  . ARG A 1 177 ? -14.615 -6.379  -5.299  1.00 42.08 ? 511 ARG A NE  1 
ATOM   1379 C CZ  . ARG A 1 177 ? -14.527 -5.099  -5.670  1.00 44.08 ? 511 ARG A CZ  1 
ATOM   1380 N NH1 . ARG A 1 177 ? -13.968 -4.181  -4.854  1.00 36.82 ? 511 ARG A NH1 1 
ATOM   1381 N NH2 . ARG A 1 177 ? -15.007 -4.735  -6.860  1.00 42.96 ? 511 ARG A NH2 1 
ATOM   1382 N N   . LEU A 1 178 ? -13.740 -11.104 -0.185  1.00 48.04 ? 512 LEU A N   1 
ATOM   1383 C CA  . LEU A 1 178 ? -13.052 -12.119 0.604   1.00 48.47 ? 512 LEU A CA  1 
ATOM   1384 C C   . LEU A 1 178 ? -13.790 -13.474 0.600   1.00 49.30 ? 512 LEU A C   1 
ATOM   1385 O O   . LEU A 1 178 ? -13.152 -14.529 0.678   1.00 49.40 ? 512 LEU A O   1 
ATOM   1386 C CB  . LEU A 1 178 ? -12.841 -11.642 2.046   1.00 47.87 ? 512 LEU A CB  1 
ATOM   1387 C CG  . LEU A 1 178 ? -11.766 -10.612 2.393   1.00 46.80 ? 512 LEU A CG  1 
ATOM   1388 C CD1 . LEU A 1 178 ? -11.763 -10.386 3.887   1.00 44.78 ? 512 LEU A CD1 1 
ATOM   1389 C CD2 . LEU A 1 178 ? -10.399 -11.031 1.928   1.00 45.60 ? 512 LEU A CD2 1 
ATOM   1390 N N   . ALA A 1 179 ? -15.123 -13.439 0.520   1.00 50.12 ? 513 ALA A N   1 
ATOM   1391 C CA  . ALA A 1 179 ? -15.936 -14.658 0.452   1.00 50.96 ? 513 ALA A CA  1 
ATOM   1392 C C   . ALA A 1 179 ? -15.769 -15.378 -0.887  1.00 51.77 ? 513 ALA A C   1 
ATOM   1393 O O   . ALA A 1 179 ? -16.085 -16.563 -1.000  1.00 52.21 ? 513 ALA A O   1 
ATOM   1394 C CB  . ALA A 1 179 ? -17.412 -14.352 0.720   1.00 50.68 ? 513 ALA A CB  1 
ATOM   1395 N N   . GLN A 1 180 ? -15.286 -14.660 -1.898  1.00 52.70 ? 514 GLN A N   1 
ATOM   1396 C CA  . GLN A 1 180 ? -14.876 -15.284 -3.154  1.00 53.58 ? 514 GLN A CA  1 
ATOM   1397 C C   . GLN A 1 180 ? -13.390 -15.664 -3.083  1.00 53.70 ? 514 GLN A C   1 
ATOM   1398 O O   . GLN A 1 180 ? -12.523 -14.949 -3.592  1.00 53.64 ? 514 GLN A O   1 
ATOM   1399 C CB  . GLN A 1 180 ? -15.174 -14.371 -4.348  1.00 53.62 ? 514 GLN A CB  1 
ATOM   1400 C CG  . GLN A 1 180 ? -16.668 -14.202 -4.658  1.00 54.25 ? 514 GLN A CG  1 
ATOM   1401 C CD  . GLN A 1 180 ? -16.978 -12.907 -5.417  1.00 54.62 ? 514 GLN A CD  1 
ATOM   1402 O OE1 . GLN A 1 180 ? -16.273 -11.895 -5.279  1.00 56.30 ? 514 GLN A OE1 1 
ATOM   1403 N NE2 . GLN A 1 180 ? -18.043 -12.934 -6.217  1.00 55.71 ? 514 GLN A NE2 1 
ATOM   1404 N N   . ALA A 1 181 ? -13.126 -16.787 -2.411  1.00 54.14 ? 515 ALA A N   1 
ATOM   1405 C CA  . ALA A 1 181 ? -11.790 -17.370 -2.265  1.00 54.25 ? 515 ALA A CA  1 
ATOM   1406 C C   . ALA A 1 181 ? -11.908 -18.857 -1.932  1.00 54.42 ? 515 ALA A C   1 
ATOM   1407 O O   . ALA A 1 181 ? -12.892 -19.514 -2.294  1.00 54.52 ? 515 ALA A O   1 
ATOM   1408 C CB  . ALA A 1 181 ? -10.991 -16.649 -1.184  1.00 54.39 ? 515 ALA A CB  1 
HETATM 1409 O O   . HOH B 2 .   ? 10.297  8.812   -0.097  1.00 34.21 ? 1   HOH A O   1 
HETATM 1410 O O   . HOH B 2 .   ? 9.125   8.085   -10.518 1.00 36.09 ? 2   HOH A O   1 
HETATM 1411 O O   . HOH B 2 .   ? 9.232   9.072   10.987  1.00 33.84 ? 3   HOH A O   1 
HETATM 1412 O O   . HOH B 2 .   ? -1.341  -9.801  -3.354  1.00 40.99 ? 4   HOH A O   1 
HETATM 1413 O O   . HOH B 2 .   ? 3.753   -3.793  6.978   1.00 36.67 ? 5   HOH A O   1 
HETATM 1414 O O   . HOH B 2 .   ? -5.206  4.042   7.306   1.00 34.85 ? 6   HOH A O   1 
HETATM 1415 O O   . HOH B 2 .   ? 8.827   11.842  8.576   1.00 39.61 ? 7   HOH A O   1 
HETATM 1416 O O   . HOH B 2 .   ? 8.142   7.284   3.977   1.00 33.26 ? 8   HOH A O   1 
HETATM 1417 O O   . HOH B 2 .   ? 0.793   8.871   9.672   1.00 40.92 ? 9   HOH A O   1 
HETATM 1418 O O   . HOH B 2 .   ? 7.100   9.652   12.619  1.00 36.99 ? 10  HOH A O   1 
HETATM 1419 O O   . HOH B 2 .   ? 7.764   -0.887  8.201   1.00 44.74 ? 11  HOH A O   1 
HETATM 1420 O O   . HOH B 2 .   ? 3.812   15.932  3.000   1.00 40.67 ? 12  HOH A O   1 
HETATM 1421 O O   . HOH B 2 .   ? -8.709  14.663  -7.314  1.00 36.30 ? 13  HOH A O   1 
HETATM 1422 O O   . HOH B 2 .   ? -2.655  13.962  -6.328  1.00 36.60 ? 14  HOH A O   1 
HETATM 1423 O O   . HOH B 2 .   ? -1.307  -7.348  0.508   1.00 33.71 ? 15  HOH A O   1 
HETATM 1424 O O   . HOH B 2 .   ? 1.814   10.604  -10.824 1.00 40.36 ? 16  HOH A O   1 
HETATM 1425 O O   . HOH B 2 .   ? 15.513  7.524   3.807   1.00 40.61 ? 17  HOH A O   1 
HETATM 1426 O O   . HOH B 2 .   ? 5.526   -3.638  10.374  1.00 43.36 ? 18  HOH A O   1 
HETATM 1427 O O   . HOH B 2 .   ? 3.659   9.409   -8.969  1.00 42.07 ? 19  HOH A O   1 
HETATM 1428 O O   . HOH B 2 .   ? -0.801  -8.471  2.836   1.00 43.71 ? 20  HOH A O   1 
HETATM 1429 O O   . HOH B 2 .   ? 7.767   11.812  -3.283  1.00 40.74 ? 21  HOH A O   1 
HETATM 1430 O O   . HOH B 2 .   ? 10.986  9.025   -2.803  1.00 42.82 ? 22  HOH A O   1 
HETATM 1431 O O   . HOH B 2 .   ? -10.407 -8.300  -4.183  1.00 44.18 ? 23  HOH A O   1 
HETATM 1432 O O   . HOH B 2 .   ? 5.508   -8.698  -2.017  1.00 42.92 ? 24  HOH A O   1 
HETATM 1433 O O   . HOH B 2 .   ? -8.628  -3.117  10.310  1.00 40.04 ? 25  HOH A O   1 
HETATM 1434 O O   . HOH B 2 .   ? 12.165  2.773   -14.664 1.00 51.08 ? 26  HOH A O   1 
HETATM 1435 O O   . HOH B 2 .   ? 6.805   8.591   -12.007 1.00 39.55 ? 27  HOH A O   1 
HETATM 1436 O O   . HOH B 2 .   ? -2.057  10.632  5.434   1.00 35.82 ? 28  HOH A O   1 
HETATM 1437 O O   . HOH B 2 .   ? 3.202   -7.752  9.089   1.00 46.41 ? 29  HOH A O   1 
HETATM 1438 O O   . HOH B 2 .   ? -14.798 4.649   -2.599  1.00 54.94 ? 30  HOH A O   1 
HETATM 1439 O O   . HOH B 2 .   ? 9.786   -2.020  7.243   1.00 42.33 ? 31  HOH A O   1 
HETATM 1440 O O   . HOH B 2 .   ? 3.533   4.889   -17.214 1.00 42.29 ? 32  HOH A O   1 
HETATM 1441 O O   . HOH B 2 .   ? 13.549  9.247   -2.714  1.00 37.70 ? 33  HOH A O   1 
HETATM 1442 O O   . HOH B 2 .   ? -1.266  16.012  -7.648  1.00 47.88 ? 34  HOH A O   1 
HETATM 1443 O O   . HOH B 2 .   ? -0.890  -9.460  -6.055  1.00 48.79 ? 35  HOH A O   1 
HETATM 1444 O O   . HOH B 2 .   ? -11.502 6.851   -8.595  1.00 46.56 ? 36  HOH A O   1 
HETATM 1445 O O   . HOH B 2 .   ? 0.739   -7.707  -7.316  1.00 43.74 ? 37  HOH A O   1 
HETATM 1446 O O   . HOH B 2 .   ? 0.696   -10.787 4.389   1.00 50.30 ? 38  HOH A O   1 
HETATM 1447 O O   . HOH B 2 .   ? 15.775  -1.127  11.029  1.00 61.09 ? 39  HOH A O   1 
HETATM 1448 O O   . HOH B 2 .   ? -10.720 4.700   -12.079 1.00 50.94 ? 40  HOH A O   1 
HETATM 1449 O O   . HOH B 2 .   ? -6.531  -6.864  -22.785 1.00 63.08 ? 41  HOH A O   1 
HETATM 1450 O O   . HOH B 2 .   ? 12.714  0.997   -4.607  1.00 44.65 ? 42  HOH A O   1 
HETATM 1451 O O   . HOH B 2 .   ? 15.098  7.776   -4.559  1.00 49.34 ? 43  HOH A O   1 
HETATM 1452 O O   . HOH B 2 .   ? -3.214  17.175  -14.655 1.00 49.25 ? 44  HOH A O   1 
HETATM 1453 O O   . HOH B 2 .   ? 14.768  9.419   -6.877  1.00 44.38 ? 45  HOH A O   1 
HETATM 1454 O O   . HOH B 2 .   ? 6.087   -3.137  -15.519 1.00 38.85 ? 46  HOH A O   1 
HETATM 1455 O O   . HOH B 2 .   ? 17.839  4.784   1.922   1.00 46.36 ? 47  HOH A O   1 
HETATM 1456 O O   . HOH B 2 .   ? 4.539   13.719  -7.027  1.00 58.33 ? 48  HOH A O   1 
HETATM 1457 O O   . HOH B 2 .   ? 10.791  -1.002  -9.998  1.00 49.24 ? 49  HOH A O   1 
HETATM 1458 O O   . HOH B 2 .   ? -10.582 4.412   -9.211  1.00 40.98 ? 50  HOH A O   1 
HETATM 1459 O O   . HOH B 2 .   ? 5.672   -2.085  8.311   1.00 37.90 ? 51  HOH A O   1 
HETATM 1460 O O   . HOH B 2 .   ? 6.122   12.093  11.627  1.00 35.87 ? 52  HOH A O   1 
HETATM 1461 O O   . HOH B 2 .   ? 6.805   13.074  9.180   1.00 43.94 ? 53  HOH A O   1 
HETATM 1462 O O   . HOH B 2 .   ? 5.780   11.685  -9.840  1.00 42.77 ? 54  HOH A O   1 
HETATM 1463 O O   . HOH B 2 .   ? -11.977 2.911   -13.559 1.00 58.42 ? 55  HOH A O   1 
HETATM 1464 O O   . HOH B 2 .   ? -3.364  15.154  -4.004  1.00 49.70 ? 56  HOH A O   1 
HETATM 1465 O O   . HOH B 2 .   ? -6.775  1.845   13.547  1.00 43.26 ? 57  HOH A O   1 
HETATM 1466 O O   . HOH B 2 .   ? 1.200   -6.889  -12.048 1.00 45.28 ? 58  HOH A O   1 
HETATM 1467 O O   . HOH B 2 .   ? 3.702   11.870  11.847  1.00 47.87 ? 59  HOH A O   1 
HETATM 1468 O O   . HOH B 2 .   ? -1.843  7.614   -15.160 1.00 45.56 ? 60  HOH A O   1 
HETATM 1469 O O   . HOH B 2 .   ? -13.902 10.264  -6.318  1.00 52.99 ? 61  HOH A O   1 
HETATM 1470 O O   . HOH B 2 .   ? -12.132 -14.312 7.486   1.00 56.22 ? 62  HOH A O   1 
HETATM 1471 O O   . HOH B 2 .   ? -6.549  -15.286 7.404   1.00 64.41 ? 63  HOH A O   1 
HETATM 1472 O O   . HOH B 2 .   ? 0.929   15.867  -10.201 1.00 57.75 ? 64  HOH A O   1 
HETATM 1473 O O   . HOH B 2 .   ? -2.265  9.203   -17.913 1.00 55.88 ? 65  HOH A O   1 
HETATM 1474 O O   . HOH B 2 .   ? -10.208 -6.493  -20.308 1.00 68.40 ? 66  HOH A O   1 
HETATM 1475 O O   . HOH B 2 .   ? -3.094  -7.094  12.015  1.00 68.31 ? 67  HOH A O   1 
HETATM 1476 O O   . HOH B 2 .   ? -0.517  -13.306 5.145   1.00 47.94 ? 68  HOH A O   1 
HETATM 1477 O O   . HOH B 2 .   ? -13.900 -0.924  -0.219  1.00 50.65 ? 69  HOH A O   1 
HETATM 1478 O O   . HOH B 2 .   ? -9.319  1.075   -17.768 1.00 51.82 ? 70  HOH A O   1 
HETATM 1479 O O   . HOH B 2 .   ? -7.350  -14.371 -2.871  1.00 55.35 ? 71  HOH A O   1 
HETATM 1480 O O   . HOH B 2 .   ? -6.043  3.320   -20.159 1.00 58.81 ? 72  HOH A O   1 
HETATM 1481 O O   . HOH B 2 .   ? -8.531  16.449  -5.420  1.00 47.11 ? 73  HOH A O   1 
HETATM 1482 O O   . HOH B 2 .   ? 4.263   16.867  0.579   1.00 66.21 ? 74  HOH A O   1 
HETATM 1483 O O   . HOH B 2 .   ? -2.014  -9.753  11.021  1.00 49.19 ? 75  HOH A O   1 
HETATM 1484 O O   . HOH B 2 .   ? 13.267  -1.922  -8.619  1.00 62.70 ? 76  HOH A O   1 
HETATM 1485 O O   . HOH B 2 .   ? -4.131  -15.100 2.430   1.00 58.18 ? 77  HOH A O   1 
HETATM 1486 O O   . HOH B 2 .   ? 13.698  5.617   -15.215 1.00 55.04 ? 78  HOH A O   1 
HETATM 1487 O O   . HOH B 2 .   ? 7.105   16.012  0.947   1.00 54.18 ? 79  HOH A O   1 
HETATM 1488 O O   . HOH B 2 .   ? -11.480 -13.251 -9.346  1.00 60.58 ? 80  HOH A O   1 
HETATM 1489 O O   . HOH B 2 .   ? -13.285 9.155   -8.552  1.00 45.96 ? 81  HOH A O   1 
HETATM 1490 O O   . HOH B 2 .   ? -0.559  5.222   -17.584 1.00 57.37 ? 82  HOH A O   1 
HETATM 1491 O O   . HOH B 2 .   ? -10.466 16.843  -2.010  1.00 67.78 ? 83  HOH A O   1 
HETATM 1492 O O   . HOH B 2 .   ? -0.724  -12.001 -7.218  1.00 53.90 ? 84  HOH A O   1 
HETATM 1493 O O   . HOH B 2 .   ? 1.423   -9.806  -2.376  1.00 57.40 ? 85  HOH A O   1 
HETATM 1494 O O   . HOH B 2 .   ? -2.927  -8.223  -12.454 1.00 50.49 ? 86  HOH A O   1 
HETATM 1495 O O   . HOH B 2 .   ? 8.218   14.624  4.085   1.00 58.10 ? 87  HOH A O   1 
HETATM 1496 O O   . HOH B 2 .   ? 10.275  14.200  6.997   1.00 57.02 ? 88  HOH A O   1 
HETATM 1497 O O   . HOH B 2 .   ? 17.600  -7.467  -8.474  1.00 58.15 ? 89  HOH A O   1 
HETATM 1498 O O   . HOH B 2 .   ? -1.732  -6.238  -11.142 1.00 59.40 ? 90  HOH A O   1 
HETATM 1499 O O   . HOH B 2 .   ? -3.303  -13.047 -7.822  1.00 50.62 ? 91  HOH A O   1 
# 
loop_
_pdbx_poly_seq_scheme.asym_id 
_pdbx_poly_seq_scheme.entity_id 
_pdbx_poly_seq_scheme.seq_id 
_pdbx_poly_seq_scheme.mon_id 
_pdbx_poly_seq_scheme.ndb_seq_num 
_pdbx_poly_seq_scheme.pdb_seq_num 
_pdbx_poly_seq_scheme.auth_seq_num 
_pdbx_poly_seq_scheme.pdb_mon_id 
_pdbx_poly_seq_scheme.auth_mon_id 
_pdbx_poly_seq_scheme.pdb_strand_id 
_pdbx_poly_seq_scheme.pdb_ins_code 
_pdbx_poly_seq_scheme.hetero 
A 1 1   ALA 1   335 ?   ?   ?   A . n 
A 1 2   THR 2   336 336 THR THR A . n 
A 1 3   SER 3   337 337 SER SER A . n 
A 1 4   TRP 4   338 338 TRP TRP A . n 
A 1 5   LEU 5   339 339 LEU LEU A . n 
A 1 6   LEU 6   340 340 LEU LEU A . n 
A 1 7   ASP 7   341 341 ASP ASP A . n 
A 1 8   GLY 8   342 342 GLY GLY A . n 
A 1 9   HIS 9   343 343 HIS HIS A . n 
A 1 10  LEU 10  344 344 LEU LEU A . n 
A 1 11  ARG 11  345 345 ARG ARG A . n 
A 1 12  ALA 12  346 346 ALA ALA A . n 
A 1 13  TYR 13  347 347 TYR TYR A . n 
A 1 14  THR 14  348 348 THR THR A . n 
A 1 15  ASP 15  349 349 ASP ASP A . n 
A 1 16  ASP 16  350 350 ASP ASP A . n 
A 1 17  LEU 17  351 351 LEU LEU A . n 
A 1 18  ALA 18  352 352 ALA ALA A . n 
A 1 19  ARG 19  353 353 ARG ARG A . n 
A 1 20  ARG 20  354 354 ARG ARG A . n 
A 1 21  LEU 21  355 355 LEU LEU A . n 
A 1 22  ARG 22  356 356 ARG ARG A . n 
A 1 23  GLY 23  357 357 GLY GLY A . n 
A 1 24  GLU 24  358 358 GLU GLU A . n 
A 1 25  PRO 25  359 359 PRO PRO A . n 
A 1 26  ASN 26  360 360 ASN ASN A . n 
A 1 27  ALA 27  361 361 ALA ALA A . n 
A 1 28  HIS 28  362 362 HIS HIS A . n 
A 1 29  LEU 29  363 363 LEU LEU A . n 
A 1 30  LEU 30  364 364 LEU LEU A . n 
A 1 31  HIS 31  365 365 HIS HIS A . n 
A 1 32  PHE 32  366 366 PHE PHE A . n 
A 1 33  ALA 33  367 367 ALA ALA A . n 
A 1 34  ASP 34  368 368 ASP ASP A . n 
A 1 35  SER 35  369 369 SER SER A . n 
A 1 36  GLN 36  370 370 GLN GLN A . n 
A 1 37  VAL 37  371 371 VAL VAL A . n 
A 1 38  VAL 38  372 372 VAL VAL A . n 
A 1 39  THR 39  373 373 THR THR A . n 
A 1 40  MET 40  374 374 MET MET A . n 
A 1 41  LEU 41  375 375 LEU LEU A . n 
A 1 42  SER 42  376 376 SER SER A . n 
A 1 43  SER 43  377 377 SER SER A . n 
A 1 44  ALA 44  378 378 ALA ALA A . n 
A 1 45  ASP 45  379 379 ASP ASP A . n 
A 1 46  PRO 46  380 380 PRO PRO A . n 
A 1 47  ASP 47  381 381 ASP ASP A . n 
A 1 48  GLN 48  382 382 GLN GLN A . n 
A 1 49  GLN 49  383 383 GLN GLN A . n 
A 1 50  ALA 50  384 384 ALA ALA A . n 
A 1 51  ARG 51  385 385 ARG ARG A . n 
A 1 52  ALA 52  386 386 ALA ALA A . n 
A 1 53  GLN 53  387 387 GLN GLN A . n 
A 1 54  ARG 54  388 388 ARG ARG A . n 
A 1 55  LEU 55  389 389 LEU LEU A . n 
A 1 56  LEU 56  390 390 LEU LEU A . n 
A 1 57  ALA 57  391 391 ALA ALA A . n 
A 1 58  GLY 58  392 392 GLY GLY A . n 
A 1 59  ASP 59  393 393 ASP ASP A . n 
A 1 60  ASP 60  394 394 ASP ASP A . n 
A 1 61  ILE 61  395 395 ILE ILE A . n 
A 1 62  PRO 62  396 396 PRO PRO A . n 
A 1 63  PRO 63  397 397 PRO PRO A . n 
A 1 64  ILE 64  398 398 ILE ILE A . n 
A 1 65  VAL 65  399 399 VAL VAL A . n 
A 1 66  PHE 66  400 400 PHE PHE A . n 
A 1 67  LEU 67  401 401 LEU LEU A . n 
A 1 68  PRO 68  402 402 PRO PRO A . n 
A 1 69  ILE 69  403 403 ILE ILE A . n 
A 1 70  ASN 70  404 404 ASN ASN A . n 
A 1 71  GLN 71  405 405 GLN GLN A . n 
A 1 72  PRO 72  406 406 PRO PRO A . n 
A 1 73  ASN 73  407 407 ASN ASN A . n 
A 1 74  ALA 74  408 408 ALA ALA A . n 
A 1 75  HIS 75  409 409 HIS HIS A . n 
A 1 76  TRP 76  410 410 TRP TRP A . n 
A 1 77  SER 77  411 411 SER SER A . n 
A 1 78  LEU 78  412 412 LEU LEU A . n 
A 1 79  LEU 79  413 413 LEU LEU A . n 
A 1 80  VAL 80  414 414 VAL VAL A . n 
A 1 81  VAL 81  415 415 VAL VAL A . n 
A 1 82  ASP 82  416 416 ASP ASP A . n 
A 1 83  ARG 83  417 417 ARG ARG A . n 
A 1 84  ARG 84  418 418 ARG ARG A . n 
A 1 85  ASN 85  419 419 ASN ASN A . n 
A 1 86  LYS 86  420 420 LYS LYS A . n 
A 1 87  ASP 87  421 421 ASP ASP A . n 
A 1 88  ALA 88  422 422 ALA ALA A . n 
A 1 89  VAL 89  423 423 VAL VAL A . n 
A 1 90  ALA 90  424 424 ALA ALA A . n 
A 1 91  ALA 91  425 425 ALA ALA A . n 
A 1 92  TYR 92  426 426 TYR TYR A . n 
A 1 93  HIS 93  427 427 HIS HIS A . n 
A 1 94  TYR 94  428 428 TYR TYR A . n 
A 1 95  ASP 95  429 429 ASP ASP A . n 
A 1 96  SER 96  430 430 SER SER A . n 
A 1 97  MET 97  431 431 MET MET A . n 
A 1 98  ALA 98  432 432 ALA ALA A . n 
A 1 99  GLN 99  433 433 GLN GLN A . n 
A 1 100 LYS 100 434 434 LYS LYS A . n 
A 1 101 ASP 101 435 435 ASP ASP A . n 
A 1 102 PRO 102 436 436 PRO PRO A . n 
A 1 103 GLN 103 437 437 GLN GLN A . n 
A 1 104 GLN 104 438 438 GLN GLN A . n 
A 1 105 ARG 105 439 439 ARG ARG A . n 
A 1 106 TYR 106 440 440 TYR TYR A . n 
A 1 107 LEU 107 441 441 LEU LEU A . n 
A 1 108 ALA 108 442 442 ALA ALA A . n 
A 1 109 ASP 109 443 443 ASP ASP A . n 
A 1 110 MET 110 444 444 MET MET A . n 
A 1 111 ALA 111 445 445 ALA ALA A . n 
A 1 112 ALA 112 446 446 ALA ALA A . n 
A 1 113 TYR 113 447 447 TYR TYR A . n 
A 1 114 HIS 114 448 448 HIS HIS A . n 
A 1 115 LEU 115 449 449 LEU LEU A . n 
A 1 116 GLY 116 450 450 GLY GLY A . n 
A 1 117 LEU 117 451 451 LEU LEU A . n 
A 1 118 ASP 118 452 452 ASP ASP A . n 
A 1 119 TYR 119 453 453 TYR TYR A . n 
A 1 120 GLN 120 454 454 GLN GLN A . n 
A 1 121 GLN 121 455 455 GLN GLN A . n 
A 1 122 THR 122 456 456 THR THR A . n 
A 1 123 HIS 123 457 457 HIS HIS A . n 
A 1 124 GLU 124 458 458 GLU GLU A . n 
A 1 125 MET 125 459 459 MET MET A . n 
A 1 126 PRO 126 460 460 PRO PRO A . n 
A 1 127 ILE 127 461 461 ILE ILE A . n 
A 1 128 ALA 128 462 462 ALA ALA A . n 
A 1 129 ILE 129 463 463 ILE ILE A . n 
A 1 130 GLN 130 464 464 GLN GLN A . n 
A 1 131 SER 131 465 465 SER SER A . n 
A 1 132 ASP 132 466 ?   ?   ?   A . n 
A 1 133 GLY 133 467 ?   ?   ?   A . n 
A 1 134 TYR 134 468 468 TYR TYR A . n 
A 1 135 SER 135 469 469 SER SER A . n 
A 1 136 ALA 136 470 470 ALA ALA A . n 
A 1 137 GLY 137 471 471 GLY GLY A . n 
A 1 138 ASP 138 472 472 ASP ASP A . n 
A 1 139 HIS 139 473 473 HIS HIS A . n 
A 1 140 VAL 140 474 474 VAL VAL A . n 
A 1 141 LEU 141 475 475 LEU LEU A . n 
A 1 142 THR 142 476 476 THR THR A . n 
A 1 143 GLY 143 477 477 GLY GLY A . n 
A 1 144 ILE 144 478 478 ILE ILE A . n 
A 1 145 GLU 145 479 479 GLU GLU A . n 
A 1 146 VAL 146 480 480 VAL VAL A . n 
A 1 147 LEU 147 481 481 LEU LEU A . n 
A 1 148 ALA 148 482 482 ALA ALA A . n 
A 1 149 HIS 149 483 483 HIS HIS A . n 
A 1 150 ARG 150 484 484 ARG ARG A . n 
A 1 151 VAL 151 485 485 VAL VAL A . n 
A 1 152 LEU 152 486 486 LEU LEU A . n 
A 1 153 ASP 153 487 487 ASP ASP A . n 
A 1 154 GLY 154 488 488 GLY GLY A . n 
A 1 155 THR 155 489 489 THR THR A . n 
A 1 156 PHE 156 490 490 PHE PHE A . n 
A 1 157 ASP 157 491 491 ASP ASP A . n 
A 1 158 TYR 158 492 492 TYR TYR A . n 
A 1 159 ALA 159 493 493 ALA ALA A . n 
A 1 160 GLY 160 494 494 GLY GLY A . n 
A 1 161 GLY 161 495 495 GLY GLY A . n 
A 1 162 ARG 162 496 496 ARG ARG A . n 
A 1 163 ASP 163 497 497 ASP ASP A . n 
A 1 164 LEU 164 498 498 LEU LEU A . n 
A 1 165 THR 165 499 499 THR THR A . n 
A 1 166 ASP 166 500 500 ASP ASP A . n 
A 1 167 ILE 167 501 501 ILE ILE A . n 
A 1 168 GLU 168 502 502 GLU GLU A . n 
A 1 169 PRO 169 503 503 PRO PRO A . n 
A 1 170 ASP 170 504 504 ASP ASP A . n 
A 1 171 ARG 171 505 505 ARG ARG A . n 
A 1 172 GLY 172 506 506 GLY GLY A . n 
A 1 173 LEU 173 507 507 LEU LEU A . n 
A 1 174 ILE 174 508 508 ILE ILE A . n 
A 1 175 ARG 175 509 509 ARG ARG A . n 
A 1 176 ASP 176 510 510 ASP ASP A . n 
A 1 177 ARG 177 511 511 ARG ARG A . n 
A 1 178 LEU 178 512 512 LEU LEU A . n 
A 1 179 ALA 179 513 513 ALA ALA A . n 
A 1 180 GLN 180 514 514 GLN GLN A . n 
A 1 181 ALA 181 515 515 ALA ALA A . n 
A 1 182 GLU 182 516 ?   ?   ?   A . n 
A 1 183 GLN 183 517 ?   ?   ?   A . n 
A 1 184 ALA 184 518 ?   ?   ?   A . n 
A 1 185 PRO 185 519 ?   ?   ?   A . n 
A 1 186 ALA 186 520 ?   ?   ?   A . n 
# 
loop_
_pdbx_nonpoly_scheme.asym_id 
_pdbx_nonpoly_scheme.entity_id 
_pdbx_nonpoly_scheme.mon_id 
_pdbx_nonpoly_scheme.ndb_seq_num 
_pdbx_nonpoly_scheme.pdb_seq_num 
_pdbx_nonpoly_scheme.auth_seq_num 
_pdbx_nonpoly_scheme.pdb_mon_id 
_pdbx_nonpoly_scheme.auth_mon_id 
_pdbx_nonpoly_scheme.pdb_strand_id 
_pdbx_nonpoly_scheme.pdb_ins_code 
B 2 HOH 1  1  1  HOH HOH A . 
B 2 HOH 2  2  2  HOH HOH A . 
B 2 HOH 3  3  3  HOH HOH A . 
B 2 HOH 4  4  4  HOH HOH A . 
B 2 HOH 5  5  5  HOH HOH A . 
B 2 HOH 6  6  6  HOH HOH A . 
B 2 HOH 7  7  7  HOH HOH A . 
B 2 HOH 8  8  8  HOH HOH A . 
B 2 HOH 9  9  9  HOH HOH A . 
B 2 HOH 10 10 10 HOH HOH A . 
B 2 HOH 11 11 11 HOH HOH A . 
B 2 HOH 12 12 12 HOH HOH A . 
B 2 HOH 13 13 13 HOH HOH A . 
B 2 HOH 14 14 14 HOH HOH A . 
B 2 HOH 15 15 15 HOH HOH A . 
B 2 HOH 16 16 16 HOH HOH A . 
B 2 HOH 17 17 17 HOH HOH A . 
B 2 HOH 18 18 18 HOH HOH A . 
B 2 HOH 19 19 19 HOH HOH A . 
B 2 HOH 20 20 20 HOH HOH A . 
B 2 HOH 21 21 21 HOH HOH A . 
B 2 HOH 22 22 22 HOH HOH A . 
B 2 HOH 23 23 23 HOH HOH A . 
B 2 HOH 24 24 24 HOH HOH A . 
B 2 HOH 25 25 25 HOH HOH A . 
B 2 HOH 26 26 26 HOH HOH A . 
B 2 HOH 27 27 27 HOH HOH A . 
B 2 HOH 28 28 28 HOH HOH A . 
B 2 HOH 29 29 29 HOH HOH A . 
B 2 HOH 30 30 30 HOH HOH A . 
B 2 HOH 31 31 31 HOH HOH A . 
B 2 HOH 32 32 32 HOH HOH A . 
B 2 HOH 33 33 33 HOH HOH A . 
B 2 HOH 34 34 34 HOH HOH A . 
B 2 HOH 35 35 35 HOH HOH A . 
B 2 HOH 36 36 36 HOH HOH A . 
B 2 HOH 37 37 37 HOH HOH A . 
B 2 HOH 38 38 38 HOH HOH A . 
B 2 HOH 39 39 39 HOH HOH A . 
B 2 HOH 40 40 40 HOH HOH A . 
B 2 HOH 41 41 41 HOH HOH A . 
B 2 HOH 42 42 42 HOH HOH A . 
B 2 HOH 43 43 43 HOH HOH A . 
B 2 HOH 44 44 44 HOH HOH A . 
B 2 HOH 45 45 45 HOH HOH A . 
B 2 HOH 46 46 46 HOH HOH A . 
B 2 HOH 47 47 47 HOH HOH A . 
B 2 HOH 48 48 48 HOH HOH A . 
B 2 HOH 49 49 49 HOH HOH A . 
B 2 HOH 50 50 50 HOH HOH A . 
B 2 HOH 51 51 51 HOH HOH A . 
B 2 HOH 52 52 52 HOH HOH A . 
B 2 HOH 53 53 53 HOH HOH A . 
B 2 HOH 54 54 54 HOH HOH A . 
B 2 HOH 55 55 55 HOH HOH A . 
B 2 HOH 56 56 56 HOH HOH A . 
B 2 HOH 57 57 57 HOH HOH A . 
B 2 HOH 58 58 58 HOH HOH A . 
B 2 HOH 59 59 59 HOH HOH A . 
B 2 HOH 60 60 60 HOH HOH A . 
B 2 HOH 61 61 61 HOH HOH A . 
B 2 HOH 62 62 62 HOH HOH A . 
B 2 HOH 63 63 63 HOH HOH A . 
B 2 HOH 64 64 64 HOH HOH A . 
B 2 HOH 65 65 65 HOH HOH A . 
B 2 HOH 66 66 66 HOH HOH A . 
B 2 HOH 67 67 67 HOH HOH A . 
B 2 HOH 68 68 68 HOH HOH A . 
B 2 HOH 69 69 69 HOH HOH A . 
B 2 HOH 70 70 70 HOH HOH A . 
B 2 HOH 71 71 71 HOH HOH A . 
B 2 HOH 72 72 72 HOH HOH A . 
B 2 HOH 73 73 73 HOH HOH A . 
B 2 HOH 74 74 74 HOH HOH A . 
B 2 HOH 75 75 75 HOH HOH A . 
B 2 HOH 76 76 76 HOH HOH A . 
B 2 HOH 77 77 77 HOH HOH A . 
B 2 HOH 78 78 78 HOH HOH A . 
B 2 HOH 79 79 79 HOH HOH A . 
B 2 HOH 80 80 80 HOH HOH A . 
B 2 HOH 81 81 81 HOH HOH A . 
B 2 HOH 82 82 82 HOH HOH A . 
B 2 HOH 83 83 83 HOH HOH A . 
B 2 HOH 84 84 84 HOH HOH A . 
B 2 HOH 85 85 85 HOH HOH A . 
B 2 HOH 86 86 86 HOH HOH A . 
B 2 HOH 87 87 87 HOH HOH A . 
B 2 HOH 88 88 88 HOH HOH A . 
B 2 HOH 89 89 89 HOH HOH A . 
B 2 HOH 90 90 90 HOH HOH A . 
B 2 HOH 91 91 91 HOH HOH A . 
# 
_pdbx_struct_assembly.id                   1 
_pdbx_struct_assembly.details              author_defined_assembly 
_pdbx_struct_assembly.method_details       ? 
_pdbx_struct_assembly.oligomeric_details   monomeric 
_pdbx_struct_assembly.oligomeric_count     1 
# 
_pdbx_struct_assembly_gen.assembly_id       1 
_pdbx_struct_assembly_gen.oper_expression   1 
_pdbx_struct_assembly_gen.asym_id_list      A,B 
# 
_pdbx_struct_oper_list.id                   1 
_pdbx_struct_oper_list.type                 'identity operation' 
_pdbx_struct_oper_list.name                 1_555 
_pdbx_struct_oper_list.symmetry_operation   x,y,z 
_pdbx_struct_oper_list.matrix[1][1]         1.0000000000 
_pdbx_struct_oper_list.matrix[1][2]         0.0000000000 
_pdbx_struct_oper_list.matrix[1][3]         0.0000000000 
_pdbx_struct_oper_list.vector[1]            0.0000000000 
_pdbx_struct_oper_list.matrix[2][1]         0.0000000000 
_pdbx_struct_oper_list.matrix[2][2]         1.0000000000 
_pdbx_struct_oper_list.matrix[2][3]         0.0000000000 
_pdbx_struct_oper_list.vector[2]            0.0000000000 
_pdbx_struct_oper_list.matrix[3][1]         0.0000000000 
_pdbx_struct_oper_list.matrix[3][2]         0.0000000000 
_pdbx_struct_oper_list.matrix[3][3]         1.0000000000 
_pdbx_struct_oper_list.vector[3]            0.0000000000 
# 
loop_
_pdbx_audit_revision_history.ordinal 
_pdbx_audit_revision_history.data_content_type 
_pdbx_audit_revision_history.major_revision 
_pdbx_audit_revision_history.minor_revision 
_pdbx_audit_revision_history.revision_date 
1 'Structure model' 1 0 2007-05-29 
2 'Structure model' 1 1 2008-05-01 
3 'Structure model' 1 2 2011-07-13 
4 'Structure model' 1 3 2021-10-20 
5 'Structure model' 1 4 2023-08-30 
# 
_pdbx_audit_revision_details.ordinal             1 
_pdbx_audit_revision_details.revision_ordinal    1 
_pdbx_audit_revision_details.data_content_type   'Structure model' 
_pdbx_audit_revision_details.provider            repository 
_pdbx_audit_revision_details.type                'Initial release' 
_pdbx_audit_revision_details.description         ? 
_pdbx_audit_revision_details.details             ? 
# 
loop_
_pdbx_audit_revision_group.ordinal 
_pdbx_audit_revision_group.revision_ordinal 
_pdbx_audit_revision_group.data_content_type 
_pdbx_audit_revision_group.group 
1 2 'Structure model' 'Version format compliance' 
2 3 'Structure model' Advisory                    
3 3 'Structure model' 'Version format compliance' 
4 4 'Structure model' 'Database references'       
5 5 'Structure model' 'Data collection'           
6 5 'Structure model' 'Refinement description'    
# 
loop_
_pdbx_audit_revision_category.ordinal 
_pdbx_audit_revision_category.revision_ordinal 
_pdbx_audit_revision_category.data_content_type 
_pdbx_audit_revision_category.category 
1 4 'Structure model' database_2                    
2 4 'Structure model' struct_ref_seq_dif            
3 5 'Structure model' chem_comp_atom                
4 5 'Structure model' chem_comp_bond                
5 5 'Structure model' pdbx_initial_refinement_model 
# 
loop_
_pdbx_audit_revision_item.ordinal 
_pdbx_audit_revision_item.revision_ordinal 
_pdbx_audit_revision_item.data_content_type 
_pdbx_audit_revision_item.item 
1 4 'Structure model' '_database_2.pdbx_DOI'                
2 4 'Structure model' '_database_2.pdbx_database_accession' 
3 4 'Structure model' '_struct_ref_seq_dif.details'         
# 
loop_
_pdbx_refine_tls.id 
_pdbx_refine_tls.details 
_pdbx_refine_tls.method 
_pdbx_refine_tls.origin_x 
_pdbx_refine_tls.origin_y 
_pdbx_refine_tls.origin_z 
_pdbx_refine_tls.T[1][1] 
_pdbx_refine_tls.T[2][2] 
_pdbx_refine_tls.T[3][3] 
_pdbx_refine_tls.T[1][2] 
_pdbx_refine_tls.T[1][3] 
_pdbx_refine_tls.T[2][3] 
_pdbx_refine_tls.L[1][1] 
_pdbx_refine_tls.L[2][2] 
_pdbx_refine_tls.L[3][3] 
_pdbx_refine_tls.L[1][2] 
_pdbx_refine_tls.L[1][3] 
_pdbx_refine_tls.L[2][3] 
_pdbx_refine_tls.S[1][1] 
_pdbx_refine_tls.S[1][2] 
_pdbx_refine_tls.S[1][3] 
_pdbx_refine_tls.S[2][1] 
_pdbx_refine_tls.S[2][2] 
_pdbx_refine_tls.S[2][3] 
_pdbx_refine_tls.S[3][1] 
_pdbx_refine_tls.S[3][2] 
_pdbx_refine_tls.S[3][3] 
_pdbx_refine_tls.pdbx_refine_id 
1 ? refined -8.1985  -8.4884 10.3749 0.0482  0.1596  0.1457 -0.0195 0.1252  0.1976  20.0570 17.9444 4.1121  -10.6086 6.6630  1.3150   -0.7094 -2.3498 -0.7960 1.6265  0.6656  1.2150  0.4070  -0.7614 0.0438  'X-RAY DIFFRACTION' 
2 ? refined -1.7538  -7.3094 -5.9233 0.1134  0.0194  0.1538 -0.0064 -0.0118 -0.0143 3.3661  2.0009  2.3630  0.1628   0.2114  -0.7835  0.1051  0.1232  -0.5410 -0.4706 0.0208  0.1069  0.3103  -0.1910 -0.1260 'X-RAY DIFFRACTION' 
3 ? refined 14.8871  -8.3467 2.3289  -0.1215 -0.0457 0.4701 0.0296  0.0948  0.1299  10.1297 3.7521  23.0026 -0.2314  5.5558  -8.7035  -0.0236 -0.1473 -1.3893 -0.2880 -0.6684 -1.3312 0.7465  1.0258  0.6920  'X-RAY DIFFRACTION' 
4 ? refined 4.0699   2.3753  -0.8696 0.0537  0.1176  0.1262 -0.0205 0.0139  0.0165  2.4209  3.0180  4.5244  -0.7809  -0.6108 -0.1527  -0.0006 -0.0330 -0.1487 0.0632  -0.0668 -0.1320 0.0200  0.2512  0.0675  'X-RAY DIFFRACTION' 
5 ? refined -4.1389  9.4981  13.7710 0.1758  0.2591  0.1206 0.0197  0.0337  -0.0811 16.3841 14.8596 22.2028 -0.7513  13.1595 -13.7360 -0.6637 -1.2952 1.2192  3.1922  -0.3943 -0.8973 -1.3967 -1.1294 1.0580  'X-RAY DIFFRACTION' 
6 ? refined 7.0785   7.4388  5.5098  0.1019  0.0387  0.0853 -0.0504 -0.0305 0.0059  4.0337  2.3910  4.3779  0.0236   0.1669  0.0567   -0.0889 -0.0054 0.1359  0.2278  -0.0495 -0.1323 -0.3269 0.1168  0.1384  'X-RAY DIFFRACTION' 
7 ? refined -7.1152  4.9362  -3.9108 0.0306  0.1066  0.1518 0.0278  0.0200  0.0166  3.3500  4.3407  3.7652  0.1638   0.6826  -2.9703  0.1371  -0.1037 -0.0734 0.0246  0.0433  0.3286  -0.1120 -0.2482 -0.1803 'X-RAY DIFFRACTION' 
8 ? refined -15.4788 -4.7523 0.7426  -0.1157 0.1583  0.2280 0.0095  0.0103  0.1589  7.6837  12.6824 6.7623  1.6412   0.3143  -4.9499  0.0088  -0.1641 -0.6435 0.1480  0.5573  1.6548  0.4799  -0.8838 -0.5661 'X-RAY DIFFRACTION' 
# 
loop_
_pdbx_refine_tls_group.id 
_pdbx_refine_tls_group.refine_tls_id 
_pdbx_refine_tls_group.beg_auth_asym_id 
_pdbx_refine_tls_group.beg_auth_seq_id 
_pdbx_refine_tls_group.beg_label_asym_id 
_pdbx_refine_tls_group.beg_label_seq_id 
_pdbx_refine_tls_group.end_auth_asym_id 
_pdbx_refine_tls_group.end_auth_seq_id 
_pdbx_refine_tls_group.end_label_asym_id 
_pdbx_refine_tls_group.end_label_seq_id 
_pdbx_refine_tls_group.selection 
_pdbx_refine_tls_group.pdbx_refine_id 
_pdbx_refine_tls_group.selection_details 
1 1 A 336 A 2   A 343 A 9   ? 'X-RAY DIFFRACTION' ? 
2 2 A 344 A 10  A 374 A 40  ? 'X-RAY DIFFRACTION' ? 
3 3 A 375 A 41  A 393 A 59  ? 'X-RAY DIFFRACTION' ? 
4 4 A 394 A 60  A 429 A 95  ? 'X-RAY DIFFRACTION' ? 
5 5 A 430 A 96  A 435 A 101 ? 'X-RAY DIFFRACTION' ? 
6 6 A 436 A 102 A 463 A 129 ? 'X-RAY DIFFRACTION' ? 
7 7 A 464 A 130 A 499 A 165 ? 'X-RAY DIFFRACTION' ? 
8 8 A 500 A 166 A 515 A 181 ? 'X-RAY DIFFRACTION' ? 
# 
loop_
_software.name 
_software.classification 
_software.version 
_software.citation_id 
_software.pdbx_ordinal 
REFMAC   refinement        5.2.0019 ? 1 
HKL-2000 'data collection' .        ? 2 
HKL-2000 'data reduction'  .        ? 3 
HKL-2000 'data scaling'    .        ? 4 
CNS      phasing           .        ? 5 
# 
_pdbx_validate_rmsd_bond.id                        1 
_pdbx_validate_rmsd_bond.PDB_model_num             1 
_pdbx_validate_rmsd_bond.auth_atom_id_1            C 
_pdbx_validate_rmsd_bond.auth_asym_id_1            A 
_pdbx_validate_rmsd_bond.auth_comp_id_1            PRO 
_pdbx_validate_rmsd_bond.auth_seq_id_1             380 
_pdbx_validate_rmsd_bond.PDB_ins_code_1            ? 
_pdbx_validate_rmsd_bond.label_alt_id_1            ? 
_pdbx_validate_rmsd_bond.auth_atom_id_2            O 
_pdbx_validate_rmsd_bond.auth_asym_id_2            A 
_pdbx_validate_rmsd_bond.auth_comp_id_2            PRO 
_pdbx_validate_rmsd_bond.auth_seq_id_2             380 
_pdbx_validate_rmsd_bond.PDB_ins_code_2            ? 
_pdbx_validate_rmsd_bond.label_alt_id_2            ? 
_pdbx_validate_rmsd_bond.bond_value                1.368 
_pdbx_validate_rmsd_bond.bond_target_value         1.228 
_pdbx_validate_rmsd_bond.bond_deviation            0.140 
_pdbx_validate_rmsd_bond.bond_standard_deviation   0.020 
_pdbx_validate_rmsd_bond.linker_flag               N 
# 
loop_
_pdbx_validate_torsion.id 
_pdbx_validate_torsion.PDB_model_num 
_pdbx_validate_torsion.auth_comp_id 
_pdbx_validate_torsion.auth_asym_id 
_pdbx_validate_torsion.auth_seq_id 
_pdbx_validate_torsion.PDB_ins_code 
_pdbx_validate_torsion.label_alt_id 
_pdbx_validate_torsion.phi 
_pdbx_validate_torsion.psi 
1 1 ASN A 360 ? ? 76.00   -1.01  
2 1 SER A 377 ? ? -49.39  152.85 
3 1 ASP A 393 ? ? -66.94  6.80   
4 1 ALA A 408 ? ? -132.14 -50.44 
# 
loop_
_pdbx_unobs_or_zero_occ_residues.id 
_pdbx_unobs_or_zero_occ_residues.PDB_model_num 
_pdbx_unobs_or_zero_occ_residues.polymer_flag 
_pdbx_unobs_or_zero_occ_residues.occupancy_flag 
_pdbx_unobs_or_zero_occ_residues.auth_asym_id 
_pdbx_unobs_or_zero_occ_residues.auth_comp_id 
_pdbx_unobs_or_zero_occ_residues.auth_seq_id 
_pdbx_unobs_or_zero_occ_residues.PDB_ins_code 
_pdbx_unobs_or_zero_occ_residues.label_asym_id 
_pdbx_unobs_or_zero_occ_residues.label_comp_id 
_pdbx_unobs_or_zero_occ_residues.label_seq_id 
1 1 Y 1 A ALA 335 ? A ALA 1   
2 1 Y 1 A ASP 466 ? A ASP 132 
3 1 Y 1 A GLY 467 ? A GLY 133 
4 1 Y 1 A GLU 516 ? A GLU 182 
5 1 Y 1 A GLN 517 ? A GLN 183 
6 1 Y 1 A ALA 518 ? A ALA 184 
7 1 Y 1 A PRO 519 ? A PRO 185 
8 1 Y 1 A ALA 520 ? A ALA 186 
# 
loop_
_chem_comp_atom.comp_id 
_chem_comp_atom.atom_id 
_chem_comp_atom.type_symbol 
_chem_comp_atom.pdbx_aromatic_flag 
_chem_comp_atom.pdbx_stereo_config 
_chem_comp_atom.pdbx_ordinal 
ALA N    N N N 1   
ALA CA   C N S 2   
ALA C    C N N 3   
ALA O    O N N 4   
ALA CB   C N N 5   
ALA OXT  O N N 6   
ALA H    H N N 7   
ALA H2   H N N 8   
ALA HA   H N N 9   
ALA HB1  H N N 10  
ALA HB2  H N N 11  
ALA HB3  H N N 12  
ALA HXT  H N N 13  
ARG N    N N N 14  
ARG CA   C N S 15  
ARG C    C N N 16  
ARG O    O N N 17  
ARG CB   C N N 18  
ARG CG   C N N 19  
ARG CD   C N N 20  
ARG NE   N N N 21  
ARG CZ   C N N 22  
ARG NH1  N N N 23  
ARG NH2  N N N 24  
ARG OXT  O N N 25  
ARG H    H N N 26  
ARG H2   H N N 27  
ARG HA   H N N 28  
ARG HB2  H N N 29  
ARG HB3  H N N 30  
ARG HG2  H N N 31  
ARG HG3  H N N 32  
ARG HD2  H N N 33  
ARG HD3  H N N 34  
ARG HE   H N N 35  
ARG HH11 H N N 36  
ARG HH12 H N N 37  
ARG HH21 H N N 38  
ARG HH22 H N N 39  
ARG HXT  H N N 40  
ASN N    N N N 41  
ASN CA   C N S 42  
ASN C    C N N 43  
ASN O    O N N 44  
ASN CB   C N N 45  
ASN CG   C N N 46  
ASN OD1  O N N 47  
ASN ND2  N N N 48  
ASN OXT  O N N 49  
ASN H    H N N 50  
ASN H2   H N N 51  
ASN HA   H N N 52  
ASN HB2  H N N 53  
ASN HB3  H N N 54  
ASN HD21 H N N 55  
ASN HD22 H N N 56  
ASN HXT  H N N 57  
ASP N    N N N 58  
ASP CA   C N S 59  
ASP C    C N N 60  
ASP O    O N N 61  
ASP CB   C N N 62  
ASP CG   C N N 63  
ASP OD1  O N N 64  
ASP OD2  O N N 65  
ASP OXT  O N N 66  
ASP H    H N N 67  
ASP H2   H N N 68  
ASP HA   H N N 69  
ASP HB2  H N N 70  
ASP HB3  H N N 71  
ASP HD2  H N N 72  
ASP HXT  H N N 73  
CYS N    N N N 74  
CYS CA   C N R 75  
CYS C    C N N 76  
CYS O    O N N 77  
CYS CB   C N N 78  
CYS SG   S N N 79  
CYS OXT  O N N 80  
CYS H    H N N 81  
CYS H2   H N N 82  
CYS HA   H N N 83  
CYS HB2  H N N 84  
CYS HB3  H N N 85  
CYS HG   H N N 86  
CYS HXT  H N N 87  
GLN N    N N N 88  
GLN CA   C N S 89  
GLN C    C N N 90  
GLN O    O N N 91  
GLN CB   C N N 92  
GLN CG   C N N 93  
GLN CD   C N N 94  
GLN OE1  O N N 95  
GLN NE2  N N N 96  
GLN OXT  O N N 97  
GLN H    H N N 98  
GLN H2   H N N 99  
GLN HA   H N N 100 
GLN HB2  H N N 101 
GLN HB3  H N N 102 
GLN HG2  H N N 103 
GLN HG3  H N N 104 
GLN HE21 H N N 105 
GLN HE22 H N N 106 
GLN HXT  H N N 107 
GLU N    N N N 108 
GLU CA   C N S 109 
GLU C    C N N 110 
GLU O    O N N 111 
GLU CB   C N N 112 
GLU CG   C N N 113 
GLU CD   C N N 114 
GLU OE1  O N N 115 
GLU OE2  O N N 116 
GLU OXT  O N N 117 
GLU H    H N N 118 
GLU H2   H N N 119 
GLU HA   H N N 120 
GLU HB2  H N N 121 
GLU HB3  H N N 122 
GLU HG2  H N N 123 
GLU HG3  H N N 124 
GLU HE2  H N N 125 
GLU HXT  H N N 126 
GLY N    N N N 127 
GLY CA   C N N 128 
GLY C    C N N 129 
GLY O    O N N 130 
GLY OXT  O N N 131 
GLY H    H N N 132 
GLY H2   H N N 133 
GLY HA2  H N N 134 
GLY HA3  H N N 135 
GLY HXT  H N N 136 
HIS N    N N N 137 
HIS CA   C N S 138 
HIS C    C N N 139 
HIS O    O N N 140 
HIS CB   C N N 141 
HIS CG   C Y N 142 
HIS ND1  N Y N 143 
HIS CD2  C Y N 144 
HIS CE1  C Y N 145 
HIS NE2  N Y N 146 
HIS OXT  O N N 147 
HIS H    H N N 148 
HIS H2   H N N 149 
HIS HA   H N N 150 
HIS HB2  H N N 151 
HIS HB3  H N N 152 
HIS HD1  H N N 153 
HIS HD2  H N N 154 
HIS HE1  H N N 155 
HIS HE2  H N N 156 
HIS HXT  H N N 157 
HOH O    O N N 158 
HOH H1   H N N 159 
HOH H2   H N N 160 
ILE N    N N N 161 
ILE CA   C N S 162 
ILE C    C N N 163 
ILE O    O N N 164 
ILE CB   C N S 165 
ILE CG1  C N N 166 
ILE CG2  C N N 167 
ILE CD1  C N N 168 
ILE OXT  O N N 169 
ILE H    H N N 170 
ILE H2   H N N 171 
ILE HA   H N N 172 
ILE HB   H N N 173 
ILE HG12 H N N 174 
ILE HG13 H N N 175 
ILE HG21 H N N 176 
ILE HG22 H N N 177 
ILE HG23 H N N 178 
ILE HD11 H N N 179 
ILE HD12 H N N 180 
ILE HD13 H N N 181 
ILE HXT  H N N 182 
LEU N    N N N 183 
LEU CA   C N S 184 
LEU C    C N N 185 
LEU O    O N N 186 
LEU CB   C N N 187 
LEU CG   C N N 188 
LEU CD1  C N N 189 
LEU CD2  C N N 190 
LEU OXT  O N N 191 
LEU H    H N N 192 
LEU H2   H N N 193 
LEU HA   H N N 194 
LEU HB2  H N N 195 
LEU HB3  H N N 196 
LEU HG   H N N 197 
LEU HD11 H N N 198 
LEU HD12 H N N 199 
LEU HD13 H N N 200 
LEU HD21 H N N 201 
LEU HD22 H N N 202 
LEU HD23 H N N 203 
LEU HXT  H N N 204 
LYS N    N N N 205 
LYS CA   C N S 206 
LYS C    C N N 207 
LYS O    O N N 208 
LYS CB   C N N 209 
LYS CG   C N N 210 
LYS CD   C N N 211 
LYS CE   C N N 212 
LYS NZ   N N N 213 
LYS OXT  O N N 214 
LYS H    H N N 215 
LYS H2   H N N 216 
LYS HA   H N N 217 
LYS HB2  H N N 218 
LYS HB3  H N N 219 
LYS HG2  H N N 220 
LYS HG3  H N N 221 
LYS HD2  H N N 222 
LYS HD3  H N N 223 
LYS HE2  H N N 224 
LYS HE3  H N N 225 
LYS HZ1  H N N 226 
LYS HZ2  H N N 227 
LYS HZ3  H N N 228 
LYS HXT  H N N 229 
MET N    N N N 230 
MET CA   C N S 231 
MET C    C N N 232 
MET O    O N N 233 
MET CB   C N N 234 
MET CG   C N N 235 
MET SD   S N N 236 
MET CE   C N N 237 
MET OXT  O N N 238 
MET H    H N N 239 
MET H2   H N N 240 
MET HA   H N N 241 
MET HB2  H N N 242 
MET HB3  H N N 243 
MET HG2  H N N 244 
MET HG3  H N N 245 
MET HE1  H N N 246 
MET HE2  H N N 247 
MET HE3  H N N 248 
MET HXT  H N N 249 
PHE N    N N N 250 
PHE CA   C N S 251 
PHE C    C N N 252 
PHE O    O N N 253 
PHE CB   C N N 254 
PHE CG   C Y N 255 
PHE CD1  C Y N 256 
PHE CD2  C Y N 257 
PHE CE1  C Y N 258 
PHE CE2  C Y N 259 
PHE CZ   C Y N 260 
PHE OXT  O N N 261 
PHE H    H N N 262 
PHE H2   H N N 263 
PHE HA   H N N 264 
PHE HB2  H N N 265 
PHE HB3  H N N 266 
PHE HD1  H N N 267 
PHE HD2  H N N 268 
PHE HE1  H N N 269 
PHE HE2  H N N 270 
PHE HZ   H N N 271 
PHE HXT  H N N 272 
PRO N    N N N 273 
PRO CA   C N S 274 
PRO C    C N N 275 
PRO O    O N N 276 
PRO CB   C N N 277 
PRO CG   C N N 278 
PRO CD   C N N 279 
PRO OXT  O N N 280 
PRO H    H N N 281 
PRO HA   H N N 282 
PRO HB2  H N N 283 
PRO HB3  H N N 284 
PRO HG2  H N N 285 
PRO HG3  H N N 286 
PRO HD2  H N N 287 
PRO HD3  H N N 288 
PRO HXT  H N N 289 
SER N    N N N 290 
SER CA   C N S 291 
SER C    C N N 292 
SER O    O N N 293 
SER CB   C N N 294 
SER OG   O N N 295 
SER OXT  O N N 296 
SER H    H N N 297 
SER H2   H N N 298 
SER HA   H N N 299 
SER HB2  H N N 300 
SER HB3  H N N 301 
SER HG   H N N 302 
SER HXT  H N N 303 
THR N    N N N 304 
THR CA   C N S 305 
THR C    C N N 306 
THR O    O N N 307 
THR CB   C N R 308 
THR OG1  O N N 309 
THR CG2  C N N 310 
THR OXT  O N N 311 
THR H    H N N 312 
THR H2   H N N 313 
THR HA   H N N 314 
THR HB   H N N 315 
THR HG1  H N N 316 
THR HG21 H N N 317 
THR HG22 H N N 318 
THR HG23 H N N 319 
THR HXT  H N N 320 
TRP N    N N N 321 
TRP CA   C N S 322 
TRP C    C N N 323 
TRP O    O N N 324 
TRP CB   C N N 325 
TRP CG   C Y N 326 
TRP CD1  C Y N 327 
TRP CD2  C Y N 328 
TRP NE1  N Y N 329 
TRP CE2  C Y N 330 
TRP CE3  C Y N 331 
TRP CZ2  C Y N 332 
TRP CZ3  C Y N 333 
TRP CH2  C Y N 334 
TRP OXT  O N N 335 
TRP H    H N N 336 
TRP H2   H N N 337 
TRP HA   H N N 338 
TRP HB2  H N N 339 
TRP HB3  H N N 340 
TRP HD1  H N N 341 
TRP HE1  H N N 342 
TRP HE3  H N N 343 
TRP HZ2  H N N 344 
TRP HZ3  H N N 345 
TRP HH2  H N N 346 
TRP HXT  H N N 347 
TYR N    N N N 348 
TYR CA   C N S 349 
TYR C    C N N 350 
TYR O    O N N 351 
TYR CB   C N N 352 
TYR CG   C Y N 353 
TYR CD1  C Y N 354 
TYR CD2  C Y N 355 
TYR CE1  C Y N 356 
TYR CE2  C Y N 357 
TYR CZ   C Y N 358 
TYR OH   O N N 359 
TYR OXT  O N N 360 
TYR H    H N N 361 
TYR H2   H N N 362 
TYR HA   H N N 363 
TYR HB2  H N N 364 
TYR HB3  H N N 365 
TYR HD1  H N N 366 
TYR HD2  H N N 367 
TYR HE1  H N N 368 
TYR HE2  H N N 369 
TYR HH   H N N 370 
TYR HXT  H N N 371 
VAL N    N N N 372 
VAL CA   C N S 373 
VAL C    C N N 374 
VAL O    O N N 375 
VAL CB   C N N 376 
VAL CG1  C N N 377 
VAL CG2  C N N 378 
VAL OXT  O N N 379 
VAL H    H N N 380 
VAL H2   H N N 381 
VAL HA   H N N 382 
VAL HB   H N N 383 
VAL HG11 H N N 384 
VAL HG12 H N N 385 
VAL HG13 H N N 386 
VAL HG21 H N N 387 
VAL HG22 H N N 388 
VAL HG23 H N N 389 
VAL HXT  H N N 390 
# 
loop_
_chem_comp_bond.comp_id 
_chem_comp_bond.atom_id_1 
_chem_comp_bond.atom_id_2 
_chem_comp_bond.value_order 
_chem_comp_bond.pdbx_aromatic_flag 
_chem_comp_bond.pdbx_stereo_config 
_chem_comp_bond.pdbx_ordinal 
ALA N   CA   sing N N 1   
ALA N   H    sing N N 2   
ALA N   H2   sing N N 3   
ALA CA  C    sing N N 4   
ALA CA  CB   sing N N 5   
ALA CA  HA   sing N N 6   
ALA C   O    doub N N 7   
ALA C   OXT  sing N N 8   
ALA CB  HB1  sing N N 9   
ALA CB  HB2  sing N N 10  
ALA CB  HB3  sing N N 11  
ALA OXT HXT  sing N N 12  
ARG N   CA   sing N N 13  
ARG N   H    sing N N 14  
ARG N   H2   sing N N 15  
ARG CA  C    sing N N 16  
ARG CA  CB   sing N N 17  
ARG CA  HA   sing N N 18  
ARG C   O    doub N N 19  
ARG C   OXT  sing N N 20  
ARG CB  CG   sing N N 21  
ARG CB  HB2  sing N N 22  
ARG CB  HB3  sing N N 23  
ARG CG  CD   sing N N 24  
ARG CG  HG2  sing N N 25  
ARG CG  HG3  sing N N 26  
ARG CD  NE   sing N N 27  
ARG CD  HD2  sing N N 28  
ARG CD  HD3  sing N N 29  
ARG NE  CZ   sing N N 30  
ARG NE  HE   sing N N 31  
ARG CZ  NH1  sing N N 32  
ARG CZ  NH2  doub N N 33  
ARG NH1 HH11 sing N N 34  
ARG NH1 HH12 sing N N 35  
ARG NH2 HH21 sing N N 36  
ARG NH2 HH22 sing N N 37  
ARG OXT HXT  sing N N 38  
ASN N   CA   sing N N 39  
ASN N   H    sing N N 40  
ASN N   H2   sing N N 41  
ASN CA  C    sing N N 42  
ASN CA  CB   sing N N 43  
ASN CA  HA   sing N N 44  
ASN C   O    doub N N 45  
ASN C   OXT  sing N N 46  
ASN CB  CG   sing N N 47  
ASN CB  HB2  sing N N 48  
ASN CB  HB3  sing N N 49  
ASN CG  OD1  doub N N 50  
ASN CG  ND2  sing N N 51  
ASN ND2 HD21 sing N N 52  
ASN ND2 HD22 sing N N 53  
ASN OXT HXT  sing N N 54  
ASP N   CA   sing N N 55  
ASP N   H    sing N N 56  
ASP N   H2   sing N N 57  
ASP CA  C    sing N N 58  
ASP CA  CB   sing N N 59  
ASP CA  HA   sing N N 60  
ASP C   O    doub N N 61  
ASP C   OXT  sing N N 62  
ASP CB  CG   sing N N 63  
ASP CB  HB2  sing N N 64  
ASP CB  HB3  sing N N 65  
ASP CG  OD1  doub N N 66  
ASP CG  OD2  sing N N 67  
ASP OD2 HD2  sing N N 68  
ASP OXT HXT  sing N N 69  
CYS N   CA   sing N N 70  
CYS N   H    sing N N 71  
CYS N   H2   sing N N 72  
CYS CA  C    sing N N 73  
CYS CA  CB   sing N N 74  
CYS CA  HA   sing N N 75  
CYS C   O    doub N N 76  
CYS C   OXT  sing N N 77  
CYS CB  SG   sing N N 78  
CYS CB  HB2  sing N N 79  
CYS CB  HB3  sing N N 80  
CYS SG  HG   sing N N 81  
CYS OXT HXT  sing N N 82  
GLN N   CA   sing N N 83  
GLN N   H    sing N N 84  
GLN N   H2   sing N N 85  
GLN CA  C    sing N N 86  
GLN CA  CB   sing N N 87  
GLN CA  HA   sing N N 88  
GLN C   O    doub N N 89  
GLN C   OXT  sing N N 90  
GLN CB  CG   sing N N 91  
GLN CB  HB2  sing N N 92  
GLN CB  HB3  sing N N 93  
GLN CG  CD   sing N N 94  
GLN CG  HG2  sing N N 95  
GLN CG  HG3  sing N N 96  
GLN CD  OE1  doub N N 97  
GLN CD  NE2  sing N N 98  
GLN NE2 HE21 sing N N 99  
GLN NE2 HE22 sing N N 100 
GLN OXT HXT  sing N N 101 
GLU N   CA   sing N N 102 
GLU N   H    sing N N 103 
GLU N   H2   sing N N 104 
GLU CA  C    sing N N 105 
GLU CA  CB   sing N N 106 
GLU CA  HA   sing N N 107 
GLU C   O    doub N N 108 
GLU C   OXT  sing N N 109 
GLU CB  CG   sing N N 110 
GLU CB  HB2  sing N N 111 
GLU CB  HB3  sing N N 112 
GLU CG  CD   sing N N 113 
GLU CG  HG2  sing N N 114 
GLU CG  HG3  sing N N 115 
GLU CD  OE1  doub N N 116 
GLU CD  OE2  sing N N 117 
GLU OE2 HE2  sing N N 118 
GLU OXT HXT  sing N N 119 
GLY N   CA   sing N N 120 
GLY N   H    sing N N 121 
GLY N   H2   sing N N 122 
GLY CA  C    sing N N 123 
GLY CA  HA2  sing N N 124 
GLY CA  HA3  sing N N 125 
GLY C   O    doub N N 126 
GLY C   OXT  sing N N 127 
GLY OXT HXT  sing N N 128 
HIS N   CA   sing N N 129 
HIS N   H    sing N N 130 
HIS N   H2   sing N N 131 
HIS CA  C    sing N N 132 
HIS CA  CB   sing N N 133 
HIS CA  HA   sing N N 134 
HIS C   O    doub N N 135 
HIS C   OXT  sing N N 136 
HIS CB  CG   sing N N 137 
HIS CB  HB2  sing N N 138 
HIS CB  HB3  sing N N 139 
HIS CG  ND1  sing Y N 140 
HIS CG  CD2  doub Y N 141 
HIS ND1 CE1  doub Y N 142 
HIS ND1 HD1  sing N N 143 
HIS CD2 NE2  sing Y N 144 
HIS CD2 HD2  sing N N 145 
HIS CE1 NE2  sing Y N 146 
HIS CE1 HE1  sing N N 147 
HIS NE2 HE2  sing N N 148 
HIS OXT HXT  sing N N 149 
HOH O   H1   sing N N 150 
HOH O   H2   sing N N 151 
ILE N   CA   sing N N 152 
ILE N   H    sing N N 153 
ILE N   H2   sing N N 154 
ILE CA  C    sing N N 155 
ILE CA  CB   sing N N 156 
ILE CA  HA   sing N N 157 
ILE C   O    doub N N 158 
ILE C   OXT  sing N N 159 
ILE CB  CG1  sing N N 160 
ILE CB  CG2  sing N N 161 
ILE CB  HB   sing N N 162 
ILE CG1 CD1  sing N N 163 
ILE CG1 HG12 sing N N 164 
ILE CG1 HG13 sing N N 165 
ILE CG2 HG21 sing N N 166 
ILE CG2 HG22 sing N N 167 
ILE CG2 HG23 sing N N 168 
ILE CD1 HD11 sing N N 169 
ILE CD1 HD12 sing N N 170 
ILE CD1 HD13 sing N N 171 
ILE OXT HXT  sing N N 172 
LEU N   CA   sing N N 173 
LEU N   H    sing N N 174 
LEU N   H2   sing N N 175 
LEU CA  C    sing N N 176 
LEU CA  CB   sing N N 177 
LEU CA  HA   sing N N 178 
LEU C   O    doub N N 179 
LEU C   OXT  sing N N 180 
LEU CB  CG   sing N N 181 
LEU CB  HB2  sing N N 182 
LEU CB  HB3  sing N N 183 
LEU CG  CD1  sing N N 184 
LEU CG  CD2  sing N N 185 
LEU CG  HG   sing N N 186 
LEU CD1 HD11 sing N N 187 
LEU CD1 HD12 sing N N 188 
LEU CD1 HD13 sing N N 189 
LEU CD2 HD21 sing N N 190 
LEU CD2 HD22 sing N N 191 
LEU CD2 HD23 sing N N 192 
LEU OXT HXT  sing N N 193 
LYS N   CA   sing N N 194 
LYS N   H    sing N N 195 
LYS N   H2   sing N N 196 
LYS CA  C    sing N N 197 
LYS CA  CB   sing N N 198 
LYS CA  HA   sing N N 199 
LYS C   O    doub N N 200 
LYS C   OXT  sing N N 201 
LYS CB  CG   sing N N 202 
LYS CB  HB2  sing N N 203 
LYS CB  HB3  sing N N 204 
LYS CG  CD   sing N N 205 
LYS CG  HG2  sing N N 206 
LYS CG  HG3  sing N N 207 
LYS CD  CE   sing N N 208 
LYS CD  HD2  sing N N 209 
LYS CD  HD3  sing N N 210 
LYS CE  NZ   sing N N 211 
LYS CE  HE2  sing N N 212 
LYS CE  HE3  sing N N 213 
LYS NZ  HZ1  sing N N 214 
LYS NZ  HZ2  sing N N 215 
LYS NZ  HZ3  sing N N 216 
LYS OXT HXT  sing N N 217 
MET N   CA   sing N N 218 
MET N   H    sing N N 219 
MET N   H2   sing N N 220 
MET CA  C    sing N N 221 
MET CA  CB   sing N N 222 
MET CA  HA   sing N N 223 
MET C   O    doub N N 224 
MET C   OXT  sing N N 225 
MET CB  CG   sing N N 226 
MET CB  HB2  sing N N 227 
MET CB  HB3  sing N N 228 
MET CG  SD   sing N N 229 
MET CG  HG2  sing N N 230 
MET CG  HG3  sing N N 231 
MET SD  CE   sing N N 232 
MET CE  HE1  sing N N 233 
MET CE  HE2  sing N N 234 
MET CE  HE3  sing N N 235 
MET OXT HXT  sing N N 236 
PHE N   CA   sing N N 237 
PHE N   H    sing N N 238 
PHE N   H2   sing N N 239 
PHE CA  C    sing N N 240 
PHE CA  CB   sing N N 241 
PHE CA  HA   sing N N 242 
PHE C   O    doub N N 243 
PHE C   OXT  sing N N 244 
PHE CB  CG   sing N N 245 
PHE CB  HB2  sing N N 246 
PHE CB  HB3  sing N N 247 
PHE CG  CD1  doub Y N 248 
PHE CG  CD2  sing Y N 249 
PHE CD1 CE1  sing Y N 250 
PHE CD1 HD1  sing N N 251 
PHE CD2 CE2  doub Y N 252 
PHE CD2 HD2  sing N N 253 
PHE CE1 CZ   doub Y N 254 
PHE CE1 HE1  sing N N 255 
PHE CE2 CZ   sing Y N 256 
PHE CE2 HE2  sing N N 257 
PHE CZ  HZ   sing N N 258 
PHE OXT HXT  sing N N 259 
PRO N   CA   sing N N 260 
PRO N   CD   sing N N 261 
PRO N   H    sing N N 262 
PRO CA  C    sing N N 263 
PRO CA  CB   sing N N 264 
PRO CA  HA   sing N N 265 
PRO C   O    doub N N 266 
PRO C   OXT  sing N N 267 
PRO CB  CG   sing N N 268 
PRO CB  HB2  sing N N 269 
PRO CB  HB3  sing N N 270 
PRO CG  CD   sing N N 271 
PRO CG  HG2  sing N N 272 
PRO CG  HG3  sing N N 273 
PRO CD  HD2  sing N N 274 
PRO CD  HD3  sing N N 275 
PRO OXT HXT  sing N N 276 
SER N   CA   sing N N 277 
SER N   H    sing N N 278 
SER N   H2   sing N N 279 
SER CA  C    sing N N 280 
SER CA  CB   sing N N 281 
SER CA  HA   sing N N 282 
SER C   O    doub N N 283 
SER C   OXT  sing N N 284 
SER CB  OG   sing N N 285 
SER CB  HB2  sing N N 286 
SER CB  HB3  sing N N 287 
SER OG  HG   sing N N 288 
SER OXT HXT  sing N N 289 
THR N   CA   sing N N 290 
THR N   H    sing N N 291 
THR N   H2   sing N N 292 
THR CA  C    sing N N 293 
THR CA  CB   sing N N 294 
THR CA  HA   sing N N 295 
THR C   O    doub N N 296 
THR C   OXT  sing N N 297 
THR CB  OG1  sing N N 298 
THR CB  CG2  sing N N 299 
THR CB  HB   sing N N 300 
THR OG1 HG1  sing N N 301 
THR CG2 HG21 sing N N 302 
THR CG2 HG22 sing N N 303 
THR CG2 HG23 sing N N 304 
THR OXT HXT  sing N N 305 
TRP N   CA   sing N N 306 
TRP N   H    sing N N 307 
TRP N   H2   sing N N 308 
TRP CA  C    sing N N 309 
TRP CA  CB   sing N N 310 
TRP CA  HA   sing N N 311 
TRP C   O    doub N N 312 
TRP C   OXT  sing N N 313 
TRP CB  CG   sing N N 314 
TRP CB  HB2  sing N N 315 
TRP CB  HB3  sing N N 316 
TRP CG  CD1  doub Y N 317 
TRP CG  CD2  sing Y N 318 
TRP CD1 NE1  sing Y N 319 
TRP CD1 HD1  sing N N 320 
TRP CD2 CE2  doub Y N 321 
TRP CD2 CE3  sing Y N 322 
TRP NE1 CE2  sing Y N 323 
TRP NE1 HE1  sing N N 324 
TRP CE2 CZ2  sing Y N 325 
TRP CE3 CZ3  doub Y N 326 
TRP CE3 HE3  sing N N 327 
TRP CZ2 CH2  doub Y N 328 
TRP CZ2 HZ2  sing N N 329 
TRP CZ3 CH2  sing Y N 330 
TRP CZ3 HZ3  sing N N 331 
TRP CH2 HH2  sing N N 332 
TRP OXT HXT  sing N N 333 
TYR N   CA   sing N N 334 
TYR N   H    sing N N 335 
TYR N   H2   sing N N 336 
TYR CA  C    sing N N 337 
TYR CA  CB   sing N N 338 
TYR CA  HA   sing N N 339 
TYR C   O    doub N N 340 
TYR C   OXT  sing N N 341 
TYR CB  CG   sing N N 342 
TYR CB  HB2  sing N N 343 
TYR CB  HB3  sing N N 344 
TYR CG  CD1  doub Y N 345 
TYR CG  CD2  sing Y N 346 
TYR CD1 CE1  sing Y N 347 
TYR CD1 HD1  sing N N 348 
TYR CD2 CE2  doub Y N 349 
TYR CD2 HD2  sing N N 350 
TYR CE1 CZ   doub Y N 351 
TYR CE1 HE1  sing N N 352 
TYR CE2 CZ   sing Y N 353 
TYR CE2 HE2  sing N N 354 
TYR CZ  OH   sing N N 355 
TYR OH  HH   sing N N 356 
TYR OXT HXT  sing N N 357 
VAL N   CA   sing N N 358 
VAL N   H    sing N N 359 
VAL N   H2   sing N N 360 
VAL CA  C    sing N N 361 
VAL CA  CB   sing N N 362 
VAL CA  HA   sing N N 363 
VAL C   O    doub N N 364 
VAL C   OXT  sing N N 365 
VAL CB  CG1  sing N N 366 
VAL CB  CG2  sing N N 367 
VAL CB  HB   sing N N 368 
VAL CG1 HG11 sing N N 369 
VAL CG1 HG12 sing N N 370 
VAL CG1 HG13 sing N N 371 
VAL CG2 HG21 sing N N 372 
VAL CG2 HG22 sing N N 373 
VAL CG2 HG23 sing N N 374 
VAL OXT HXT  sing N N 375 
# 
_pdbx_entity_nonpoly.entity_id   2 
_pdbx_entity_nonpoly.name        water 
_pdbx_entity_nonpoly.comp_id     HOH 
# 
_pdbx_initial_refinement_model.id               1 
_pdbx_initial_refinement_model.entity_id_list   ? 
_pdbx_initial_refinement_model.type             'experimental model' 
_pdbx_initial_refinement_model.source_name      PDB 
_pdbx_initial_refinement_model.accession_code   2OIV 
_pdbx_initial_refinement_model.details          ? 
# 
